data_1WPK
#
_entry.id   1WPK
#
loop_
_entity.id
_entity.type
_entity.pdbx_description
1 polymer 'ADA regulatory protein'
2 non-polymer 'ZINC ION'
#
_entity_poly.entity_id   1
_entity_poly.type   'polypeptide(L)'
_entity_poly.pdbx_seq_one_letter_code
;MKKATCLTDDQRWQSVLARDPNADGEFVFAVRTTGIF(SMC)RPSCRARHALRENVSFYANASEALAAGFRPCKRCQPEK
ANAQQHRLDKITHACRLLEQETPVTLEALADQVAMSPFHLHRLFKATTGMTPKAWQQAWRARRLRESLAK
;
_entity_poly.pdbx_strand_id   A
#
# COMPACT_ATOMS: atom_id res chain seq x y z
N MET A 1 6.10 13.03 12.40
CA MET A 1 6.43 12.01 13.43
C MET A 1 5.16 11.45 14.09
N LYS A 2 5.02 10.13 14.06
CA LYS A 2 3.86 9.48 14.65
C LYS A 2 2.57 9.94 13.99
N LYS A 3 2.06 9.15 13.06
CA LYS A 3 0.83 9.48 12.35
C LYS A 3 -0.36 9.47 13.30
N ALA A 4 -0.76 10.66 13.75
CA ALA A 4 -1.90 10.79 14.66
C ALA A 4 -3.11 11.35 13.94
N THR A 5 -4.26 11.32 14.61
CA THR A 5 -5.50 11.84 14.03
C THR A 5 -5.46 13.35 13.93
N CYS A 6 -6.54 13.93 13.43
CA CYS A 6 -6.63 15.38 13.26
C CYS A 6 -6.73 16.07 14.62
N LEU A 7 -6.96 17.38 14.59
CA LEU A 7 -7.06 18.17 15.82
C LEU A 7 -8.48 18.16 16.38
N THR A 8 -9.43 17.63 15.61
CA THR A 8 -10.81 17.57 16.04
C THR A 8 -11.59 16.49 15.29
N ASP A 9 -12.82 16.24 15.73
CA ASP A 9 -13.67 15.23 15.09
C ASP A 9 -14.12 15.69 13.71
N ASP A 10 -14.36 16.98 13.56
CA ASP A 10 -14.80 17.54 12.28
C ASP A 10 -13.66 17.53 11.27
N GLN A 11 -12.46 17.89 11.73
CA GLN A 11 -11.30 17.93 10.87
C GLN A 11 -10.95 16.54 10.34
N ARG A 12 -11.11 15.53 11.19
CA ARG A 12 -10.82 14.15 10.79
C ARG A 12 -11.89 13.61 9.87
N TRP A 13 -13.15 13.83 10.23
CA TRP A 13 -14.28 13.36 9.43
C TRP A 13 -14.15 13.85 7.98
N GLN A 14 -13.44 14.95 7.79
CA GLN A 14 -13.24 15.51 6.45
C GLN A 14 -12.51 14.52 5.56
N SER A 15 -11.35 14.05 6.01
CA SER A 15 -10.57 13.09 5.23
C SER A 15 -11.39 11.82 4.98
N VAL A 16 -12.25 11.48 5.92
CA VAL A 16 -13.11 10.30 5.79
C VAL A 16 -14.14 10.51 4.69
N LEU A 17 -14.79 11.66 4.71
CA LEU A 17 -15.80 11.99 3.71
C LEU A 17 -15.14 12.28 2.37
N ALA A 18 -13.96 12.87 2.42
CA ALA A 18 -13.21 13.18 1.21
C ALA A 18 -12.78 11.92 0.48
N ARG A 19 -12.53 10.86 1.24
CA ARG A 19 -12.11 9.59 0.68
C ARG A 19 -10.78 9.70 -0.03
N ASP A 20 -9.87 10.48 0.56
CA ASP A 20 -8.54 10.67 -0.03
C ASP A 20 -7.73 9.38 0.07
N PRO A 21 -7.45 8.74 -1.08
CA PRO A 21 -6.68 7.49 -1.11
C PRO A 21 -5.24 7.68 -0.63
N ASN A 22 -4.81 8.93 -0.53
CA ASN A 22 -3.46 9.25 -0.08
C ASN A 22 -3.46 9.68 1.37
N ALA A 23 -4.35 9.10 2.16
CA ALA A 23 -4.45 9.44 3.59
C ALA A 23 -3.63 8.48 4.44
N ASP A 24 -2.59 7.90 3.85
CA ASP A 24 -1.73 6.97 4.57
C ASP A 24 -1.18 7.62 5.84
N GLY A 25 -1.90 7.43 6.94
CA GLY A 25 -1.50 8.02 8.20
C GLY A 25 -2.58 8.92 8.79
N GLU A 26 -3.71 9.02 8.10
CA GLU A 26 -4.81 9.85 8.55
C GLU A 26 -5.39 9.30 9.85
N PHE A 27 -6.28 8.31 9.75
CA PHE A 27 -6.88 7.72 10.94
C PHE A 27 -7.75 6.52 10.57
N VAL A 28 -7.68 5.49 11.38
CA VAL A 28 -8.46 4.29 11.15
C VAL A 28 -9.81 4.40 11.84
N PHE A 29 -10.87 4.06 11.11
CA PHE A 29 -12.22 4.15 11.66
C PHE A 29 -12.64 2.83 12.29
N ALA A 30 -12.84 2.86 13.61
CA ALA A 30 -13.25 1.67 14.35
C ALA A 30 -14.77 1.54 14.35
N VAL A 31 -15.25 0.36 13.95
CA VAL A 31 -16.67 0.09 13.90
C VAL A 31 -17.10 -0.75 15.09
N ARG A 32 -17.92 -0.17 15.96
CA ARG A 32 -18.40 -0.88 17.14
C ARG A 32 -19.44 -1.92 16.77
N THR A 33 -20.16 -1.67 15.68
CA THR A 33 -21.19 -2.59 15.22
C THR A 33 -20.57 -3.90 14.71
N THR A 34 -19.72 -3.80 13.70
CA THR A 34 -19.06 -4.97 13.15
C THR A 34 -17.80 -5.32 13.92
N GLY A 35 -17.23 -4.33 14.61
CA GLY A 35 -16.02 -4.56 15.38
C GLY A 35 -14.78 -4.57 14.50
N ILE A 36 -14.75 -3.70 13.51
CA ILE A 36 -13.61 -3.62 12.61
C ILE A 36 -13.05 -2.20 12.52
N PHE A 37 -11.76 -2.10 12.20
CA PHE A 37 -11.11 -0.80 12.07
C PHE A 37 -10.50 -0.67 10.67
N ARG A 39 -8.37 1.05 7.53
CA ARG A 39 -7.10 1.74 7.35
C ARG A 39 -7.29 3.26 7.46
N PRO A 40 -6.20 4.04 7.48
CA PRO A 40 -6.29 5.51 7.60
C PRO A 40 -7.35 6.12 6.69
N SER A 41 -7.29 5.77 5.40
CA SER A 41 -8.23 6.29 4.40
C SER A 41 -9.59 5.56 4.45
N CYS A 42 -9.90 4.80 3.39
CA CYS A 42 -11.16 4.06 3.29
C CYS A 42 -12.33 4.99 3.02
N ARG A 43 -13.34 4.47 2.33
CA ARG A 43 -14.53 5.25 2.00
C ARG A 43 -15.78 4.37 2.01
N ALA A 44 -15.73 3.28 2.77
CA ALA A 44 -16.86 2.36 2.85
C ALA A 44 -17.88 2.85 3.87
N ARG A 45 -19.13 3.02 3.41
CA ARG A 45 -20.20 3.50 4.28
C ARG A 45 -20.38 2.55 5.48
N HIS A 46 -19.82 2.93 6.61
CA HIS A 46 -19.92 2.11 7.82
C HIS A 46 -19.86 2.99 9.07
N ALA A 47 -20.73 2.70 10.03
CA ALA A 47 -20.78 3.45 11.28
C ALA A 47 -21.14 4.91 11.02
N LEU A 48 -22.24 5.35 11.62
CA LEU A 48 -22.69 6.73 11.47
C LEU A 48 -21.85 7.68 12.33
N ARG A 49 -22.26 8.94 12.40
CA ARG A 49 -21.54 9.93 13.19
C ARG A 49 -21.86 9.76 14.68
N GLU A 50 -21.59 8.57 15.20
CA GLU A 50 -21.84 8.27 16.61
C GLU A 50 -21.39 6.85 16.94
N ASN A 51 -21.62 5.92 16.01
CA ASN A 51 -21.25 4.54 16.21
C ASN A 51 -19.91 4.23 15.54
N VAL A 52 -19.05 5.24 15.46
CA VAL A 52 -17.74 5.08 14.84
C VAL A 52 -16.63 5.59 15.75
N SER A 53 -15.52 4.87 15.78
CA SER A 53 -14.38 5.26 16.61
C SER A 53 -13.24 5.78 15.74
N PHE A 54 -12.36 6.57 16.35
CA PHE A 54 -11.23 7.14 15.61
C PHE A 54 -9.91 6.70 16.22
N TYR A 55 -9.07 6.10 15.39
CA TYR A 55 -7.75 5.64 15.83
C TYR A 55 -6.66 6.20 14.94
N ALA A 56 -5.55 6.62 15.56
CA ALA A 56 -4.43 7.20 14.82
C ALA A 56 -3.77 6.17 13.89
N ASN A 57 -3.58 4.96 14.39
CA ASN A 57 -2.96 3.91 13.60
C ASN A 57 -3.74 2.60 13.74
N ALA A 58 -3.63 1.76 12.73
CA ALA A 58 -4.33 0.49 12.73
C ALA A 58 -3.90 -0.38 13.91
N SER A 59 -2.65 -0.21 14.33
CA SER A 59 -2.11 -0.96 15.47
C SER A 59 -2.80 -0.56 16.76
N GLU A 60 -3.22 0.70 16.84
CA GLU A 60 -3.90 1.21 18.03
C GLU A 60 -5.30 0.60 18.17
N ALA A 61 -6.09 0.69 17.10
CA ALA A 61 -7.44 0.16 17.10
C ALA A 61 -7.44 -1.36 17.25
N LEU A 62 -6.51 -2.03 16.55
CA LEU A 62 -6.42 -3.48 16.60
C LEU A 62 -6.19 -3.96 18.03
N ALA A 63 -5.26 -3.32 18.73
CA ALA A 63 -4.95 -3.68 20.11
C ALA A 63 -6.17 -3.56 21.00
N ALA A 64 -7.01 -2.56 20.73
CA ALA A 64 -8.21 -2.34 21.52
C ALA A 64 -9.18 -3.52 21.38
N GLY A 65 -9.03 -4.28 20.30
CA GLY A 65 -9.89 -5.42 20.07
C GLY A 65 -10.80 -5.23 18.88
N PHE A 66 -10.20 -4.96 17.72
CA PHE A 66 -10.98 -4.76 16.50
C PHE A 66 -10.32 -5.47 15.32
N ARG A 67 -11.11 -5.78 14.30
CA ARG A 67 -10.60 -6.45 13.11
C ARG A 67 -10.30 -5.43 12.00
N PRO A 68 -9.14 -5.57 11.33
CA PRO A 68 -8.74 -4.63 10.27
C PRO A 68 -9.51 -4.81 8.97
N CYS A 69 -9.79 -3.69 8.31
CA CYS A 69 -10.49 -3.67 7.04
C CYS A 69 -9.57 -3.15 5.94
N LYS A 70 -9.24 -4.03 4.99
CA LYS A 70 -8.36 -3.67 3.90
C LYS A 70 -9.16 -3.11 2.71
N ARG A 71 -8.49 -2.95 1.57
CA ARG A 71 -9.13 -2.43 0.37
C ARG A 71 -9.29 -0.92 0.44
N CYS A 72 -8.74 -0.30 1.49
CA CYS A 72 -8.82 1.15 1.65
C CYS A 72 -7.43 1.77 1.62
N GLN A 73 -6.54 1.16 0.85
CA GLN A 73 -5.17 1.65 0.72
C GLN A 73 -4.49 1.78 2.08
N PRO A 74 -3.92 0.67 2.58
CA PRO A 74 -3.24 0.66 3.88
C PRO A 74 -1.84 1.26 3.80
N GLU A 75 -1.08 0.83 2.79
CA GLU A 75 0.28 1.31 2.58
C GLU A 75 0.90 0.66 1.34
N LYS A 76 1.33 1.49 0.40
CA LYS A 76 1.95 0.99 -0.82
C LYS A 76 0.97 0.13 -1.61
N ALA A 77 0.32 0.74 -2.60
CA ALA A 77 -0.65 0.02 -3.43
C ALA A 77 -0.79 0.68 -4.79
N ASN A 78 -1.48 1.81 -4.83
CA ASN A 78 -1.69 2.54 -6.08
C ASN A 78 -0.48 3.39 -6.42
N ALA A 79 0.03 3.24 -7.64
CA ALA A 79 1.19 3.99 -8.09
C ALA A 79 0.81 5.43 -8.44
N GLN A 80 -0.37 5.59 -9.05
CA GLN A 80 -0.85 6.91 -9.44
C GLN A 80 -2.37 6.92 -9.55
N GLN A 81 -2.89 6.11 -10.46
CA GLN A 81 -4.33 6.02 -10.68
C GLN A 81 -4.90 7.38 -11.09
N HIS A 82 -4.87 7.65 -12.39
CA HIS A 82 -5.38 8.91 -12.92
C HIS A 82 -5.30 8.95 -14.44
N ARG A 83 -6.43 9.18 -15.09
CA ARG A 83 -6.48 9.24 -16.55
C ARG A 83 -5.87 10.54 -17.06
N LEU A 84 -6.20 11.64 -16.41
CA LEU A 84 -5.69 12.95 -16.81
C LEU A 84 -4.19 13.07 -16.52
N ASP A 85 -3.78 12.55 -15.38
CA ASP A 85 -2.37 12.61 -14.98
C ASP A 85 -1.52 11.72 -15.89
N LYS A 86 -2.11 10.63 -16.36
CA LYS A 86 -1.40 9.70 -17.23
C LYS A 86 -1.12 10.33 -18.59
N ILE A 87 -2.18 10.77 -19.26
CA ILE A 87 -2.04 11.40 -20.58
C ILE A 87 -1.12 12.61 -20.51
N THR A 88 -1.17 13.32 -19.38
CA THR A 88 -0.34 14.50 -19.19
C THR A 88 1.14 14.10 -19.23
N HIS A 89 1.44 12.96 -18.63
CA HIS A 89 2.81 12.46 -18.60
C HIS A 89 3.24 12.02 -19.99
N ALA A 90 2.30 11.45 -20.74
CA ALA A 90 2.57 10.98 -22.09
C ALA A 90 2.86 12.14 -23.03
N CYS A 91 2.06 13.20 -22.91
CA CYS A 91 2.23 14.38 -23.75
C CYS A 91 3.64 14.93 -23.62
N ARG A 92 4.16 14.95 -22.40
CA ARG A 92 5.50 15.45 -22.14
C ARG A 92 6.55 14.43 -22.59
N LEU A 93 6.27 13.16 -22.34
CA LEU A 93 7.18 12.08 -22.72
C LEU A 93 7.33 12.03 -24.24
N LEU A 94 6.27 12.39 -24.95
CA LEU A 94 6.28 12.38 -26.41
C LEU A 94 6.62 13.77 -26.96
N GLU A 95 7.63 14.39 -26.37
CA GLU A 95 8.05 15.72 -26.80
C GLU A 95 9.20 15.62 -27.81
N GLN A 96 9.18 14.59 -28.63
CA GLN A 96 10.21 14.38 -29.64
C GLN A 96 9.75 14.87 -31.00
N GLU A 97 10.61 14.72 -32.00
CA GLU A 97 10.29 15.15 -33.36
C GLU A 97 10.16 13.97 -34.30
N THR A 98 10.98 12.94 -34.06
CA THR A 98 10.96 11.75 -34.89
C THR A 98 9.78 10.84 -34.52
N PRO A 99 9.18 10.16 -35.51
CA PRO A 99 8.04 9.27 -35.27
C PRO A 99 8.34 8.23 -34.20
N VAL A 100 7.51 8.21 -33.16
CA VAL A 100 7.68 7.27 -32.06
C VAL A 100 6.68 6.12 -32.16
N THR A 101 7.05 4.97 -31.62
CA THR A 101 6.19 3.79 -31.66
C THR A 101 4.94 4.02 -30.80
N LEU A 102 3.79 3.62 -31.34
CA LEU A 102 2.53 3.78 -30.63
C LEU A 102 2.42 2.80 -29.47
N GLU A 103 2.63 1.52 -29.76
CA GLU A 103 2.57 0.48 -28.73
C GLU A 103 3.58 0.74 -27.62
N ALA A 104 4.68 1.40 -27.95
CA ALA A 104 5.71 1.70 -26.96
C ALA A 104 5.10 2.46 -25.80
N LEU A 105 4.34 3.51 -26.11
CA LEU A 105 3.67 4.29 -25.09
C LEU A 105 2.69 3.40 -24.34
N ALA A 106 2.14 2.41 -25.06
CA ALA A 106 1.22 1.46 -24.49
C ALA A 106 1.93 0.52 -23.52
N ASP A 107 3.23 0.33 -23.76
CA ASP A 107 4.04 -0.55 -22.93
C ASP A 107 4.23 0.04 -21.53
N GLN A 108 4.50 1.35 -21.47
CA GLN A 108 4.70 2.02 -20.19
C GLN A 108 3.40 2.09 -19.39
N VAL A 109 2.29 2.31 -20.09
CA VAL A 109 0.99 2.39 -19.43
C VAL A 109 0.38 1.00 -19.22
N ALA A 110 0.87 0.02 -19.97
CA ALA A 110 0.38 -1.35 -19.85
C ALA A 110 -1.06 -1.45 -20.33
N MET A 111 -1.37 -0.76 -21.42
CA MET A 111 -2.72 -0.78 -21.99
C MET A 111 -2.66 -0.89 -23.50
N SER A 112 -3.83 -0.92 -24.13
CA SER A 112 -3.93 -1.03 -25.57
C SER A 112 -3.99 0.36 -26.22
N PRO A 113 -3.78 0.45 -27.53
CA PRO A 113 -3.83 1.72 -28.25
C PRO A 113 -5.21 2.37 -28.21
N PHE A 114 -6.21 1.60 -27.82
CA PHE A 114 -7.58 2.10 -27.74
C PHE A 114 -7.75 3.00 -26.52
N HIS A 115 -7.09 2.65 -25.43
CA HIS A 115 -7.17 3.42 -24.19
C HIS A 115 -6.40 4.73 -24.33
N LEU A 116 -5.14 4.64 -24.77
CA LEU A 116 -4.30 5.83 -24.94
C LEU A 116 -4.91 6.79 -25.96
N HIS A 117 -5.31 6.25 -27.10
CA HIS A 117 -5.92 7.06 -28.15
C HIS A 117 -7.23 7.69 -27.67
N ARG A 118 -7.99 6.93 -26.89
CA ARG A 118 -9.26 7.40 -26.37
C ARG A 118 -9.06 8.47 -25.30
N LEU A 119 -8.15 8.20 -24.37
CA LEU A 119 -7.85 9.12 -23.29
C LEU A 119 -7.24 10.42 -23.83
N PHE A 120 -6.26 10.28 -24.72
CA PHE A 120 -5.60 11.43 -25.32
C PHE A 120 -6.59 12.30 -26.07
N LYS A 121 -7.63 11.67 -26.62
CA LYS A 121 -8.66 12.38 -27.37
C LYS A 121 -9.65 13.04 -26.43
N ALA A 122 -9.84 12.43 -25.25
CA ALA A 122 -10.79 12.96 -24.26
C ALA A 122 -10.22 14.20 -23.58
N THR A 123 -8.90 14.27 -23.47
CA THR A 123 -8.24 15.39 -22.83
C THR A 123 -7.66 16.35 -23.86
N THR A 124 -6.66 15.87 -24.60
CA THR A 124 -6.02 16.68 -25.63
C THR A 124 -7.01 17.08 -26.72
N GLY A 125 -7.74 16.08 -27.24
CA GLY A 125 -8.72 16.35 -28.28
C GLY A 125 -8.16 16.10 -29.67
N MET A 126 -6.85 16.25 -29.82
CA MET A 126 -6.20 16.04 -31.11
C MET A 126 -5.10 15.00 -31.00
N THR A 127 -4.93 14.20 -32.06
CA THR A 127 -3.91 13.17 -32.09
C THR A 127 -2.51 13.78 -32.12
N PRO A 128 -1.49 12.97 -31.80
CA PRO A 128 -0.10 13.44 -31.79
C PRO A 128 0.36 13.90 -33.18
N LYS A 129 -0.26 13.35 -34.22
CA LYS A 129 0.08 13.70 -35.59
C LYS A 129 -0.42 15.10 -35.92
N ALA A 130 -1.53 15.49 -35.31
CA ALA A 130 -2.12 16.81 -35.54
C ALA A 130 -1.25 17.91 -34.93
N TRP A 131 -0.61 17.60 -33.80
CA TRP A 131 0.23 18.56 -33.12
C TRP A 131 1.39 18.99 -34.02
N GLN A 132 2.07 18.01 -34.61
CA GLN A 132 3.20 18.29 -35.49
C GLN A 132 2.75 19.05 -36.72
N GLN A 133 1.62 18.63 -37.30
CA GLN A 133 1.08 19.28 -38.49
C GLN A 133 0.53 20.66 -38.15
N ALA A 134 0.11 20.84 -36.90
CA ALA A 134 -0.44 22.12 -36.45
C ALA A 134 0.60 23.23 -36.58
N TRP A 135 1.82 22.95 -36.12
CA TRP A 135 2.91 23.92 -36.17
C TRP A 135 3.24 24.27 -37.61
N ARG A 136 3.34 23.26 -38.46
CA ARG A 136 3.66 23.46 -39.87
C ARG A 136 2.55 24.25 -40.57
N ALA A 137 1.31 23.94 -40.22
CA ALA A 137 0.16 24.60 -40.82
C ALA A 137 0.05 26.05 -40.33
N ARG A 138 0.47 26.29 -39.08
CA ARG A 138 0.42 27.62 -38.50
C ARG A 138 1.50 28.51 -39.10
N ARG A 139 2.65 27.91 -39.41
CA ARG A 139 3.76 28.65 -39.99
C ARG A 139 3.46 29.04 -41.44
N LEU A 140 2.69 28.20 -42.11
CA LEU A 140 2.33 28.45 -43.51
C LEU A 140 1.16 29.42 -43.59
N ARG A 141 0.15 29.22 -42.75
CA ARG A 141 -1.02 30.08 -42.74
C ARG A 141 -0.67 31.48 -42.21
N GLU A 142 0.31 31.54 -41.32
CA GLU A 142 0.74 32.81 -40.74
C GLU A 142 1.27 33.75 -41.82
N SER A 143 1.64 33.19 -42.97
CA SER A 143 2.17 33.99 -44.07
C SER A 143 1.08 34.32 -45.08
N LEU A 144 -0.15 34.44 -44.60
CA LEU A 144 -1.28 34.76 -45.46
C LEU A 144 -1.45 33.71 -46.55
N ALA A 145 -1.08 32.46 -46.23
CA ALA A 145 -1.19 31.37 -47.17
C ALA A 145 -2.58 30.73 -47.11
N LYS A 146 -3.06 30.28 -48.27
CA LYS A 146 -4.38 29.65 -48.35
C LYS A 146 -5.48 30.62 -47.91
N MET A 1 0.17 10.93 19.21
CA MET A 1 1.62 10.57 19.16
C MET A 1 2.15 10.65 17.74
N LYS A 2 3.11 11.55 17.52
CA LYS A 2 3.71 11.73 16.20
C LYS A 2 2.69 12.25 15.20
N LYS A 3 1.83 11.36 14.71
CA LYS A 3 0.81 11.73 13.75
C LYS A 3 -0.40 12.38 14.44
N ALA A 4 -1.01 13.34 13.78
CA ALA A 4 -2.17 14.04 14.33
C ALA A 4 -3.47 13.47 13.78
N THR A 5 -4.57 13.74 14.47
CA THR A 5 -5.88 13.25 14.05
C THR A 5 -6.67 14.36 13.35
N CYS A 6 -6.05 14.96 12.33
CA CYS A 6 -6.69 16.04 11.58
C CYS A 6 -6.75 17.34 12.38
N LEU A 7 -6.14 17.34 13.57
CA LEU A 7 -6.12 18.53 14.43
C LEU A 7 -7.45 18.73 15.16
N THR A 8 -8.51 18.10 14.66
CA THR A 8 -9.83 18.23 15.26
C THR A 8 -10.73 17.07 14.89
N ASP A 9 -11.85 16.95 15.57
CA ASP A 9 -12.80 15.87 15.31
C ASP A 9 -13.54 16.09 13.98
N ASP A 10 -13.95 17.32 13.74
CA ASP A 10 -14.67 17.66 12.52
C ASP A 10 -13.78 17.50 11.28
N GLN A 11 -12.55 17.97 11.38
CA GLN A 11 -11.61 17.86 10.27
C GLN A 11 -11.38 16.41 9.90
N ARG A 12 -11.47 15.52 10.88
CA ARG A 12 -11.28 14.10 10.65
C ARG A 12 -12.34 13.57 9.68
N TRP A 13 -13.61 13.78 10.03
CA TRP A 13 -14.72 13.33 9.19
C TRP A 13 -14.53 13.81 7.76
N GLN A 14 -13.85 14.94 7.61
CA GLN A 14 -13.60 15.51 6.29
C GLN A 14 -12.83 14.53 5.40
N SER A 15 -11.69 14.05 5.90
CA SER A 15 -10.87 13.11 5.14
C SER A 15 -11.66 11.83 4.85
N VAL A 16 -12.50 11.42 5.80
CA VAL A 16 -13.31 10.23 5.63
C VAL A 16 -14.31 10.41 4.50
N LEU A 17 -15.02 11.53 4.53
CA LEU A 17 -16.01 11.83 3.49
C LEU A 17 -15.30 12.13 2.17
N ALA A 18 -14.12 12.73 2.27
CA ALA A 18 -13.34 13.07 1.08
C ALA A 18 -12.78 11.81 0.41
N ARG A 19 -12.85 10.68 1.12
CA ARG A 19 -12.35 9.41 0.60
C ARG A 19 -10.99 9.57 -0.05
N ASP A 20 -10.21 10.52 0.45
CA ASP A 20 -8.86 10.76 -0.09
C ASP A 20 -8.01 9.50 0.01
N PRO A 21 -7.74 8.85 -1.14
CA PRO A 21 -6.93 7.62 -1.16
C PRO A 21 -5.48 7.87 -0.71
N ASN A 22 -5.10 9.15 -0.66
CA ASN A 22 -3.75 9.52 -0.25
C ASN A 22 -3.72 9.89 1.23
N ALA A 23 -4.58 9.25 2.02
CA ALA A 23 -4.66 9.52 3.45
C ALA A 23 -3.83 8.52 4.24
N ASP A 24 -2.80 7.95 3.59
CA ASP A 24 -1.94 6.98 4.25
C ASP A 24 -1.31 7.58 5.50
N GLY A 25 -1.98 7.40 6.63
CA GLY A 25 -1.50 7.95 7.89
C GLY A 25 -2.52 8.88 8.52
N GLU A 26 -3.67 9.05 7.89
CA GLU A 26 -4.72 9.92 8.41
C GLU A 26 -5.28 9.35 9.71
N PHE A 27 -6.23 8.43 9.60
CA PHE A 27 -6.83 7.83 10.79
C PHE A 27 -7.76 6.69 10.41
N VAL A 28 -7.72 5.63 11.21
CA VAL A 28 -8.55 4.46 10.96
C VAL A 28 -9.88 4.58 11.70
N PHE A 29 -10.96 4.26 11.00
CA PHE A 29 -12.29 4.33 11.59
C PHE A 29 -12.66 3.00 12.24
N ALA A 30 -12.84 3.01 13.55
CA ALA A 30 -13.20 1.80 14.29
C ALA A 30 -14.70 1.60 14.34
N VAL A 31 -15.14 0.41 13.94
CA VAL A 31 -16.56 0.07 13.92
C VAL A 31 -16.91 -0.78 15.14
N ARG A 32 -17.82 -0.27 15.97
CA ARG A 32 -18.23 -0.96 17.17
C ARG A 32 -19.32 -1.99 16.87
N THR A 33 -20.10 -1.74 15.83
CA THR A 33 -21.18 -2.65 15.45
C THR A 33 -20.63 -3.94 14.84
N THR A 34 -19.51 -3.82 14.13
CA THR A 34 -18.88 -4.97 13.51
C THR A 34 -17.58 -5.33 14.20
N GLY A 35 -16.94 -4.33 14.79
CA GLY A 35 -15.68 -4.55 15.48
C GLY A 35 -14.49 -4.54 14.54
N ILE A 36 -14.56 -3.67 13.52
CA ILE A 36 -13.48 -3.56 12.56
C ILE A 36 -13.02 -2.12 12.37
N PHE A 37 -11.72 -1.95 12.12
CA PHE A 37 -11.16 -0.61 11.92
C PHE A 37 -10.62 -0.48 10.50
N ARG A 39 -8.58 1.23 7.33
CA ARG A 39 -7.28 1.90 7.14
C ARG A 39 -7.45 3.42 7.26
N PRO A 40 -6.34 4.18 7.31
CA PRO A 40 -6.38 5.64 7.44
C PRO A 40 -7.41 6.29 6.53
N SER A 41 -7.38 5.92 5.25
CA SER A 41 -8.30 6.48 4.25
C SER A 41 -9.69 5.81 4.33
N CYS A 42 -10.06 5.06 3.28
CA CYS A 42 -11.35 4.38 3.23
C CYS A 42 -12.51 5.38 3.18
N ARG A 43 -13.66 4.91 2.73
CA ARG A 43 -14.85 5.74 2.64
C ARG A 43 -16.11 4.88 2.57
N ALA A 44 -16.05 3.70 3.17
CA ALA A 44 -17.18 2.78 3.16
C ALA A 44 -18.19 3.15 4.24
N ARG A 45 -19.47 2.99 3.93
CA ARG A 45 -20.54 3.30 4.87
C ARG A 45 -20.49 2.36 6.07
N HIS A 46 -19.90 2.83 7.16
CA HIS A 46 -19.79 2.02 8.37
C HIS A 46 -19.75 2.91 9.61
N ALA A 47 -20.56 2.58 10.61
CA ALA A 47 -20.61 3.35 11.84
C ALA A 47 -21.01 4.80 11.57
N LEU A 48 -22.21 5.16 12.00
CA LEU A 48 -22.71 6.51 11.82
C LEU A 48 -21.93 7.50 12.68
N ARG A 49 -22.38 8.75 12.73
CA ARG A 49 -21.72 9.79 13.52
C ARG A 49 -22.04 9.61 15.00
N GLU A 50 -21.73 8.44 15.53
CA GLU A 50 -21.98 8.15 16.94
C GLU A 50 -21.44 6.77 17.30
N ASN A 51 -21.63 5.81 16.40
CA ASN A 51 -21.15 4.44 16.61
C ASN A 51 -19.83 4.20 15.90
N VAL A 52 -19.08 5.29 15.67
CA VAL A 52 -17.80 5.19 14.98
C VAL A 52 -16.66 5.67 15.88
N SER A 53 -15.55 4.95 15.86
CA SER A 53 -14.39 5.30 16.66
C SER A 53 -13.27 5.85 15.79
N PHE A 54 -12.26 6.43 16.41
CA PHE A 54 -11.14 7.00 15.67
C PHE A 54 -9.81 6.50 16.23
N TYR A 55 -8.91 6.11 15.33
CA TYR A 55 -7.59 5.62 15.71
C TYR A 55 -6.52 6.14 14.75
N ALA A 56 -5.38 6.52 15.31
CA ALA A 56 -4.28 7.05 14.51
C ALA A 56 -3.69 5.99 13.60
N ASN A 57 -3.50 4.78 14.13
CA ASN A 57 -2.94 3.70 13.36
C ASN A 57 -3.72 2.39 13.58
N ALA A 58 -3.30 1.34 12.89
CA ALA A 58 -3.96 0.04 13.03
C ALA A 58 -3.57 -0.64 14.33
N SER A 59 -2.32 -0.46 14.74
CA SER A 59 -1.84 -1.07 15.98
C SER A 59 -2.65 -0.59 17.18
N GLU A 60 -3.15 0.64 17.09
CA GLU A 60 -3.94 1.22 18.17
C GLU A 60 -5.35 0.63 18.21
N ALA A 61 -6.02 0.65 17.07
CA ALA A 61 -7.38 0.11 16.96
C ALA A 61 -7.36 -1.42 17.02
N LEU A 62 -6.45 -2.02 16.28
CA LEU A 62 -6.34 -3.47 16.24
C LEU A 62 -6.10 -4.04 17.64
N ALA A 63 -5.18 -3.42 18.38
CA ALA A 63 -4.85 -3.85 19.73
C ALA A 63 -6.08 -3.81 20.63
N ALA A 64 -6.90 -2.78 20.45
CA ALA A 64 -8.12 -2.64 21.24
C ALA A 64 -9.07 -3.81 21.02
N GLY A 65 -8.90 -4.49 19.88
CA GLY A 65 -9.75 -5.62 19.57
C GLY A 65 -10.68 -5.35 18.40
N PHE A 66 -10.10 -4.97 17.28
CA PHE A 66 -10.88 -4.67 16.07
C PHE A 66 -10.20 -5.24 14.83
N ARG A 67 -11.00 -5.83 13.95
CA ARG A 67 -10.48 -6.42 12.71
C ARG A 67 -10.24 -5.32 11.67
N PRO A 68 -9.10 -5.38 10.96
CA PRO A 68 -8.77 -4.38 9.94
C PRO A 68 -9.53 -4.57 8.64
N CYS A 69 -9.89 -3.44 8.01
CA CYS A 69 -10.60 -3.46 6.75
C CYS A 69 -9.70 -2.92 5.63
N LYS A 70 -9.35 -3.79 4.70
CA LYS A 70 -8.48 -3.40 3.58
C LYS A 70 -9.30 -2.74 2.46
N ARG A 71 -8.70 -2.65 1.28
CA ARG A 71 -9.37 -2.03 0.13
C ARG A 71 -9.46 -0.52 0.29
N CYS A 72 -8.75 0.02 1.28
CA CYS A 72 -8.76 1.46 1.51
C CYS A 72 -7.34 1.98 1.78
N GLN A 73 -6.38 1.44 1.03
CA GLN A 73 -4.98 1.84 1.18
C GLN A 73 -4.49 1.62 2.61
N PRO A 74 -4.03 0.39 2.91
CA PRO A 74 -3.53 0.04 4.24
C PRO A 74 -2.11 0.55 4.48
N GLU A 75 -1.52 0.14 5.60
CA GLU A 75 -0.16 0.55 5.95
C GLU A 75 0.85 -0.52 5.56
N LYS A 76 2.12 -0.20 5.70
CA LYS A 76 3.19 -1.14 5.37
C LYS A 76 4.35 -1.03 6.35
N ALA A 77 4.78 -2.16 6.89
CA ALA A 77 5.88 -2.19 7.84
C ALA A 77 6.56 -3.56 7.85
N ASN A 78 5.75 -4.61 7.95
CA ASN A 78 6.28 -5.97 7.98
C ASN A 78 7.21 -6.17 9.16
N ALA A 79 6.65 -6.64 10.28
CA ALA A 79 7.44 -6.87 11.49
C ALA A 79 7.99 -8.30 11.51
N GLN A 80 7.09 -9.28 11.55
CA GLN A 80 7.49 -10.67 11.58
C GLN A 80 6.82 -11.45 10.45
N GLN A 81 7.38 -11.35 9.25
CA GLN A 81 6.84 -12.04 8.09
C GLN A 81 7.05 -13.55 8.20
N HIS A 82 6.19 -14.32 7.55
CA HIS A 82 6.29 -15.77 7.57
C HIS A 82 6.64 -16.32 6.20
N ARG A 83 7.30 -17.47 6.17
CA ARG A 83 7.69 -18.10 4.91
C ARG A 83 6.47 -18.48 4.09
N LEU A 84 5.38 -18.82 4.78
CA LEU A 84 4.14 -19.21 4.13
C LEU A 84 3.46 -18.00 3.49
N ASP A 85 3.70 -16.83 4.06
CA ASP A 85 3.11 -15.59 3.56
C ASP A 85 3.74 -15.19 2.23
N LYS A 86 5.03 -15.46 2.09
CA LYS A 86 5.74 -15.14 0.86
C LYS A 86 5.34 -16.06 -0.28
N ILE A 87 5.42 -17.36 -0.05
CA ILE A 87 5.06 -18.35 -1.06
C ILE A 87 3.62 -18.15 -1.53
N THR A 88 2.74 -17.76 -0.61
CA THR A 88 1.34 -17.54 -0.94
C THR A 88 1.22 -16.41 -1.95
N HIS A 89 2.02 -15.36 -1.76
CA HIS A 89 2.02 -14.23 -2.66
C HIS A 89 2.60 -14.62 -4.02
N ALA A 90 3.57 -15.52 -3.99
CA ALA A 90 4.22 -15.99 -5.22
C ALA A 90 3.30 -16.91 -6.00
N CYS A 91 2.57 -17.76 -5.29
CA CYS A 91 1.65 -18.70 -5.92
C CYS A 91 0.64 -17.97 -6.82
N ARG A 92 -0.03 -16.98 -6.25
CA ARG A 92 -1.02 -16.20 -6.98
C ARG A 92 -0.36 -15.39 -8.10
N LEU A 93 0.89 -15.00 -7.87
CA LEU A 93 1.64 -14.23 -8.86
C LEU A 93 1.99 -15.08 -10.07
N LEU A 94 2.49 -16.28 -9.81
CA LEU A 94 2.88 -17.20 -10.88
C LEU A 94 1.65 -17.78 -11.56
N GLU A 95 0.62 -18.06 -10.78
CA GLU A 95 -0.62 -18.62 -11.31
C GLU A 95 -1.25 -17.68 -12.33
N GLN A 96 -1.14 -18.03 -13.61
CA GLN A 96 -1.69 -17.21 -14.68
C GLN A 96 -1.67 -17.97 -16.01
N GLU A 97 -2.45 -17.49 -16.96
CA GLU A 97 -2.52 -18.13 -18.28
C GLU A 97 -1.20 -17.99 -19.01
N THR A 98 -0.51 -16.87 -18.79
CA THR A 98 0.78 -16.62 -19.44
C THR A 98 1.89 -17.38 -18.74
N PRO A 99 2.76 -18.08 -19.50
CA PRO A 99 3.87 -18.85 -18.93
C PRO A 99 4.92 -17.95 -18.30
N VAL A 100 5.11 -18.10 -16.99
CA VAL A 100 6.09 -17.30 -16.25
C VAL A 100 7.23 -18.17 -15.74
N THR A 101 8.38 -17.55 -15.49
CA THR A 101 9.54 -18.26 -14.98
C THR A 101 9.57 -18.27 -13.46
N LEU A 102 10.28 -19.23 -12.89
CA LEU A 102 10.39 -19.34 -11.44
C LEU A 102 11.25 -18.23 -10.86
N GLU A 103 12.32 -17.90 -11.57
CA GLU A 103 13.22 -16.84 -11.12
C GLU A 103 12.50 -15.50 -10.98
N ALA A 104 11.43 -15.33 -11.77
CA ALA A 104 10.66 -14.10 -11.72
C ALA A 104 10.17 -13.85 -10.30
N LEU A 105 9.61 -14.89 -9.69
CA LEU A 105 9.14 -14.79 -8.31
C LEU A 105 10.32 -14.49 -7.40
N ALA A 106 11.49 -15.01 -7.79
CA ALA A 106 12.72 -14.81 -7.05
C ALA A 106 13.16 -13.35 -7.16
N ASP A 107 12.75 -12.69 -8.24
CA ASP A 107 13.10 -11.30 -8.49
C ASP A 107 12.38 -10.37 -7.51
N GLN A 108 11.11 -10.68 -7.24
CA GLN A 108 10.31 -9.87 -6.33
C GLN A 108 10.77 -10.06 -4.88
N VAL A 109 11.14 -11.29 -4.54
CA VAL A 109 11.59 -11.60 -3.19
C VAL A 109 13.07 -11.25 -3.01
N ALA A 110 13.78 -11.07 -4.12
CA ALA A 110 15.20 -10.73 -4.07
C ALA A 110 16.03 -11.89 -3.54
N MET A 111 15.56 -13.11 -3.79
CA MET A 111 16.27 -14.31 -3.33
C MET A 111 16.62 -15.20 -4.51
N SER A 112 17.51 -16.16 -4.27
CA SER A 112 17.93 -17.09 -5.30
C SER A 112 16.86 -18.16 -5.53
N PRO A 113 16.91 -18.85 -6.69
CA PRO A 113 15.94 -19.90 -7.02
C PRO A 113 15.95 -21.04 -6.01
N PHE A 114 16.98 -21.11 -5.18
CA PHE A 114 17.10 -22.15 -4.17
C PHE A 114 16.14 -21.92 -3.02
N HIS A 115 15.92 -20.65 -2.68
CA HIS A 115 15.02 -20.29 -1.60
C HIS A 115 13.57 -20.54 -1.98
N LEU A 116 13.18 -20.01 -3.15
CA LEU A 116 11.81 -20.17 -3.62
C LEU A 116 11.47 -21.64 -3.82
N HIS A 117 12.39 -22.38 -4.42
CA HIS A 117 12.19 -23.80 -4.67
C HIS A 117 12.04 -24.57 -3.36
N ARG A 118 12.84 -24.20 -2.36
CA ARG A 118 12.79 -24.86 -1.06
C ARG A 118 11.55 -24.43 -0.27
N LEU A 119 11.31 -23.12 -0.23
CA LEU A 119 10.17 -22.58 0.50
C LEU A 119 8.85 -23.01 -0.15
N PHE A 120 8.77 -22.85 -1.46
CA PHE A 120 7.57 -23.22 -2.21
C PHE A 120 7.27 -24.70 -2.06
N LYS A 121 8.33 -25.51 -2.00
CA LYS A 121 8.17 -26.95 -1.87
C LYS A 121 7.84 -27.35 -0.43
N ALA A 122 8.34 -26.56 0.52
CA ALA A 122 8.11 -26.82 1.93
C ALA A 122 6.66 -26.51 2.31
N THR A 123 6.04 -25.58 1.58
CA THR A 123 4.66 -25.20 1.85
C THR A 123 3.69 -26.08 1.05
N THR A 124 3.97 -26.26 -0.24
CA THR A 124 3.13 -27.06 -1.10
C THR A 124 3.53 -28.53 -1.06
N GLY A 125 4.77 -28.81 -1.46
CA GLY A 125 5.27 -30.17 -1.45
C GLY A 125 5.62 -30.66 -2.83
N MET A 126 4.97 -30.10 -3.85
CA MET A 126 5.22 -30.49 -5.23
C MET A 126 6.22 -29.53 -5.88
N THR A 127 7.11 -30.09 -6.71
CA THR A 127 8.12 -29.28 -7.39
C THR A 127 7.47 -28.34 -8.41
N PRO A 128 8.22 -27.34 -8.89
CA PRO A 128 7.72 -26.38 -9.88
C PRO A 128 7.32 -27.04 -11.18
N LYS A 129 7.94 -28.18 -11.47
CA LYS A 129 7.65 -28.91 -12.70
C LYS A 129 6.21 -29.38 -12.73
N ALA A 130 5.65 -29.65 -11.56
CA ALA A 130 4.27 -30.10 -11.44
C ALA A 130 3.30 -28.96 -11.70
N TRP A 131 3.66 -27.76 -11.24
CA TRP A 131 2.82 -26.59 -11.43
C TRP A 131 2.60 -26.30 -12.91
N GLN A 132 3.66 -26.43 -13.69
CA GLN A 132 3.59 -26.18 -15.13
C GLN A 132 2.63 -27.16 -15.80
N GLN A 133 2.70 -28.43 -15.39
CA GLN A 133 1.84 -29.46 -15.95
C GLN A 133 0.42 -29.35 -15.40
N ALA A 134 0.31 -28.87 -14.15
CA ALA A 134 -0.98 -28.70 -13.51
C ALA A 134 -1.85 -27.72 -14.27
N TRP A 135 -1.25 -26.61 -14.71
CA TRP A 135 -1.97 -25.60 -15.46
C TRP A 135 -2.46 -26.13 -16.79
N ARG A 136 -1.59 -26.86 -17.48
CA ARG A 136 -1.94 -27.43 -18.79
C ARG A 136 -3.01 -28.52 -18.63
N ALA A 137 -2.87 -29.33 -17.59
CA ALA A 137 -3.83 -30.40 -17.34
C ALA A 137 -5.18 -29.84 -16.94
N ARG A 138 -5.17 -28.69 -16.27
CA ARG A 138 -6.40 -28.05 -15.83
C ARG A 138 -7.21 -27.55 -17.03
N ARG A 139 -6.52 -27.12 -18.07
CA ARG A 139 -7.17 -26.62 -19.27
C ARG A 139 -7.70 -27.78 -20.12
N LEU A 140 -7.01 -28.90 -20.06
CA LEU A 140 -7.42 -30.08 -20.82
C LEU A 140 -8.52 -30.85 -20.09
N ARG A 141 -8.46 -30.85 -18.77
CA ARG A 141 -9.46 -31.54 -17.97
C ARG A 141 -10.78 -30.79 -17.98
N GLU A 142 -10.71 -29.46 -17.95
CA GLU A 142 -11.90 -28.62 -17.97
C GLU A 142 -12.64 -28.73 -19.30
N SER A 143 -11.88 -28.95 -20.37
CA SER A 143 -12.45 -29.08 -21.70
C SER A 143 -12.36 -30.51 -22.21
N LEU A 144 -13.48 -31.21 -22.19
CA LEU A 144 -13.52 -32.60 -22.66
C LEU A 144 -14.80 -32.86 -23.45
N ALA A 145 -14.62 -33.37 -24.67
CA ALA A 145 -15.75 -33.68 -25.54
C ALA A 145 -16.44 -34.96 -25.11
N LYS A 146 -17.77 -34.95 -25.13
CA LYS A 146 -18.56 -36.12 -24.74
C LYS A 146 -18.96 -36.93 -25.97
N MET A 1 -9.25 30.84 4.16
CA MET A 1 -8.96 29.46 3.70
C MET A 1 -7.56 29.01 4.13
N LYS A 2 -7.47 28.42 5.31
CA LYS A 2 -6.18 27.97 5.84
C LYS A 2 -6.33 26.59 6.48
N LYS A 3 -5.53 25.63 6.01
CA LYS A 3 -5.57 24.27 6.55
C LYS A 3 -5.01 24.23 7.97
N ALA A 4 -5.89 24.36 8.95
CA ALA A 4 -5.48 24.34 10.35
C ALA A 4 -5.82 23.01 11.00
N THR A 5 -5.00 22.59 11.95
CA THR A 5 -5.22 21.33 12.66
C THR A 5 -6.40 21.43 13.61
N CYS A 6 -7.24 20.40 13.64
CA CYS A 6 -8.40 20.37 14.51
C CYS A 6 -8.27 19.27 15.56
N LEU A 7 -7.95 18.06 15.10
CA LEU A 7 -7.80 16.93 15.99
C LEU A 7 -9.13 16.60 16.68
N THR A 8 -10.23 16.84 15.97
CA THR A 8 -11.56 16.59 16.51
C THR A 8 -12.45 15.93 15.46
N ASP A 9 -13.67 15.60 15.85
CA ASP A 9 -14.61 14.94 14.94
C ASP A 9 -14.74 15.70 13.63
N ASP A 10 -14.46 17.00 13.65
CA ASP A 10 -14.55 17.81 12.45
C ASP A 10 -13.41 17.49 11.49
N GLN A 11 -12.20 17.34 12.04
CA GLN A 11 -11.02 17.03 11.24
C GLN A 11 -11.06 15.60 10.71
N ARG A 12 -11.51 14.67 11.54
CA ARG A 12 -11.57 13.27 11.14
C ARG A 12 -12.57 13.06 10.02
N TRP A 13 -13.82 13.47 10.25
CA TRP A 13 -14.87 13.34 9.25
C TRP A 13 -14.45 14.01 7.94
N GLN A 14 -13.60 15.02 8.05
CA GLN A 14 -13.12 15.74 6.88
C GLN A 14 -12.35 14.82 5.95
N SER A 15 -11.33 14.14 6.48
CA SER A 15 -10.53 13.23 5.68
C SER A 15 -11.36 12.05 5.22
N VAL A 16 -12.21 11.53 6.11
CA VAL A 16 -13.06 10.39 5.78
C VAL A 16 -13.98 10.72 4.61
N LEU A 17 -14.63 11.89 4.68
CA LEU A 17 -15.53 12.32 3.63
C LEU A 17 -14.75 12.68 2.37
N ALA A 18 -13.56 13.23 2.56
CA ALA A 18 -12.71 13.61 1.44
C ALA A 18 -12.17 12.38 0.71
N ARG A 19 -12.27 11.22 1.36
CA ARG A 19 -11.79 9.96 0.79
C ARG A 19 -10.42 10.12 0.14
N ASP A 20 -9.56 10.92 0.77
CA ASP A 20 -8.22 11.15 0.26
C ASP A 20 -7.38 9.87 0.35
N PRO A 21 -7.05 9.25 -0.80
CA PRO A 21 -6.25 8.02 -0.82
C PRO A 21 -4.83 8.25 -0.32
N ASN A 22 -4.42 9.51 -0.23
CA ASN A 22 -3.09 9.86 0.23
C ASN A 22 -3.11 10.24 1.71
N ALA A 23 -4.02 9.61 2.46
CA ALA A 23 -4.15 9.89 3.89
C ALA A 23 -3.36 8.89 4.72
N ASP A 24 -2.31 8.33 4.12
CA ASP A 24 -1.48 7.35 4.83
C ASP A 24 -0.91 7.96 6.11
N GLY A 25 -1.66 7.80 7.20
CA GLY A 25 -1.23 8.34 8.47
C GLY A 25 -2.29 9.24 9.10
N GLU A 26 -3.43 9.38 8.42
CA GLU A 26 -4.51 10.22 8.93
C GLU A 26 -5.11 9.63 10.20
N PHE A 27 -6.08 8.73 10.05
CA PHE A 27 -6.72 8.10 11.21
C PHE A 27 -7.61 6.95 10.77
N VAL A 28 -7.57 5.86 11.54
CA VAL A 28 -8.38 4.69 11.24
C VAL A 28 -9.73 4.79 11.93
N PHE A 29 -10.79 4.48 11.20
CA PHE A 29 -12.14 4.54 11.75
C PHE A 29 -12.55 3.18 12.29
N ALA A 30 -12.80 3.12 13.60
CA ALA A 30 -13.19 1.87 14.24
C ALA A 30 -14.70 1.69 14.21
N VAL A 31 -15.13 0.52 13.77
CA VAL A 31 -16.55 0.20 13.69
C VAL A 31 -16.97 -0.70 14.84
N ARG A 32 -17.88 -0.21 15.67
CA ARG A 32 -18.35 -0.98 16.82
C ARG A 32 -19.37 -2.03 16.40
N THR A 33 -20.10 -1.75 15.32
CA THR A 33 -21.10 -2.69 14.82
C THR A 33 -20.47 -3.96 14.28
N THR A 34 -19.46 -3.80 13.42
CA THR A 34 -18.76 -4.93 12.84
C THR A 34 -17.48 -5.24 13.60
N GLY A 35 -16.97 -4.26 14.34
CA GLY A 35 -15.75 -4.47 15.10
C GLY A 35 -14.52 -4.43 14.22
N ILE A 36 -14.53 -3.52 13.26
CA ILE A 36 -13.41 -3.38 12.34
C ILE A 36 -12.95 -1.93 12.23
N PHE A 37 -11.65 -1.72 12.05
CA PHE A 37 -11.10 -0.39 11.90
C PHE A 37 -10.46 -0.22 10.53
N ARG A 39 -8.27 1.57 7.47
CA ARG A 39 -6.98 2.25 7.35
C ARG A 39 -7.16 3.76 7.54
N PRO A 40 -6.06 4.54 7.65
CA PRO A 40 -6.14 5.99 7.83
C PRO A 40 -7.15 6.64 6.90
N SER A 41 -7.10 6.25 5.63
CA SER A 41 -7.99 6.79 4.61
C SER A 41 -9.39 6.12 4.69
N CYS A 42 -9.84 5.54 3.57
CA CYS A 42 -11.15 4.87 3.51
C CYS A 42 -12.29 5.90 3.54
N ARG A 43 -13.47 5.44 3.13
CA ARG A 43 -14.66 6.29 3.10
C ARG A 43 -15.91 5.46 2.84
N ALA A 44 -15.91 4.22 3.33
CA ALA A 44 -17.04 3.32 3.15
C ALA A 44 -18.18 3.67 4.10
N ARG A 45 -19.41 3.41 3.67
CA ARG A 45 -20.58 3.69 4.48
C ARG A 45 -20.68 2.69 5.64
N HIS A 46 -20.24 3.11 6.81
CA HIS A 46 -20.28 2.25 7.99
C HIS A 46 -20.17 3.08 9.27
N ALA A 47 -20.96 2.71 10.27
CA ALA A 47 -20.96 3.42 11.54
C ALA A 47 -21.37 4.87 11.38
N LEU A 48 -22.55 5.21 11.90
CA LEU A 48 -23.06 6.58 11.81
C LEU A 48 -22.26 7.52 12.71
N ARG A 49 -22.74 8.75 12.84
CA ARG A 49 -22.06 9.73 13.67
C ARG A 49 -22.34 9.48 15.16
N GLU A 50 -22.01 8.28 15.60
CA GLU A 50 -22.23 7.89 16.99
C GLU A 50 -21.69 6.48 17.25
N ASN A 51 -21.89 5.60 16.29
CA ASN A 51 -21.42 4.21 16.41
C ASN A 51 -20.08 4.03 15.70
N VAL A 52 -19.31 5.11 15.60
CA VAL A 52 -18.01 5.06 14.94
C VAL A 52 -16.91 5.55 15.87
N SER A 53 -15.71 5.01 15.69
CA SER A 53 -14.56 5.40 16.50
C SER A 53 -13.45 5.97 15.64
N PHE A 54 -12.46 6.59 16.28
CA PHE A 54 -11.34 7.19 15.56
C PHE A 54 -10.02 6.83 16.23
N TYR A 55 -9.11 6.24 15.47
CA TYR A 55 -7.80 5.85 15.99
C TYR A 55 -6.69 6.44 15.14
N ALA A 56 -5.63 6.92 15.79
CA ALA A 56 -4.50 7.51 15.09
C ALA A 56 -3.81 6.51 14.17
N ASN A 57 -3.64 5.29 14.65
CA ASN A 57 -3.01 4.23 13.86
C ASN A 57 -3.74 2.91 14.02
N ALA A 58 -3.30 1.91 13.26
CA ALA A 58 -3.92 0.59 13.30
C ALA A 58 -3.55 -0.15 14.59
N SER A 59 -2.31 0.03 15.03
CA SER A 59 -1.83 -0.61 16.25
C SER A 59 -2.69 -0.21 17.45
N GLU A 60 -3.23 1.00 17.41
CA GLU A 60 -4.06 1.50 18.50
C GLU A 60 -5.45 0.86 18.48
N ALA A 61 -6.10 0.91 17.32
CA ALA A 61 -7.44 0.34 17.18
C ALA A 61 -7.38 -1.19 17.19
N LEU A 62 -6.43 -1.75 16.46
CA LEU A 62 -6.26 -3.21 16.38
C LEU A 62 -6.04 -3.79 17.77
N ALA A 63 -5.14 -3.18 18.54
CA ALA A 63 -4.83 -3.64 19.87
C ALA A 63 -6.07 -3.65 20.76
N ALA A 64 -6.92 -2.64 20.57
CA ALA A 64 -8.15 -2.53 21.35
C ALA A 64 -9.08 -3.71 21.08
N GLY A 65 -8.88 -4.36 19.94
CA GLY A 65 -9.70 -5.50 19.57
C GLY A 65 -10.60 -5.21 18.40
N PHE A 66 -10.00 -4.86 17.26
CA PHE A 66 -10.76 -4.56 16.06
C PHE A 66 -10.07 -5.11 14.81
N ARG A 67 -10.85 -5.71 13.92
CA ARG A 67 -10.31 -6.28 12.68
C ARG A 67 -10.09 -5.17 11.65
N PRO A 68 -8.85 -5.04 11.14
CA PRO A 68 -8.51 -4.00 10.16
C PRO A 68 -9.20 -4.21 8.81
N CYS A 69 -9.57 -3.10 8.19
CA CYS A 69 -10.22 -3.12 6.88
C CYS A 69 -9.23 -2.63 5.82
N LYS A 70 -8.76 -3.56 4.99
CA LYS A 70 -7.80 -3.23 3.95
C LYS A 70 -8.50 -2.93 2.62
N ARG A 71 -9.75 -2.51 2.70
CA ARG A 71 -10.51 -2.17 1.51
C ARG A 71 -10.30 -0.70 1.12
N CYS A 72 -9.31 -0.07 1.75
CA CYS A 72 -9.00 1.33 1.48
C CYS A 72 -7.54 1.49 1.05
N GLN A 73 -6.65 0.73 1.68
CA GLN A 73 -5.23 0.78 1.36
C GLN A 73 -4.45 -0.26 2.16
N PRO A 74 -4.18 -1.43 1.55
CA PRO A 74 -3.46 -2.52 2.22
C PRO A 74 -1.94 -2.32 2.21
N GLU A 75 -1.49 -1.11 2.52
CA GLU A 75 -0.06 -0.80 2.54
C GLU A 75 0.59 -1.09 1.20
N LYS A 76 1.04 -0.04 0.53
CA LYS A 76 1.69 -0.17 -0.78
C LYS A 76 0.73 -0.77 -1.79
N ALA A 77 0.19 0.07 -2.67
CA ALA A 77 -0.75 -0.38 -3.70
C ALA A 77 -0.23 -0.04 -5.09
N ASN A 78 -0.94 -0.51 -6.11
CA ASN A 78 -0.55 -0.26 -7.49
C ASN A 78 -1.74 0.25 -8.30
N ALA A 79 -2.64 0.95 -7.63
CA ALA A 79 -3.83 1.50 -8.29
C ALA A 79 -3.48 2.76 -9.07
N GLN A 80 -3.67 2.71 -10.39
CA GLN A 80 -3.38 3.85 -11.25
C GLN A 80 -1.91 4.22 -11.18
N GLN A 81 -1.06 3.22 -10.94
CA GLN A 81 0.38 3.45 -10.85
C GLN A 81 1.04 3.34 -12.21
N HIS A 82 1.71 4.42 -12.62
CA HIS A 82 2.38 4.44 -13.92
C HIS A 82 3.77 5.05 -13.79
N ARG A 83 4.42 4.79 -12.66
CA ARG A 83 5.76 5.31 -12.42
C ARG A 83 6.79 4.61 -13.31
N LEU A 84 6.54 3.35 -13.60
CA LEU A 84 7.44 2.56 -14.45
C LEU A 84 7.14 2.81 -15.92
N ASP A 85 5.88 3.05 -16.24
CA ASP A 85 5.47 3.31 -17.61
C ASP A 85 5.85 4.72 -18.04
N LYS A 86 5.82 5.65 -17.10
CA LYS A 86 6.16 7.03 -17.37
C LYS A 86 7.64 7.18 -17.67
N ILE A 87 8.49 6.69 -16.77
CA ILE A 87 9.93 6.78 -16.95
C ILE A 87 10.36 6.10 -18.25
N THR A 88 9.65 5.04 -18.62
CA THR A 88 9.96 4.32 -19.85
C THR A 88 9.79 5.23 -21.06
N HIS A 89 8.75 6.06 -21.02
CA HIS A 89 8.49 6.99 -22.12
C HIS A 89 9.54 8.09 -22.16
N ALA A 90 10.07 8.44 -20.99
CA ALA A 90 11.09 9.47 -20.89
C ALA A 90 12.44 8.97 -21.40
N CYS A 91 12.81 7.77 -20.98
CA CYS A 91 14.08 7.18 -21.39
C CYS A 91 14.17 7.07 -22.91
N ARG A 92 13.05 6.68 -23.54
CA ARG A 92 13.00 6.55 -24.98
C ARG A 92 12.94 7.91 -25.67
N LEU A 93 12.42 8.91 -24.95
CA LEU A 93 12.31 10.26 -25.50
C LEU A 93 13.68 10.91 -25.63
N LEU A 94 14.62 10.51 -24.78
CA LEU A 94 15.96 11.07 -24.80
C LEU A 94 16.79 10.46 -25.93
N GLU A 95 16.74 9.14 -26.05
CA GLU A 95 17.48 8.44 -27.09
C GLU A 95 16.95 8.77 -28.48
N GLN A 96 17.26 9.98 -28.95
CA GLN A 96 16.81 10.42 -30.27
C GLN A 96 17.95 11.08 -31.05
N GLU A 97 19.17 11.00 -30.51
CA GLU A 97 20.32 11.59 -31.16
C GLU A 97 20.09 13.07 -31.50
N THR A 98 19.17 13.70 -30.78
CA THR A 98 18.86 15.11 -31.01
C THR A 98 18.84 15.89 -29.70
N PRO A 99 19.31 17.15 -29.71
CA PRO A 99 19.34 18.00 -28.52
C PRO A 99 17.99 18.08 -27.84
N VAL A 100 17.82 17.34 -26.75
CA VAL A 100 16.56 17.34 -26.01
C VAL A 100 16.68 18.14 -24.72
N THR A 101 15.64 18.91 -24.42
CA THR A 101 15.62 19.74 -23.22
C THR A 101 15.12 18.93 -22.02
N LEU A 102 15.42 19.42 -20.82
CA LEU A 102 15.00 18.74 -19.60
C LEU A 102 13.49 18.85 -19.41
N GLU A 103 12.97 20.07 -19.47
CA GLU A 103 11.54 20.31 -19.31
C GLU A 103 10.74 19.56 -20.36
N ALA A 104 11.34 19.32 -21.52
CA ALA A 104 10.67 18.60 -22.59
C ALA A 104 10.19 17.25 -22.09
N LEU A 105 11.08 16.52 -21.43
CA LEU A 105 10.72 15.22 -20.85
C LEU A 105 9.64 15.43 -19.80
N ALA A 106 9.68 16.59 -19.15
CA ALA A 106 8.70 16.95 -18.13
C ALA A 106 7.35 17.25 -18.77
N ASP A 107 7.39 17.66 -20.03
CA ASP A 107 6.17 17.99 -20.77
C ASP A 107 5.37 16.72 -21.07
N GLN A 108 6.06 15.63 -21.35
CA GLN A 108 5.40 14.36 -21.65
C GLN A 108 4.84 13.72 -20.39
N VAL A 109 5.55 13.87 -19.28
CA VAL A 109 5.12 13.29 -18.01
C VAL A 109 4.08 14.19 -17.32
N ALA A 110 4.09 15.47 -17.69
CA ALA A 110 3.15 16.43 -17.11
C ALA A 110 3.41 16.62 -15.62
N MET A 111 4.69 16.75 -15.26
CA MET A 111 5.07 16.94 -13.87
C MET A 111 6.31 17.83 -13.77
N SER A 112 6.73 18.11 -12.54
CA SER A 112 7.92 18.93 -12.31
C SER A 112 9.19 18.10 -12.46
N PRO A 113 10.33 18.76 -12.72
CA PRO A 113 11.62 18.08 -12.89
C PRO A 113 11.97 17.19 -11.70
N PHE A 114 11.33 17.45 -10.56
CA PHE A 114 11.58 16.67 -9.36
C PHE A 114 10.94 15.29 -9.45
N HIS A 115 9.73 15.24 -9.99
CA HIS A 115 9.01 13.98 -10.14
C HIS A 115 9.72 13.05 -11.12
N LEU A 116 10.10 13.59 -12.27
CA LEU A 116 10.78 12.80 -13.29
C LEU A 116 12.11 12.26 -12.76
N HIS A 117 12.87 13.12 -12.10
CA HIS A 117 14.16 12.72 -11.55
C HIS A 117 14.01 11.56 -10.57
N ARG A 118 13.13 11.75 -9.59
CA ARG A 118 12.89 10.72 -8.57
C ARG A 118 12.42 9.42 -9.22
N LEU A 119 11.47 9.53 -10.14
CA LEU A 119 10.92 8.35 -10.83
C LEU A 119 12.00 7.68 -11.67
N PHE A 120 12.71 8.48 -12.45
CA PHE A 120 13.77 7.95 -13.31
C PHE A 120 14.89 7.33 -12.48
N LYS A 121 15.34 8.05 -11.47
CA LYS A 121 16.42 7.58 -10.61
C LYS A 121 15.96 6.37 -9.79
N ALA A 122 14.68 6.37 -9.42
CA ALA A 122 14.12 5.29 -8.63
C ALA A 122 13.88 4.04 -9.47
N THR A 123 13.69 4.24 -10.77
CA THR A 123 13.45 3.13 -11.69
C THR A 123 14.76 2.60 -12.26
N THR A 124 15.45 3.44 -13.02
CA THR A 124 16.72 3.05 -13.63
C THR A 124 17.85 3.02 -12.60
N GLY A 125 18.04 4.13 -11.91
CA GLY A 125 19.08 4.21 -10.90
C GLY A 125 20.09 5.31 -11.21
N MET A 126 20.53 5.39 -12.45
CA MET A 126 21.50 6.39 -12.87
C MET A 126 20.80 7.66 -13.35
N THR A 127 21.58 8.58 -13.91
CA THR A 127 21.03 9.85 -14.41
C THR A 127 21.05 9.88 -15.93
N PRO A 128 20.27 10.78 -16.54
CA PRO A 128 20.20 10.92 -18.00
C PRO A 128 21.57 11.11 -18.63
N LYS A 129 22.33 12.04 -18.08
CA LYS A 129 23.67 12.33 -18.60
C LYS A 129 24.60 11.14 -18.40
N ALA A 130 24.36 10.38 -17.34
CA ALA A 130 25.17 9.20 -17.05
C ALA A 130 24.82 8.04 -17.96
N TRP A 131 23.57 7.98 -18.39
CA TRP A 131 23.10 6.92 -19.28
C TRP A 131 23.66 7.11 -20.69
N GLN A 132 23.52 8.31 -21.22
CA GLN A 132 24.02 8.61 -22.56
C GLN A 132 25.53 8.39 -22.65
N GLN A 133 26.22 8.69 -21.56
CA GLN A 133 27.67 8.52 -21.51
C GLN A 133 28.05 7.05 -21.37
N ALA A 134 27.26 6.32 -20.58
CA ALA A 134 27.50 4.90 -20.37
C ALA A 134 27.24 4.10 -21.64
N TRP A 135 26.14 4.41 -22.31
CA TRP A 135 25.77 3.72 -23.53
C TRP A 135 26.81 3.95 -24.63
N ARG A 136 27.21 5.20 -24.81
CA ARG A 136 28.20 5.56 -25.82
C ARG A 136 29.53 4.86 -25.54
N ALA A 137 29.93 4.85 -24.28
CA ALA A 137 31.19 4.22 -23.88
C ALA A 137 31.09 2.70 -23.98
N ARG A 138 29.91 2.17 -23.71
CA ARG A 138 29.68 0.73 -23.78
C ARG A 138 29.58 0.25 -25.22
N ARG A 139 29.05 1.11 -26.09
CA ARG A 139 28.89 0.78 -27.50
C ARG A 139 30.25 0.72 -28.19
N LEU A 140 31.18 1.55 -27.74
CA LEU A 140 32.52 1.59 -28.32
C LEU A 140 33.35 0.40 -27.84
N ARG A 141 33.21 0.06 -26.56
CA ARG A 141 33.94 -1.06 -25.98
C ARG A 141 33.35 -2.40 -26.44
N GLU A 142 32.07 -2.39 -26.77
CA GLU A 142 31.39 -3.60 -27.22
C GLU A 142 31.34 -3.66 -28.75
N SER A 143 32.43 -3.22 -29.38
CA SER A 143 32.50 -3.21 -30.84
C SER A 143 33.94 -3.40 -31.31
N LEU A 144 34.11 -4.08 -32.44
CA LEU A 144 35.44 -4.33 -33.00
C LEU A 144 36.29 -5.13 -32.02
N ALA A 145 36.14 -6.45 -32.06
CA ALA A 145 36.89 -7.33 -31.19
C ALA A 145 38.40 -7.16 -31.40
N LYS A 146 39.17 -7.45 -30.35
CA LYS A 146 40.62 -7.34 -30.43
C LYS A 146 41.29 -8.24 -29.40
N MET A 1 4.52 16.38 12.30
CA MET A 1 5.77 17.11 12.02
C MET A 1 5.48 18.45 11.34
N LYS A 2 4.85 18.40 10.18
CA LYS A 2 4.51 19.60 9.43
C LYS A 2 3.09 19.53 8.90
N LYS A 3 2.76 18.42 8.23
CA LYS A 3 1.43 18.23 7.67
C LYS A 3 0.47 17.68 8.73
N ALA A 4 -0.63 18.41 8.94
CA ALA A 4 -1.63 18.00 9.93
C ALA A 4 -2.62 17.01 9.33
N THR A 5 -3.19 16.17 10.18
CA THR A 5 -4.17 15.17 9.74
C THR A 5 -5.59 15.64 10.02
N CYS A 6 -5.80 16.24 11.18
CA CYS A 6 -7.11 16.74 11.57
C CYS A 6 -7.05 17.49 12.89
N LEU A 7 -6.64 16.78 13.95
CA LEU A 7 -6.53 17.38 15.28
C LEU A 7 -7.90 17.68 15.89
N THR A 8 -8.96 17.28 15.20
CA THR A 8 -10.31 17.52 15.69
C THR A 8 -11.30 16.54 15.03
N ASP A 9 -12.50 16.48 15.57
CA ASP A 9 -13.53 15.58 15.05
C ASP A 9 -14.06 16.07 13.71
N ASP A 10 -14.09 17.39 13.51
CA ASP A 10 -14.58 17.97 12.27
C ASP A 10 -13.61 17.74 11.12
N GLN A 11 -12.32 17.94 11.39
CA GLN A 11 -11.29 17.75 10.37
C GLN A 11 -11.11 16.27 10.06
N ARG A 12 -11.24 15.43 11.08
CA ARG A 12 -11.09 14.00 10.91
C ARG A 12 -12.17 13.45 9.97
N TRP A 13 -13.42 13.74 10.29
CA TRP A 13 -14.54 13.29 9.47
C TRP A 13 -14.36 13.79 8.03
N GLN A 14 -13.66 14.90 7.88
CA GLN A 14 -13.41 15.48 6.56
C GLN A 14 -12.66 14.50 5.66
N SER A 15 -11.52 14.01 6.13
CA SER A 15 -10.72 13.07 5.36
C SER A 15 -11.54 11.83 5.00
N VAL A 16 -12.45 11.46 5.88
CA VAL A 16 -13.30 10.30 5.66
C VAL A 16 -14.30 10.57 4.55
N LEU A 17 -14.89 11.77 4.57
CA LEU A 17 -15.86 12.16 3.56
C LEU A 17 -15.17 12.43 2.23
N ALA A 18 -13.95 12.93 2.30
CA ALA A 18 -13.16 13.23 1.11
C ALA A 18 -12.70 11.95 0.43
N ARG A 19 -12.57 10.88 1.21
CA ARG A 19 -12.14 9.59 0.69
C ARG A 19 -10.75 9.70 0.06
N ASP A 20 -9.94 10.61 0.58
CA ASP A 20 -8.59 10.80 0.07
C ASP A 20 -7.78 9.50 0.15
N PRO A 21 -7.50 8.86 -1.00
CA PRO A 21 -6.74 7.61 -1.03
C PRO A 21 -5.30 7.80 -0.55
N ASN A 22 -4.86 9.05 -0.46
CA ASN A 22 -3.51 9.35 -0.02
C ASN A 22 -3.50 9.73 1.46
N ALA A 23 -4.40 9.13 2.23
CA ALA A 23 -4.49 9.42 3.65
C ALA A 23 -3.70 8.40 4.47
N ASP A 24 -2.69 7.79 3.84
CA ASP A 24 -1.86 6.80 4.53
C ASP A 24 -1.24 7.40 5.79
N GLY A 25 -1.94 7.23 6.91
CA GLY A 25 -1.47 7.77 8.16
C GLY A 25 -2.47 8.72 8.79
N GLU A 26 -3.61 8.91 8.13
CA GLU A 26 -4.65 9.79 8.62
C GLU A 26 -5.25 9.25 9.92
N PHE A 27 -6.24 8.38 9.79
CA PHE A 27 -6.88 7.80 10.97
C PHE A 27 -7.82 6.66 10.60
N VAL A 28 -7.76 5.59 11.36
CA VAL A 28 -8.59 4.42 11.12
C VAL A 28 -9.91 4.54 11.86
N PHE A 29 -11.01 4.25 11.17
CA PHE A 29 -12.33 4.32 11.76
C PHE A 29 -12.72 2.98 12.37
N ALA A 30 -12.96 2.97 13.68
CA ALA A 30 -13.35 1.74 14.37
C ALA A 30 -14.85 1.54 14.35
N VAL A 31 -15.27 0.34 13.97
CA VAL A 31 -16.69 0.00 13.90
C VAL A 31 -17.09 -0.87 15.08
N ARG A 32 -18.09 -0.40 15.84
CA ARG A 32 -18.56 -1.13 17.01
C ARG A 32 -19.61 -2.18 16.62
N THR A 33 -20.38 -1.89 15.58
CA THR A 33 -21.42 -2.81 15.11
C THR A 33 -20.80 -4.08 14.54
N THR A 34 -19.63 -3.94 13.92
CA THR A 34 -18.94 -5.08 13.32
C THR A 34 -17.65 -5.40 14.07
N GLY A 35 -17.09 -4.39 14.74
CA GLY A 35 -15.85 -4.59 15.47
C GLY A 35 -14.63 -4.58 14.57
N ILE A 36 -14.66 -3.71 13.56
CA ILE A 36 -13.55 -3.60 12.62
C ILE A 36 -13.07 -2.17 12.47
N PHE A 37 -11.78 -2.01 12.26
CA PHE A 37 -11.20 -0.68 12.08
C PHE A 37 -10.64 -0.53 10.67
N ARG A 39 -8.58 1.15 7.53
CA ARG A 39 -7.31 1.84 7.35
C ARG A 39 -7.48 3.35 7.46
N PRO A 40 -6.38 4.11 7.53
CA PRO A 40 -6.42 5.57 7.65
C PRO A 40 -7.43 6.23 6.72
N SER A 41 -7.41 5.84 5.44
CA SER A 41 -8.31 6.40 4.44
C SER A 41 -9.71 5.77 4.51
N CYS A 42 -10.04 4.92 3.54
CA CYS A 42 -11.36 4.27 3.47
C CYS A 42 -12.48 5.30 3.44
N ARG A 43 -13.66 4.84 3.03
CA ARG A 43 -14.83 5.71 2.95
C ARG A 43 -16.11 4.87 2.83
N ALA A 44 -16.09 3.68 3.40
CA ALA A 44 -17.24 2.79 3.35
C ALA A 44 -18.22 3.09 4.48
N ARG A 45 -19.45 3.42 4.11
CA ARG A 45 -20.48 3.73 5.10
C ARG A 45 -20.83 2.49 5.91
N HIS A 46 -20.26 2.37 7.10
CA HIS A 46 -20.51 1.23 7.96
C HIS A 46 -20.42 1.63 9.43
N ALA A 47 -20.89 2.82 9.75
CA ALA A 47 -20.88 3.33 11.11
C ALA A 47 -21.28 4.80 11.16
N LEU A 48 -22.40 5.09 11.81
CA LEU A 48 -22.88 6.46 11.93
C LEU A 48 -21.87 7.35 12.63
N ARG A 49 -22.10 8.65 12.61
CA ARG A 49 -21.20 9.60 13.25
C ARG A 49 -21.04 9.29 14.74
N GLU A 50 -22.03 8.59 15.30
CA GLU A 50 -21.99 8.23 16.72
C GLU A 50 -21.52 6.79 16.91
N ASN A 51 -21.76 5.96 15.90
CA ASN A 51 -21.37 4.55 15.97
C ASN A 51 -20.02 4.33 15.27
N VAL A 52 -19.15 5.32 15.34
CA VAL A 52 -17.84 5.23 14.72
C VAL A 52 -16.75 5.76 15.64
N SER A 53 -15.62 5.07 15.67
CA SER A 53 -14.50 5.46 16.50
C SER A 53 -13.36 6.02 15.64
N PHE A 54 -12.35 6.59 16.29
CA PHE A 54 -11.22 7.16 15.58
C PHE A 54 -9.90 6.73 16.20
N TYR A 55 -9.01 6.18 15.38
CA TYR A 55 -7.70 5.72 15.85
C TYR A 55 -6.60 6.27 14.94
N ALA A 56 -5.50 6.69 15.55
CA ALA A 56 -4.37 7.25 14.81
C ALA A 56 -3.77 6.23 13.85
N ASN A 57 -3.59 5.00 14.31
CA ASN A 57 -3.00 3.95 13.48
C ASN A 57 -3.73 2.63 13.65
N ALA A 58 -3.26 1.61 12.96
CA ALA A 58 -3.86 0.28 13.04
C ALA A 58 -3.46 -0.43 14.32
N SER A 59 -2.20 -0.29 14.70
CA SER A 59 -1.70 -0.93 15.91
C SER A 59 -2.49 -0.49 17.13
N GLU A 60 -3.00 0.73 17.09
CA GLU A 60 -3.77 1.27 18.20
C GLU A 60 -5.18 0.67 18.24
N ALA A 61 -5.88 0.73 17.11
CA ALA A 61 -7.23 0.19 17.02
C ALA A 61 -7.22 -1.33 17.05
N LEU A 62 -6.32 -1.93 16.28
CA LEU A 62 -6.20 -3.38 16.21
C LEU A 62 -5.93 -3.97 17.59
N ALA A 63 -5.00 -3.37 18.32
CA ALA A 63 -4.65 -3.84 19.66
C ALA A 63 -5.87 -3.80 20.58
N ALA A 64 -6.71 -2.79 20.41
CA ALA A 64 -7.91 -2.63 21.21
C ALA A 64 -8.84 -3.84 21.04
N GLY A 65 -8.67 -4.56 19.93
CA GLY A 65 -9.51 -5.71 19.67
C GLY A 65 -10.45 -5.49 18.51
N PHE A 66 -9.95 -4.87 17.44
CA PHE A 66 -10.76 -4.58 16.27
C PHE A 66 -10.13 -5.18 15.02
N ARG A 67 -10.96 -5.79 14.17
CA ARG A 67 -10.49 -6.41 12.94
C ARG A 67 -10.25 -5.34 11.86
N PRO A 68 -9.10 -5.38 11.18
CA PRO A 68 -8.77 -4.41 10.14
C PRO A 68 -9.55 -4.61 8.85
N CYS A 69 -9.85 -3.51 8.18
CA CYS A 69 -10.57 -3.55 6.92
C CYS A 69 -9.70 -3.02 5.79
N LYS A 70 -9.49 -3.85 4.77
CA LYS A 70 -8.66 -3.48 3.63
C LYS A 70 -9.47 -2.71 2.59
N ARG A 71 -8.95 -2.63 1.37
CA ARG A 71 -9.63 -1.91 0.29
C ARG A 71 -9.61 -0.40 0.53
N CYS A 72 -8.80 0.04 1.49
CA CYS A 72 -8.71 1.46 1.80
C CYS A 72 -7.25 1.87 2.01
N GLN A 73 -6.36 1.29 1.21
CA GLN A 73 -4.93 1.60 1.29
C GLN A 73 -4.37 1.33 2.68
N PRO A 74 -4.06 0.05 2.98
CA PRO A 74 -3.51 -0.34 4.28
C PRO A 74 -2.10 0.22 4.51
N GLU A 75 -1.10 -0.44 3.93
CA GLU A 75 0.29 -0.01 4.08
C GLU A 75 0.91 0.29 2.72
N LYS A 76 0.62 -0.56 1.75
CA LYS A 76 1.15 -0.38 0.40
C LYS A 76 0.21 -0.98 -0.63
N ALA A 77 0.53 -0.78 -1.91
CA ALA A 77 -0.28 -1.30 -3.00
C ALA A 77 0.39 -2.49 -3.66
N ASN A 78 -0.37 -3.21 -4.48
CA ASN A 78 0.16 -4.38 -5.18
C ASN A 78 0.12 -4.17 -6.69
N ALA A 79 1.20 -4.55 -7.37
CA ALA A 79 1.28 -4.41 -8.82
C ALA A 79 1.22 -5.77 -9.51
N GLN A 80 1.94 -6.74 -8.95
CA GLN A 80 1.97 -8.08 -9.51
C GLN A 80 2.57 -9.08 -8.52
N GLN A 81 1.72 -9.89 -7.91
CA GLN A 81 2.16 -10.89 -6.94
C GLN A 81 1.39 -12.20 -7.11
N HIS A 82 2.09 -13.24 -7.57
CA HIS A 82 1.47 -14.55 -7.77
C HIS A 82 2.51 -15.57 -8.22
N ARG A 83 2.22 -16.84 -7.97
CA ARG A 83 3.13 -17.92 -8.34
C ARG A 83 3.16 -18.12 -9.86
N LEU A 84 1.98 -18.19 -10.47
CA LEU A 84 1.88 -18.37 -11.90
C LEU A 84 2.14 -17.07 -12.65
N ASP A 85 1.81 -15.95 -12.00
CA ASP A 85 2.01 -14.63 -12.60
C ASP A 85 3.49 -14.31 -12.71
N LYS A 86 4.28 -14.81 -11.78
CA LYS A 86 5.72 -14.56 -11.78
C LYS A 86 6.40 -15.36 -12.89
N ILE A 87 6.23 -16.67 -12.87
CA ILE A 87 6.84 -17.53 -13.89
C ILE A 87 6.39 -17.13 -15.29
N THR A 88 5.12 -16.80 -15.43
CA THR A 88 4.58 -16.39 -16.72
C THR A 88 5.26 -15.11 -17.19
N HIS A 89 5.49 -14.20 -16.26
CA HIS A 89 6.15 -12.94 -16.58
C HIS A 89 7.63 -13.19 -16.92
N ALA A 90 8.20 -14.22 -16.30
CA ALA A 90 9.59 -14.56 -16.53
C ALA A 90 9.80 -15.22 -17.89
N CYS A 91 8.93 -16.17 -18.23
CA CYS A 91 9.02 -16.86 -19.50
C CYS A 91 8.82 -15.90 -20.66
N ARG A 92 7.93 -14.94 -20.46
CA ARG A 92 7.64 -13.93 -21.49
C ARG A 92 8.77 -12.91 -21.56
N LEU A 93 9.44 -12.69 -20.43
CA LEU A 93 10.54 -11.73 -20.37
C LEU A 93 11.64 -12.10 -21.35
N LEU A 94 11.95 -13.40 -21.43
CA LEU A 94 12.98 -13.89 -22.32
C LEU A 94 12.67 -13.53 -23.77
N GLU A 95 11.55 -14.05 -24.27
CA GLU A 95 11.13 -13.79 -25.65
C GLU A 95 12.20 -14.24 -26.63
N GLN A 96 12.93 -15.29 -26.27
CA GLN A 96 13.99 -15.83 -27.12
C GLN A 96 13.86 -17.34 -27.25
N GLU A 97 14.65 -17.92 -28.16
CA GLU A 97 14.63 -19.36 -28.39
C GLU A 97 15.92 -20.00 -27.90
N THR A 98 17.01 -19.26 -28.00
CA THR A 98 18.32 -19.75 -27.57
C THR A 98 18.31 -20.10 -26.08
N PRO A 99 19.08 -21.12 -25.68
CA PRO A 99 19.16 -21.55 -24.27
C PRO A 99 19.80 -20.49 -23.39
N VAL A 100 18.98 -19.80 -22.60
CA VAL A 100 19.47 -18.77 -21.70
C VAL A 100 20.06 -19.37 -20.44
N THR A 101 20.86 -18.57 -19.72
CA THR A 101 21.49 -19.03 -18.50
C THR A 101 20.46 -19.21 -17.38
N LEU A 102 20.73 -20.13 -16.47
CA LEU A 102 19.83 -20.40 -15.36
C LEU A 102 19.85 -19.26 -14.34
N GLU A 103 21.05 -18.90 -13.89
CA GLU A 103 21.21 -17.83 -12.92
C GLU A 103 20.73 -16.50 -13.49
N ALA A 104 20.81 -16.35 -14.81
CA ALA A 104 20.37 -15.11 -15.45
C ALA A 104 18.93 -14.82 -15.08
N LEU A 105 18.08 -15.83 -15.19
CA LEU A 105 16.68 -15.67 -14.81
C LEU A 105 16.58 -15.38 -13.33
N ALA A 106 17.54 -15.92 -12.57
CA ALA A 106 17.62 -15.73 -11.14
C ALA A 106 18.03 -14.28 -10.83
N ASP A 107 18.79 -13.70 -11.75
CA ASP A 107 19.27 -12.32 -11.59
C ASP A 107 18.11 -11.33 -11.63
N GLN A 108 17.13 -11.60 -12.49
CA GLN A 108 15.98 -10.73 -12.63
C GLN A 108 14.99 -10.94 -11.49
N VAL A 109 14.85 -12.18 -11.05
CA VAL A 109 13.94 -12.51 -9.95
C VAL A 109 14.58 -12.21 -8.60
N ALA A 110 15.90 -12.16 -8.55
CA ALA A 110 16.62 -11.89 -7.31
C ALA A 110 16.45 -13.02 -6.32
N MET A 111 16.51 -14.25 -6.81
CA MET A 111 16.36 -15.43 -5.96
C MET A 111 17.28 -16.55 -6.41
N SER A 112 17.59 -17.47 -5.50
CA SER A 112 18.46 -18.59 -5.82
C SER A 112 17.81 -19.47 -6.90
N PRO A 113 18.60 -20.37 -7.51
CA PRO A 113 18.10 -21.27 -8.55
C PRO A 113 17.05 -22.26 -8.02
N PHE A 114 16.96 -22.36 -6.70
CA PHE A 114 16.00 -23.27 -6.07
C PHE A 114 14.58 -22.74 -6.18
N HIS A 115 14.41 -21.46 -5.89
CA HIS A 115 13.10 -20.82 -5.95
C HIS A 115 12.58 -20.78 -7.37
N LEU A 116 13.44 -20.41 -8.32
CA LEU A 116 13.07 -20.33 -9.72
C LEU A 116 12.61 -21.69 -10.26
N HIS A 117 13.42 -22.72 -10.01
CA HIS A 117 13.11 -24.06 -10.48
C HIS A 117 11.80 -24.56 -9.86
N ARG A 118 11.71 -24.51 -8.54
CA ARG A 118 10.52 -24.97 -7.84
C ARG A 118 9.27 -24.22 -8.32
N LEU A 119 9.36 -22.90 -8.42
CA LEU A 119 8.24 -22.09 -8.85
C LEU A 119 7.85 -22.42 -10.30
N PHE A 120 8.85 -22.68 -11.13
CA PHE A 120 8.60 -23.01 -12.53
C PHE A 120 8.09 -24.44 -12.67
N LYS A 121 8.56 -25.33 -11.81
CA LYS A 121 8.14 -26.73 -11.85
C LYS A 121 6.78 -26.90 -11.18
N ALA A 122 6.49 -26.06 -10.19
CA ALA A 122 5.23 -26.13 -9.47
C ALA A 122 4.09 -25.57 -10.32
N THR A 123 4.41 -24.66 -11.23
CA THR A 123 3.41 -24.06 -12.10
C THR A 123 3.54 -24.57 -13.53
N THR A 124 4.75 -24.45 -14.08
CA THR A 124 5.01 -24.90 -15.46
C THR A 124 5.33 -26.39 -15.49
N GLY A 125 6.17 -26.84 -14.57
CA GLY A 125 6.54 -28.24 -14.53
C GLY A 125 7.70 -28.57 -15.44
N MET A 126 7.57 -28.22 -16.72
CA MET A 126 8.61 -28.48 -17.70
C MET A 126 9.77 -27.51 -17.53
N THR A 127 10.98 -28.05 -17.42
CA THR A 127 12.18 -27.23 -17.25
C THR A 127 12.42 -26.38 -18.50
N PRO A 128 13.22 -25.30 -18.35
CA PRO A 128 13.54 -24.40 -19.47
C PRO A 128 14.05 -25.16 -20.70
N LYS A 129 14.76 -26.26 -20.45
CA LYS A 129 15.30 -27.07 -21.53
C LYS A 129 14.19 -27.75 -22.32
N ALA A 130 13.10 -28.07 -21.64
CA ALA A 130 11.96 -28.72 -22.27
C ALA A 130 11.21 -27.76 -23.19
N TRP A 131 11.20 -26.49 -22.81
CA TRP A 131 10.53 -25.46 -23.60
C TRP A 131 11.21 -25.28 -24.95
N GLN A 132 12.53 -25.22 -24.94
CA GLN A 132 13.30 -25.06 -26.17
C GLN A 132 13.05 -26.21 -27.13
N GLN A 133 13.04 -27.43 -26.60
CA GLN A 133 12.81 -28.61 -27.41
C GLN A 133 11.36 -28.67 -27.89
N ALA A 134 10.45 -28.13 -27.08
CA ALA A 134 9.04 -28.12 -27.43
C ALA A 134 8.78 -27.34 -28.71
N TRP A 135 9.35 -26.15 -28.79
CA TRP A 135 9.19 -25.30 -29.97
C TRP A 135 9.94 -25.88 -31.17
N ARG A 136 11.19 -26.27 -30.95
CA ARG A 136 12.01 -26.84 -32.01
C ARG A 136 11.38 -28.11 -32.55
N ALA A 137 10.84 -28.93 -31.66
CA ALA A 137 10.20 -30.19 -32.06
C ALA A 137 8.91 -29.93 -32.83
N ARG A 138 8.06 -29.10 -32.26
CA ARG A 138 6.78 -28.76 -32.90
C ARG A 138 7.00 -28.10 -34.25
N ARG A 139 8.12 -27.40 -34.39
CA ARG A 139 8.45 -26.72 -35.63
C ARG A 139 8.86 -27.71 -36.71
N LEU A 140 9.41 -28.85 -36.29
CA LEU A 140 9.84 -29.88 -37.22
C LEU A 140 8.78 -30.96 -37.38
N ARG A 141 8.03 -31.19 -36.31
CA ARG A 141 6.97 -32.21 -36.33
C ARG A 141 5.73 -31.69 -37.05
N GLU A 142 5.28 -30.51 -36.67
CA GLU A 142 4.09 -29.91 -37.28
C GLU A 142 4.47 -28.69 -38.11
N SER A 143 5.46 -27.94 -37.64
CA SER A 143 5.91 -26.75 -38.35
C SER A 143 4.78 -25.74 -38.49
N LEU A 144 4.89 -24.63 -37.76
CA LEU A 144 3.87 -23.58 -37.81
C LEU A 144 2.52 -24.11 -37.32
N ALA A 145 2.13 -23.69 -36.12
CA ALA A 145 0.86 -24.12 -35.55
C ALA A 145 -0.15 -22.97 -35.52
N LYS A 146 -1.43 -23.32 -35.60
CA LYS A 146 -2.50 -22.31 -35.59
C LYS A 146 -3.35 -22.45 -34.34
N MET A 1 7.05 19.61 9.65
CA MET A 1 5.88 19.65 8.73
C MET A 1 4.78 20.55 9.27
N LYS A 2 4.36 21.51 8.46
CA LYS A 2 3.32 22.44 8.86
C LYS A 2 1.97 22.05 8.27
N LYS A 3 1.77 20.75 8.08
CA LYS A 3 0.53 20.24 7.51
C LYS A 3 -0.32 19.57 8.59
N ALA A 4 -1.50 20.14 8.84
CA ALA A 4 -2.41 19.61 9.85
C ALA A 4 -3.36 18.58 9.24
N THR A 5 -3.51 17.45 9.92
CA THR A 5 -4.39 16.38 9.45
C THR A 5 -5.85 16.74 9.68
N CYS A 6 -6.28 16.67 10.95
CA CYS A 6 -7.66 17.00 11.30
C CYS A 6 -7.71 17.73 12.64
N LEU A 7 -7.26 17.06 13.70
CA LEU A 7 -7.26 17.65 15.04
C LEU A 7 -8.68 17.91 15.55
N THR A 8 -9.68 17.42 14.83
CA THR A 8 -11.07 17.60 15.24
C THR A 8 -11.96 16.55 14.57
N ASP A 9 -13.19 16.43 15.06
CA ASP A 9 -14.14 15.46 14.52
C ASP A 9 -14.63 15.90 13.14
N ASP A 10 -14.78 17.20 12.95
CA ASP A 10 -15.26 17.73 11.67
C ASP A 10 -14.18 17.60 10.59
N GLN A 11 -12.95 17.94 10.94
CA GLN A 11 -11.84 17.86 9.99
C GLN A 11 -11.48 16.41 9.70
N ARG A 12 -11.56 15.56 10.73
CA ARG A 12 -11.25 14.15 10.58
C ARG A 12 -12.26 13.49 9.66
N TRP A 13 -13.54 13.72 9.94
CA TRP A 13 -14.61 13.16 9.13
C TRP A 13 -14.53 13.65 7.69
N GLN A 14 -13.85 14.78 7.49
CA GLN A 14 -13.70 15.35 6.16
C GLN A 14 -12.76 14.51 5.29
N SER A 15 -11.55 14.26 5.77
CA SER A 15 -10.57 13.47 5.03
C SER A 15 -11.17 12.13 4.61
N VAL A 16 -11.80 11.46 5.55
CA VAL A 16 -12.42 10.17 5.29
C VAL A 16 -13.59 10.31 4.32
N LEU A 17 -14.29 11.44 4.41
CA LEU A 17 -15.43 11.70 3.53
C LEU A 17 -14.94 12.01 2.12
N ALA A 18 -13.82 12.70 2.02
CA ALA A 18 -13.24 13.05 0.73
C ALA A 18 -12.73 11.81 0.00
N ARG A 19 -12.52 10.73 0.76
CA ARG A 19 -12.03 9.48 0.19
C ARG A 19 -10.63 9.64 -0.37
N ASP A 20 -9.89 10.62 0.14
CA ASP A 20 -8.53 10.88 -0.31
C ASP A 20 -7.66 9.63 -0.10
N PRO A 21 -7.28 8.94 -1.19
CA PRO A 21 -6.45 7.74 -1.10
C PRO A 21 -5.02 8.05 -0.69
N ASN A 22 -4.67 9.33 -0.66
CA ASN A 22 -3.32 9.75 -0.28
C ASN A 22 -3.30 10.16 1.19
N ALA A 23 -4.19 9.58 1.98
CA ALA A 23 -4.27 9.89 3.41
C ALA A 23 -3.53 8.85 4.23
N ASP A 24 -2.49 8.25 3.63
CA ASP A 24 -1.69 7.24 4.32
C ASP A 24 -1.15 7.79 5.64
N GLY A 25 -1.92 7.60 6.70
CA GLY A 25 -1.52 8.09 8.00
C GLY A 25 -2.55 9.03 8.62
N GLU A 26 -3.69 9.18 7.93
CA GLU A 26 -4.75 10.03 8.42
C GLU A 26 -5.29 9.53 9.75
N PHE A 27 -6.22 8.58 9.70
CA PHE A 27 -6.78 8.03 10.93
C PHE A 27 -7.60 6.77 10.67
N VAL A 28 -7.49 5.82 11.59
CA VAL A 28 -8.23 4.57 11.49
C VAL A 28 -9.59 4.71 12.16
N PHE A 29 -10.61 4.14 11.53
CA PHE A 29 -11.96 4.22 12.06
C PHE A 29 -12.41 2.89 12.64
N ALA A 30 -12.60 2.86 13.94
CA ALA A 30 -13.04 1.65 14.63
C ALA A 30 -14.56 1.55 14.64
N VAL A 31 -15.07 0.41 14.20
CA VAL A 31 -16.50 0.17 14.15
C VAL A 31 -16.94 -0.69 15.32
N ARG A 32 -17.86 -0.16 16.12
CA ARG A 32 -18.36 -0.89 17.29
C ARG A 32 -19.46 -1.86 16.89
N THR A 33 -20.22 -1.50 15.86
CA THR A 33 -21.31 -2.34 15.38
C THR A 33 -20.79 -3.65 14.81
N THR A 34 -19.63 -3.58 14.16
CA THR A 34 -19.01 -4.76 13.56
C THR A 34 -17.76 -5.18 14.33
N GLY A 35 -17.07 -4.20 14.90
CA GLY A 35 -15.86 -4.48 15.65
C GLY A 35 -14.62 -4.50 14.78
N ILE A 36 -14.59 -3.65 13.76
CA ILE A 36 -13.45 -3.57 12.86
C ILE A 36 -12.80 -2.20 12.88
N PHE A 37 -11.73 -2.06 12.11
CA PHE A 37 -11.01 -0.80 12.01
C PHE A 37 -10.52 -0.60 10.58
N ARG A 39 -8.48 1.38 7.43
CA ARG A 39 -7.22 2.10 7.17
C ARG A 39 -7.44 3.61 7.33
N PRO A 40 -6.35 4.41 7.29
CA PRO A 40 -6.45 5.86 7.45
C PRO A 40 -7.52 6.52 6.59
N SER A 41 -7.56 6.15 5.30
CA SER A 41 -8.54 6.71 4.35
C SER A 41 -9.93 6.07 4.49
N CYS A 42 -10.26 5.15 3.58
CA CYS A 42 -11.56 4.47 3.58
C CYS A 42 -12.70 5.46 3.53
N ARG A 43 -13.87 4.96 3.11
CA ARG A 43 -15.06 5.80 3.01
C ARG A 43 -16.31 4.94 2.81
N ALA A 44 -16.28 3.72 3.36
CA ALA A 44 -17.41 2.81 3.22
C ALA A 44 -18.54 3.18 4.18
N ARG A 45 -19.77 3.12 3.68
CA ARG A 45 -20.94 3.46 4.49
C ARG A 45 -21.10 2.48 5.64
N HIS A 46 -20.65 2.89 6.82
CA HIS A 46 -20.74 2.03 8.00
C HIS A 46 -20.37 2.83 9.26
N ALA A 47 -21.14 2.62 10.32
CA ALA A 47 -20.91 3.31 11.59
C ALA A 47 -21.14 4.81 11.44
N LEU A 48 -22.17 5.31 12.09
CA LEU A 48 -22.50 6.73 12.03
C LEU A 48 -21.42 7.56 12.71
N ARG A 49 -21.60 8.88 12.69
CA ARG A 49 -20.65 9.78 13.32
C ARG A 49 -20.56 9.55 14.82
N GLU A 50 -21.56 8.87 15.38
CA GLU A 50 -21.58 8.58 16.81
C GLU A 50 -21.20 7.12 17.09
N ASN A 51 -21.50 6.25 16.13
CA ASN A 51 -21.19 4.83 16.26
C ASN A 51 -19.86 4.48 15.58
N VAL A 52 -18.91 5.41 15.65
CA VAL A 52 -17.61 5.21 15.04
C VAL A 52 -16.49 5.65 15.97
N SER A 53 -15.41 4.87 16.01
CA SER A 53 -14.26 5.18 16.85
C SER A 53 -13.09 5.66 15.99
N PHE A 54 -12.23 6.49 16.58
CA PHE A 54 -11.08 7.01 15.86
C PHE A 54 -9.78 6.38 16.33
N TYR A 55 -8.82 6.27 15.42
CA TYR A 55 -7.52 5.69 15.74
C TYR A 55 -6.45 6.28 14.82
N ALA A 56 -5.19 6.08 15.21
CA ALA A 56 -4.07 6.59 14.42
C ALA A 56 -3.52 5.53 13.48
N ASN A 57 -3.37 4.32 13.99
CA ASN A 57 -2.85 3.21 13.20
C ASN A 57 -3.68 1.95 13.43
N ALA A 58 -3.32 0.89 12.73
CA ALA A 58 -4.03 -0.38 12.84
C ALA A 58 -3.64 -1.11 14.13
N SER A 59 -2.38 -1.00 14.51
CA SER A 59 -1.87 -1.65 15.72
C SER A 59 -2.60 -1.14 16.95
N GLU A 60 -3.00 0.13 16.93
CA GLU A 60 -3.70 0.72 18.06
C GLU A 60 -5.15 0.25 18.12
N ALA A 61 -5.86 0.39 17.01
CA ALA A 61 -7.25 -0.03 16.94
C ALA A 61 -7.38 -1.54 17.01
N LEU A 62 -6.47 -2.24 16.33
CA LEU A 62 -6.48 -3.70 16.32
C LEU A 62 -6.19 -4.24 17.72
N ALA A 63 -5.17 -3.68 18.36
CA ALA A 63 -4.79 -4.10 19.70
C ALA A 63 -5.95 -3.93 20.68
N ALA A 64 -6.83 -2.98 20.38
CA ALA A 64 -7.99 -2.72 21.24
C ALA A 64 -9.14 -3.68 20.95
N GLY A 65 -8.88 -4.69 20.12
CA GLY A 65 -9.92 -5.66 19.80
C GLY A 65 -10.77 -5.22 18.63
N PHE A 66 -10.17 -5.19 17.44
CA PHE A 66 -10.89 -4.77 16.24
C PHE A 66 -10.29 -5.44 14.99
N ARG A 67 -11.18 -5.92 14.11
CA ARG A 67 -10.74 -6.57 12.88
C ARG A 67 -10.34 -5.52 11.84
N PRO A 68 -9.36 -5.83 10.99
CA PRO A 68 -8.87 -4.91 9.97
C PRO A 68 -9.76 -4.84 8.72
N CYS A 69 -9.79 -3.68 8.08
CA CYS A 69 -10.57 -3.48 6.87
C CYS A 69 -9.70 -2.83 5.79
N LYS A 70 -9.35 -3.62 4.79
CA LYS A 70 -8.53 -3.14 3.69
C LYS A 70 -9.39 -2.54 2.59
N ARG A 71 -8.81 -2.37 1.40
CA ARG A 71 -9.53 -1.79 0.27
C ARG A 71 -9.68 -0.28 0.42
N CYS A 72 -9.05 0.28 1.47
CA CYS A 72 -9.11 1.71 1.71
C CYS A 72 -7.71 2.30 1.80
N GLN A 73 -6.76 1.67 1.10
CA GLN A 73 -5.38 2.13 1.10
C GLN A 73 -4.77 2.09 2.50
N PRO A 74 -4.16 0.96 2.87
CA PRO A 74 -3.53 0.80 4.18
C PRO A 74 -2.18 1.51 4.28
N GLU A 75 -1.44 1.21 5.33
CA GLU A 75 -0.13 1.82 5.54
C GLU A 75 0.98 0.91 5.01
N LYS A 76 2.17 1.48 4.85
CA LYS A 76 3.32 0.72 4.34
C LYS A 76 3.04 0.20 2.94
N ALA A 77 3.56 0.90 1.94
CA ALA A 77 3.37 0.50 0.55
C ALA A 77 4.22 -0.72 0.21
N ASN A 78 5.51 -0.65 0.52
CA ASN A 78 6.43 -1.75 0.25
C ASN A 78 6.49 -2.71 1.43
N ALA A 79 6.32 -4.01 1.14
CA ALA A 79 6.36 -5.02 2.17
C ALA A 79 7.64 -5.85 2.09
N GLN A 80 7.75 -6.64 1.03
CA GLN A 80 8.92 -7.48 0.82
C GLN A 80 10.02 -6.71 0.09
N GLN A 81 11.03 -6.28 0.83
CA GLN A 81 12.15 -5.53 0.26
C GLN A 81 13.29 -5.39 1.27
N HIS A 82 12.93 -5.10 2.51
CA HIS A 82 13.93 -4.94 3.57
C HIS A 82 14.49 -6.29 4.00
N ARG A 83 13.63 -7.30 4.03
CA ARG A 83 14.04 -8.64 4.41
C ARG A 83 15.06 -9.21 3.45
N LEU A 84 14.83 -9.00 2.15
CA LEU A 84 15.74 -9.48 1.12
C LEU A 84 17.06 -8.73 1.16
N ASP A 85 17.01 -7.48 1.61
CA ASP A 85 18.21 -6.65 1.70
C ASP A 85 19.15 -7.16 2.79
N LYS A 86 18.57 -7.73 3.84
CA LYS A 86 19.35 -8.25 4.95
C LYS A 86 20.10 -9.51 4.54
N ILE A 87 19.36 -10.52 4.07
CA ILE A 87 19.97 -11.77 3.64
C ILE A 87 21.03 -11.54 2.56
N THR A 88 20.76 -10.58 1.68
CA THR A 88 21.70 -10.25 0.62
C THR A 88 23.01 -9.76 1.19
N HIS A 89 22.92 -8.96 2.25
CA HIS A 89 24.10 -8.43 2.92
C HIS A 89 24.84 -9.53 3.65
N ALA A 90 24.08 -10.50 4.15
CA ALA A 90 24.65 -11.63 4.88
C ALA A 90 25.36 -12.59 3.94
N CYS A 91 24.74 -12.85 2.79
CA CYS A 91 25.32 -13.76 1.79
C CYS A 91 26.72 -13.33 1.39
N ARG A 92 26.87 -12.07 1.01
CA ARG A 92 28.18 -11.55 0.60
C ARG A 92 29.15 -11.52 1.77
N LEU A 93 28.60 -11.33 2.98
CA LEU A 93 29.43 -11.29 4.18
C LEU A 93 30.02 -12.66 4.50
N LEU A 94 29.19 -13.69 4.38
CA LEU A 94 29.63 -15.05 4.65
C LEU A 94 30.03 -15.76 3.36
N GLU A 95 30.77 -15.05 2.50
CA GLU A 95 31.21 -15.61 1.23
C GLU A 95 32.66 -16.08 1.33
N GLN A 96 33.06 -16.52 2.53
CA GLN A 96 34.42 -17.00 2.75
C GLN A 96 34.45 -18.52 2.83
N GLU A 97 35.57 -19.11 2.42
CA GLU A 97 35.73 -20.56 2.45
C GLU A 97 35.72 -21.07 3.88
N THR A 98 36.22 -20.26 4.81
CA THR A 98 36.27 -20.64 6.22
C THR A 98 34.89 -20.52 6.86
N PRO A 99 34.51 -21.49 7.71
CA PRO A 99 33.22 -21.48 8.39
C PRO A 99 33.12 -20.38 9.44
N VAL A 100 32.16 -19.47 9.25
CA VAL A 100 31.97 -18.37 10.18
C VAL A 100 30.76 -18.62 11.07
N THR A 101 30.72 -17.93 12.21
CA THR A 101 29.63 -18.09 13.16
C THR A 101 28.33 -17.54 12.57
N LEU A 102 27.29 -18.38 12.56
CA LEU A 102 26.00 -18.00 12.03
C LEU A 102 25.37 -16.88 12.86
N GLU A 103 25.47 -17.01 14.19
CA GLU A 103 24.92 -16.01 15.09
C GLU A 103 25.49 -14.63 14.81
N ALA A 104 26.71 -14.59 14.29
CA ALA A 104 27.36 -13.32 13.98
C ALA A 104 26.47 -12.50 13.05
N LEU A 105 25.97 -13.15 12.00
CA LEU A 105 25.08 -12.48 11.06
C LEU A 105 23.80 -12.09 11.79
N ALA A 106 23.45 -12.88 12.80
CA ALA A 106 22.26 -12.63 13.60
C ALA A 106 22.49 -11.42 14.51
N ASP A 107 23.75 -11.21 14.89
CA ASP A 107 24.12 -10.09 15.75
C ASP A 107 23.79 -8.76 15.09
N GLN A 108 24.20 -8.61 13.84
CA GLN A 108 23.94 -7.39 13.09
C GLN A 108 22.46 -7.23 12.77
N VAL A 109 21.78 -8.35 12.59
CA VAL A 109 20.35 -8.34 12.28
C VAL A 109 19.52 -8.18 13.54
N ALA A 110 20.12 -8.45 14.69
CA ALA A 110 19.43 -8.34 15.97
C ALA A 110 18.35 -9.41 16.11
N MET A 111 18.67 -10.62 15.71
CA MET A 111 17.73 -11.73 15.79
C MET A 111 18.45 -13.04 16.07
N SER A 112 17.70 -14.14 16.10
CA SER A 112 18.27 -15.46 16.34
C SER A 112 18.63 -16.15 15.03
N PRO A 113 19.43 -17.22 15.10
CA PRO A 113 19.83 -17.98 13.90
C PRO A 113 18.64 -18.60 13.18
N PHE A 114 17.51 -18.66 13.86
CA PHE A 114 16.30 -19.24 13.27
C PHE A 114 15.68 -18.29 12.25
N HIS A 115 15.72 -17.00 12.55
CA HIS A 115 15.17 -15.99 11.66
C HIS A 115 16.00 -15.87 10.39
N LEU A 116 17.32 -15.82 10.55
CA LEU A 116 18.23 -15.71 9.41
C LEU A 116 18.14 -16.96 8.52
N HIS A 117 18.04 -18.11 9.16
CA HIS A 117 17.96 -19.37 8.43
C HIS A 117 16.76 -19.39 7.49
N ARG A 118 15.58 -19.10 8.04
CA ARG A 118 14.35 -19.09 7.26
C ARG A 118 14.39 -18.00 6.20
N LEU A 119 14.89 -16.83 6.57
CA LEU A 119 14.99 -15.71 5.65
C LEU A 119 15.99 -15.99 4.53
N PHE A 120 17.19 -16.45 4.91
CA PHE A 120 18.23 -16.76 3.94
C PHE A 120 17.77 -17.85 2.99
N LYS A 121 17.23 -18.93 3.53
CA LYS A 121 16.76 -20.05 2.73
C LYS A 121 15.62 -19.61 1.80
N ALA A 122 14.86 -18.61 2.25
CA ALA A 122 13.73 -18.09 1.46
C ALA A 122 14.21 -17.51 0.14
N THR A 123 15.24 -16.67 0.22
CA THR A 123 15.79 -16.02 -0.97
C THR A 123 16.85 -16.91 -1.63
N THR A 124 17.94 -17.17 -0.91
CA THR A 124 19.02 -18.00 -1.42
C THR A 124 18.51 -19.38 -1.83
N GLY A 125 17.87 -20.07 -0.89
CA GLY A 125 17.34 -21.39 -1.18
C GLY A 125 18.08 -22.48 -0.42
N MET A 126 19.34 -22.24 -0.11
CA MET A 126 20.16 -23.21 0.61
C MET A 126 20.98 -22.53 1.70
N THR A 127 21.37 -23.31 2.70
CA THR A 127 22.15 -22.79 3.81
C THR A 127 23.63 -22.70 3.44
N PRO A 128 24.43 -21.97 4.24
CA PRO A 128 25.87 -21.81 3.98
C PRO A 128 26.60 -23.15 4.00
N LYS A 129 26.08 -24.10 4.77
CA LYS A 129 26.68 -25.42 4.87
C LYS A 129 26.48 -26.21 3.58
N ALA A 130 25.35 -25.97 2.92
CA ALA A 130 25.04 -26.65 1.66
C ALA A 130 25.85 -26.08 0.51
N TRP A 131 26.19 -24.80 0.60
CA TRP A 131 26.97 -24.14 -0.44
C TRP A 131 28.42 -24.60 -0.41
N GLN A 132 28.94 -24.83 0.80
CA GLN A 132 30.33 -25.28 0.95
C GLN A 132 30.51 -26.68 0.38
N GLN A 133 29.56 -27.56 0.67
CA GLN A 133 29.62 -28.93 0.17
C GLN A 133 29.33 -29.00 -1.33
N ALA A 134 28.57 -28.02 -1.81
CA ALA A 134 28.22 -27.96 -3.23
C ALA A 134 29.46 -27.84 -4.10
N TRP A 135 30.40 -27.00 -3.66
CA TRP A 135 31.64 -26.79 -4.41
C TRP A 135 32.57 -27.99 -4.27
N ARG A 136 32.56 -28.58 -3.09
CA ARG A 136 33.41 -29.75 -2.82
C ARG A 136 33.00 -30.93 -3.71
N ALA A 137 31.71 -31.20 -3.77
CA ALA A 137 31.20 -32.30 -4.59
C ALA A 137 31.51 -32.09 -6.06
N ARG A 138 31.53 -30.82 -6.48
CA ARG A 138 31.82 -30.48 -7.86
C ARG A 138 33.31 -30.62 -8.16
N ARG A 139 34.14 -30.37 -7.14
CA ARG A 139 35.58 -30.46 -7.29
C ARG A 139 36.03 -31.92 -7.29
N LEU A 140 35.32 -32.76 -6.54
CA LEU A 140 35.64 -34.17 -6.46
C LEU A 140 35.01 -34.95 -7.60
N ARG A 141 33.84 -34.49 -8.05
CA ARG A 141 33.13 -35.14 -9.15
C ARG A 141 33.86 -34.93 -10.47
N GLU A 142 34.52 -33.78 -10.60
CA GLU A 142 35.26 -33.45 -11.81
C GLU A 142 36.66 -34.03 -11.77
N SER A 143 37.23 -34.11 -10.57
CA SER A 143 38.58 -34.65 -10.38
C SER A 143 38.56 -36.16 -10.38
N LEU A 144 37.94 -36.74 -9.35
CA LEU A 144 37.85 -38.19 -9.23
C LEU A 144 36.70 -38.74 -10.08
N ALA A 145 37.04 -39.60 -11.03
CA ALA A 145 36.05 -40.21 -11.91
C ALA A 145 35.77 -41.66 -11.53
N LYS A 146 34.51 -41.98 -11.31
CA LYS A 146 34.12 -43.34 -10.94
C LYS A 146 33.07 -43.89 -11.90
N MET A 1 0.25 8.53 25.22
CA MET A 1 -0.30 9.88 25.53
C MET A 1 -0.52 10.69 24.26
N LYS A 2 -1.28 11.77 24.39
CA LYS A 2 -1.57 12.63 23.25
C LYS A 2 -2.31 11.88 22.16
N LYS A 3 -3.62 12.03 22.12
CA LYS A 3 -4.45 11.35 21.12
C LYS A 3 -4.57 12.20 19.85
N ALA A 4 -4.32 11.58 18.71
CA ALA A 4 -4.40 12.26 17.43
C ALA A 4 -5.85 12.55 17.05
N THR A 5 -6.20 13.84 16.99
CA THR A 5 -7.56 14.24 16.64
C THR A 5 -7.54 15.36 15.60
N CYS A 6 -6.46 15.44 14.83
CA CYS A 6 -6.33 16.45 13.79
C CYS A 6 -6.50 17.85 14.38
N LEU A 7 -6.26 18.85 13.55
CA LEU A 7 -6.40 20.25 13.98
C LEU A 7 -7.80 20.48 14.55
N THR A 8 -8.74 19.65 14.11
CA THR A 8 -10.12 19.75 14.57
C THR A 8 -10.85 18.42 14.36
N ASP A 9 -11.95 18.24 15.09
CA ASP A 9 -12.74 17.02 14.98
C ASP A 9 -13.49 16.97 13.65
N ASP A 10 -13.83 18.15 13.14
CA ASP A 10 -14.56 18.26 11.88
C ASP A 10 -13.68 17.89 10.69
N GLN A 11 -12.42 18.32 10.73
CA GLN A 11 -11.48 18.03 9.65
C GLN A 11 -11.32 16.53 9.44
N ARG A 12 -11.35 15.77 10.54
CA ARG A 12 -11.19 14.33 10.46
C ARG A 12 -12.30 13.71 9.60
N TRP A 13 -13.55 13.98 9.97
CA TRP A 13 -14.69 13.45 9.23
C TRP A 13 -14.62 13.85 7.75
N GLN A 14 -13.88 14.92 7.47
CA GLN A 14 -13.72 15.41 6.10
C GLN A 14 -12.92 14.44 5.25
N SER A 15 -11.71 14.10 5.72
CA SER A 15 -10.84 13.19 4.99
C SER A 15 -11.53 11.85 4.76
N VAL A 16 -12.38 11.45 5.70
CA VAL A 16 -13.09 10.18 5.60
C VAL A 16 -14.05 10.19 4.40
N LEU A 17 -14.85 11.24 4.31
CA LEU A 17 -15.82 11.36 3.22
C LEU A 17 -15.10 11.68 1.90
N ALA A 18 -14.00 12.39 1.98
CA ALA A 18 -13.22 12.76 0.80
C ALA A 18 -12.58 11.53 0.17
N ARG A 19 -12.39 10.47 0.96
CA ARG A 19 -11.78 9.25 0.47
C ARG A 19 -10.34 9.49 0.03
N ASP A 20 -9.70 10.49 0.61
CA ASP A 20 -8.32 10.82 0.27
C ASP A 20 -7.43 9.59 0.38
N PRO A 21 -7.00 9.02 -0.76
CA PRO A 21 -6.14 7.84 -0.79
C PRO A 21 -4.73 8.14 -0.27
N ASN A 22 -4.40 9.42 -0.19
CA ASN A 22 -3.08 9.83 0.29
C ASN A 22 -3.13 10.19 1.77
N ALA A 23 -4.05 9.54 2.49
CA ALA A 23 -4.20 9.79 3.92
C ALA A 23 -3.42 8.77 4.74
N ASP A 24 -2.34 8.24 4.17
CA ASP A 24 -1.51 7.26 4.86
C ASP A 24 -1.03 7.83 6.19
N GLY A 25 -1.80 7.59 7.24
CA GLY A 25 -1.47 8.09 8.56
C GLY A 25 -2.54 9.03 9.10
N GLU A 26 -3.64 9.17 8.36
CA GLU A 26 -4.74 10.03 8.77
C GLU A 26 -5.38 9.52 10.04
N PHE A 27 -6.25 8.52 9.92
CA PHE A 27 -6.91 7.96 11.09
C PHE A 27 -7.68 6.69 10.75
N VAL A 28 -7.64 5.73 11.67
CA VAL A 28 -8.34 4.47 11.49
C VAL A 28 -9.75 4.55 12.06
N PHE A 29 -10.73 4.11 11.29
CA PHE A 29 -12.12 4.16 11.72
C PHE A 29 -12.57 2.83 12.31
N ALA A 30 -12.83 2.83 13.62
CA ALA A 30 -13.27 1.62 14.30
C ALA A 30 -14.79 1.51 14.24
N VAL A 31 -15.28 0.37 13.75
CA VAL A 31 -16.72 0.14 13.64
C VAL A 31 -17.24 -0.65 14.83
N ARG A 32 -17.99 0.02 15.69
CA ARG A 32 -18.56 -0.64 16.87
C ARG A 32 -19.65 -1.63 16.48
N THR A 33 -20.24 -1.43 15.31
CA THR A 33 -21.30 -2.31 14.82
C THR A 33 -20.71 -3.43 13.96
N THR A 34 -19.60 -4.00 14.42
CA THR A 34 -18.94 -5.08 13.71
C THR A 34 -17.65 -5.49 14.43
N GLY A 35 -16.96 -4.50 14.99
CA GLY A 35 -15.73 -4.76 15.71
C GLY A 35 -14.53 -4.73 14.79
N ILE A 36 -14.57 -3.86 13.78
CA ILE A 36 -13.45 -3.74 12.84
C ILE A 36 -12.90 -2.33 12.81
N PHE A 37 -11.85 -2.13 12.01
CA PHE A 37 -11.22 -0.84 11.86
C PHE A 37 -10.62 -0.70 10.46
N ARG A 39 -8.21 1.23 7.45
CA ARG A 39 -6.95 1.93 7.31
C ARG A 39 -7.14 3.44 7.48
N PRO A 40 -6.07 4.23 7.56
CA PRO A 40 -6.18 5.68 7.72
C PRO A 40 -7.21 6.30 6.78
N SER A 41 -7.18 5.86 5.52
CA SER A 41 -8.11 6.36 4.51
C SER A 41 -9.48 5.68 4.65
N CYS A 42 -9.97 5.07 3.57
CA CYS A 42 -11.27 4.39 3.56
C CYS A 42 -12.41 5.39 3.72
N ARG A 43 -13.59 4.99 3.25
CA ARG A 43 -14.78 5.84 3.34
C ARG A 43 -16.05 5.01 3.16
N ALA A 44 -15.98 3.74 3.54
CA ALA A 44 -17.13 2.85 3.42
C ALA A 44 -18.24 3.26 4.38
N ARG A 45 -19.45 3.37 3.86
CA ARG A 45 -20.60 3.76 4.67
C ARG A 45 -20.78 2.79 5.85
N HIS A 46 -20.30 3.19 7.01
CA HIS A 46 -20.41 2.36 8.21
C HIS A 46 -20.20 3.19 9.46
N ALA A 47 -20.99 2.91 10.50
CA ALA A 47 -20.87 3.64 11.75
C ALA A 47 -21.15 5.12 11.56
N LEU A 48 -22.28 5.58 12.07
CA LEU A 48 -22.66 6.98 11.96
C LEU A 48 -21.76 7.86 12.81
N ARG A 49 -22.11 9.14 12.93
CA ARG A 49 -21.32 10.08 13.72
C ARG A 49 -21.62 9.90 15.21
N GLU A 50 -21.41 8.69 15.70
CA GLU A 50 -21.65 8.38 17.10
C GLU A 50 -21.24 6.94 17.43
N ASN A 51 -21.50 6.04 16.47
CA ASN A 51 -21.15 4.63 16.65
C ASN A 51 -19.84 4.30 15.97
N VAL A 52 -18.95 5.29 15.89
CA VAL A 52 -17.66 5.10 15.26
C VAL A 52 -16.53 5.61 16.16
N SER A 53 -15.48 4.80 16.30
CA SER A 53 -14.34 5.17 17.14
C SER A 53 -13.14 5.53 16.28
N PHE A 54 -12.51 6.67 16.57
CA PHE A 54 -11.35 7.11 15.82
C PHE A 54 -10.08 6.44 16.33
N TYR A 55 -9.12 6.26 15.44
CA TYR A 55 -7.85 5.64 15.80
C TYR A 55 -6.72 6.23 14.97
N ALA A 56 -5.48 6.08 15.46
CA ALA A 56 -4.32 6.60 14.76
C ALA A 56 -3.72 5.56 13.82
N ASN A 57 -3.63 4.32 14.30
CA ASN A 57 -3.08 3.23 13.50
C ASN A 57 -3.86 1.95 13.71
N ALA A 58 -3.57 0.94 12.90
CA ALA A 58 -4.26 -0.34 13.00
C ALA A 58 -3.83 -1.09 14.26
N SER A 59 -2.54 -1.00 14.59
CA SER A 59 -2.01 -1.67 15.76
C SER A 59 -2.70 -1.19 17.03
N GLU A 60 -3.14 0.07 17.02
CA GLU A 60 -3.81 0.66 18.17
C GLU A 60 -5.24 0.15 18.30
N ALA A 61 -5.99 0.25 17.20
CA ALA A 61 -7.38 -0.20 17.19
C ALA A 61 -7.46 -1.72 17.21
N LEU A 62 -6.47 -2.38 16.60
CA LEU A 62 -6.43 -3.84 16.57
C LEU A 62 -6.18 -4.41 17.95
N ALA A 63 -5.21 -3.83 18.66
CA ALA A 63 -4.88 -4.28 20.00
C ALA A 63 -6.08 -4.19 20.94
N ALA A 64 -6.87 -3.16 20.75
CA ALA A 64 -8.06 -2.94 21.58
C ALA A 64 -9.05 -4.09 21.41
N GLY A 65 -9.01 -4.73 20.24
CA GLY A 65 -9.91 -5.84 19.98
C GLY A 65 -10.82 -5.57 18.79
N PHE A 66 -10.21 -5.19 17.68
CA PHE A 66 -10.98 -4.90 16.46
C PHE A 66 -10.29 -5.48 15.23
N ARG A 67 -11.08 -6.02 14.31
CA ARG A 67 -10.54 -6.61 13.08
C ARG A 67 -10.20 -5.52 12.07
N PRO A 68 -9.20 -5.76 11.21
CA PRO A 68 -8.77 -4.78 10.22
C PRO A 68 -9.57 -4.82 8.93
N CYS A 69 -9.75 -3.66 8.33
CA CYS A 69 -10.48 -3.54 7.06
C CYS A 69 -9.56 -2.97 5.98
N LYS A 70 -9.17 -3.84 5.05
CA LYS A 70 -8.28 -3.44 3.96
C LYS A 70 -9.08 -2.92 2.77
N ARG A 71 -8.47 -2.93 1.60
CA ARG A 71 -9.13 -2.45 0.38
C ARG A 71 -9.38 -0.95 0.45
N CYS A 72 -8.75 -0.28 1.42
CA CYS A 72 -8.90 1.16 1.57
C CYS A 72 -7.54 1.84 1.68
N GLN A 73 -6.54 1.25 1.01
CA GLN A 73 -5.18 1.80 1.01
C GLN A 73 -4.66 1.93 2.44
N PRO A 74 -3.77 1.00 2.86
CA PRO A 74 -3.18 1.02 4.21
C PRO A 74 -2.15 2.12 4.38
N GLU A 75 -1.27 2.26 3.38
CA GLU A 75 -0.23 3.28 3.41
C GLU A 75 0.20 3.66 2.01
N LYS A 76 0.41 2.65 1.17
CA LYS A 76 0.83 2.88 -0.21
C LYS A 76 0.12 1.92 -1.15
N ALA A 77 0.14 0.63 -0.81
CA ALA A 77 -0.50 -0.39 -1.63
C ALA A 77 0.14 -0.48 -3.01
N ASN A 78 -0.23 0.43 -3.90
CA ASN A 78 0.32 0.45 -5.25
C ASN A 78 1.00 1.78 -5.54
N ALA A 79 2.29 1.73 -5.84
CA ALA A 79 3.06 2.93 -6.14
C ALA A 79 3.55 2.92 -7.58
N GLN A 80 2.73 3.42 -8.49
CA GLN A 80 3.08 3.46 -9.91
C GLN A 80 3.31 2.06 -10.45
N GLN A 81 2.40 1.61 -11.31
CA GLN A 81 2.50 0.29 -11.91
C GLN A 81 1.96 0.29 -13.33
N HIS A 82 2.67 -0.38 -14.23
CA HIS A 82 2.27 -0.46 -15.63
C HIS A 82 2.16 -1.91 -16.09
N ARG A 83 1.05 -2.25 -16.73
CA ARG A 83 0.82 -3.61 -17.22
C ARG A 83 1.92 -4.02 -18.19
N LEU A 84 2.30 -3.12 -19.09
CA LEU A 84 3.34 -3.40 -20.08
C LEU A 84 4.70 -3.46 -19.41
N ASP A 85 4.88 -2.71 -18.34
CA ASP A 85 6.14 -2.69 -17.62
C ASP A 85 6.37 -3.99 -16.86
N LYS A 86 5.27 -4.59 -16.39
CA LYS A 86 5.35 -5.84 -15.64
C LYS A 86 5.74 -7.00 -16.56
N ILE A 87 4.98 -7.20 -17.62
CA ILE A 87 5.26 -8.28 -18.56
C ILE A 87 6.67 -8.19 -19.11
N THR A 88 7.12 -6.96 -19.35
CA THR A 88 8.47 -6.74 -19.87
C THR A 88 9.50 -7.25 -18.88
N HIS A 89 9.26 -6.99 -17.60
CA HIS A 89 10.16 -7.43 -16.55
C HIS A 89 10.09 -8.95 -16.39
N ALA A 90 8.90 -9.50 -16.60
CA ALA A 90 8.70 -10.94 -16.48
C ALA A 90 9.41 -11.70 -17.59
N CYS A 91 9.30 -11.18 -18.81
CA CYS A 91 9.94 -11.81 -19.97
C CYS A 91 11.44 -11.96 -19.74
N ARG A 92 12.06 -10.93 -19.19
CA ARG A 92 13.49 -10.95 -18.92
C ARG A 92 13.81 -11.81 -17.70
N LEU A 93 12.88 -11.84 -16.75
CA LEU A 93 13.05 -12.63 -15.54
C LEU A 93 13.03 -14.12 -15.83
N LEU A 94 12.53 -14.49 -17.01
CA LEU A 94 12.45 -15.89 -17.41
C LEU A 94 13.65 -16.28 -18.27
N GLU A 95 14.79 -15.63 -18.05
CA GLU A 95 15.99 -15.91 -18.81
C GLU A 95 16.95 -16.79 -18.00
N GLN A 96 16.43 -17.93 -17.55
CA GLN A 96 17.23 -18.86 -16.76
C GLN A 96 17.43 -20.19 -17.50
N GLU A 97 16.46 -20.54 -18.34
CA GLU A 97 16.53 -21.78 -19.10
C GLU A 97 16.44 -23.00 -18.18
N THR A 98 15.70 -22.86 -17.10
CA THR A 98 15.54 -23.95 -16.13
C THR A 98 14.06 -24.15 -15.79
N PRO A 99 13.73 -25.27 -15.14
CA PRO A 99 12.35 -25.58 -14.75
C PRO A 99 11.83 -24.63 -13.68
N VAL A 100 11.01 -23.66 -14.10
CA VAL A 100 10.44 -22.69 -13.18
C VAL A 100 8.92 -22.81 -13.12
N THR A 101 8.36 -22.50 -11.95
CA THR A 101 6.92 -22.58 -11.76
C THR A 101 6.23 -21.34 -12.31
N LEU A 102 4.93 -21.47 -12.61
CA LEU A 102 4.16 -20.37 -13.15
C LEU A 102 3.90 -19.31 -12.08
N GLU A 103 3.47 -19.76 -10.91
CA GLU A 103 3.19 -18.85 -9.80
C GLU A 103 4.41 -18.02 -9.44
N ALA A 104 5.60 -18.57 -9.69
CA ALA A 104 6.84 -17.87 -9.40
C ALA A 104 6.84 -16.52 -10.08
N LEU A 105 6.50 -16.51 -11.36
CA LEU A 105 6.42 -15.26 -12.12
C LEU A 105 5.33 -14.39 -11.53
N ALA A 106 4.31 -15.04 -10.97
CA ALA A 106 3.20 -14.34 -10.34
C ALA A 106 3.65 -13.70 -9.03
N ASP A 107 4.61 -14.35 -8.37
CA ASP A 107 5.16 -13.87 -7.11
C ASP A 107 5.76 -12.47 -7.27
N GLN A 108 6.59 -12.31 -8.29
CA GLN A 108 7.23 -11.03 -8.56
C GLN A 108 6.21 -9.97 -8.92
N VAL A 109 5.16 -10.38 -9.64
CA VAL A 109 4.12 -9.46 -10.05
C VAL A 109 3.10 -9.23 -8.92
N ALA A 110 3.06 -10.15 -7.96
CA ALA A 110 2.15 -10.05 -6.84
C ALA A 110 0.70 -10.16 -7.30
N MET A 111 0.47 -10.92 -8.37
CA MET A 111 -0.87 -11.11 -8.91
C MET A 111 -1.13 -12.58 -9.20
N SER A 112 -2.39 -12.91 -9.48
CA SER A 112 -2.77 -14.28 -9.78
C SER A 112 -2.40 -14.64 -11.21
N PRO A 113 -2.35 -15.94 -11.53
CA PRO A 113 -2.01 -16.43 -12.87
C PRO A 113 -2.95 -15.88 -13.95
N PHE A 114 -4.10 -15.38 -13.53
CA PHE A 114 -5.08 -14.84 -14.46
C PHE A 114 -4.63 -13.49 -15.01
N HIS A 115 -4.10 -12.65 -14.13
CA HIS A 115 -3.63 -11.33 -14.51
C HIS A 115 -2.41 -11.43 -15.42
N LEU A 116 -1.44 -12.23 -15.02
CA LEU A 116 -0.21 -12.41 -15.80
C LEU A 116 -0.52 -12.98 -17.18
N HIS A 117 -1.34 -14.03 -17.21
CA HIS A 117 -1.71 -14.67 -18.47
C HIS A 117 -2.39 -13.68 -19.40
N ARG A 118 -3.22 -12.81 -18.84
CA ARG A 118 -3.94 -11.81 -19.64
C ARG A 118 -3.00 -10.68 -20.05
N LEU A 119 -2.13 -10.26 -19.13
CA LEU A 119 -1.19 -9.18 -19.40
C LEU A 119 -0.19 -9.60 -20.47
N PHE A 120 0.31 -10.83 -20.36
CA PHE A 120 1.28 -11.34 -21.31
C PHE A 120 0.66 -11.49 -22.71
N LYS A 121 -0.59 -11.91 -22.74
CA LYS A 121 -1.30 -12.09 -24.01
C LYS A 121 -1.73 -10.76 -24.60
N ALA A 122 -1.94 -9.78 -23.73
CA ALA A 122 -2.36 -8.44 -24.16
C ALA A 122 -1.21 -7.70 -24.84
N THR A 123 0.02 -8.02 -24.44
CA THR A 123 1.20 -7.38 -25.01
C THR A 123 1.95 -8.33 -25.93
N THR A 124 2.52 -9.38 -25.35
CA THR A 124 3.26 -10.37 -26.12
C THR A 124 2.34 -11.21 -26.99
N GLY A 125 1.18 -11.57 -26.44
CA GLY A 125 0.22 -12.37 -27.18
C GLY A 125 0.66 -13.81 -27.32
N MET A 126 1.39 -14.31 -26.32
CA MET A 126 1.86 -15.69 -26.34
C MET A 126 1.85 -16.29 -24.94
N THR A 127 1.67 -17.60 -24.87
CA THR A 127 1.63 -18.30 -23.58
C THR A 127 3.04 -18.60 -23.10
N PRO A 128 3.21 -18.78 -21.77
CA PRO A 128 4.53 -19.08 -21.17
C PRO A 128 5.14 -20.35 -21.76
N LYS A 129 4.29 -21.27 -22.21
CA LYS A 129 4.76 -22.52 -22.79
C LYS A 129 5.28 -22.30 -24.21
N ALA A 130 4.65 -21.38 -24.93
CA ALA A 130 5.05 -21.07 -26.29
C ALA A 130 6.41 -20.38 -26.33
N TRP A 131 6.65 -19.51 -25.34
CA TRP A 131 7.91 -18.79 -25.25
C TRP A 131 9.09 -19.74 -25.12
N GLN A 132 8.95 -20.72 -24.23
CA GLN A 132 9.99 -21.71 -24.00
C GLN A 132 10.06 -22.69 -25.17
N GLN A 133 8.90 -23.14 -25.63
CA GLN A 133 8.83 -24.09 -26.74
C GLN A 133 9.48 -23.50 -27.99
N ALA A 134 9.31 -22.20 -28.18
CA ALA A 134 9.88 -21.51 -29.34
C ALA A 134 11.39 -21.42 -29.24
N TRP A 135 11.89 -21.14 -28.03
CA TRP A 135 13.32 -21.03 -27.81
C TRP A 135 14.03 -22.36 -28.05
N ARG A 136 13.47 -23.42 -27.46
CA ARG A 136 14.06 -24.75 -27.61
C ARG A 136 13.89 -25.26 -29.04
N ALA A 137 12.81 -24.83 -29.70
CA ALA A 137 12.54 -25.24 -31.07
C ALA A 137 13.45 -24.53 -32.05
N ARG A 138 13.79 -23.28 -31.73
CA ARG A 138 14.66 -22.48 -32.59
C ARG A 138 16.11 -22.94 -32.47
N ARG A 139 16.47 -23.44 -31.29
CA ARG A 139 17.83 -23.91 -31.04
C ARG A 139 18.07 -25.26 -31.71
N LEU A 140 16.99 -26.03 -31.87
CA LEU A 140 17.07 -27.35 -32.51
C LEU A 140 17.10 -27.23 -34.02
N ARG A 141 16.26 -26.36 -34.57
CA ARG A 141 16.18 -26.16 -36.01
C ARG A 141 17.44 -25.46 -36.52
N GLU A 142 18.04 -24.62 -35.68
CA GLU A 142 19.24 -23.89 -36.06
C GLU A 142 20.45 -24.40 -35.28
N SER A 143 20.43 -25.68 -34.94
CA SER A 143 21.52 -26.29 -34.19
C SER A 143 22.63 -26.76 -35.13
N LEU A 144 22.24 -27.37 -36.26
CA LEU A 144 23.20 -27.85 -37.23
C LEU A 144 22.77 -27.48 -38.65
N ALA A 145 23.73 -27.47 -39.56
CA ALA A 145 23.45 -27.13 -40.96
C ALA A 145 23.54 -28.35 -41.85
N LYS A 146 22.38 -28.84 -42.28
CA LYS A 146 22.32 -30.02 -43.14
C LYS A 146 21.09 -29.97 -44.05
N MET A 1 5.95 9.35 20.26
CA MET A 1 4.47 9.28 20.35
C MET A 1 3.82 10.30 19.41
N LYS A 2 3.19 9.80 18.35
CA LYS A 2 2.53 10.66 17.39
C LYS A 2 1.26 10.00 16.83
N LYS A 3 0.11 10.46 17.31
CA LYS A 3 -1.17 9.91 16.88
C LYS A 3 -1.67 10.63 15.63
N ALA A 4 -1.90 9.87 14.56
CA ALA A 4 -2.38 10.43 13.31
C ALA A 4 -3.83 10.89 13.44
N THR A 5 -4.03 12.19 13.63
CA THR A 5 -5.36 12.75 13.77
C THR A 5 -5.39 14.21 13.35
N CYS A 6 -6.52 14.65 12.80
CA CYS A 6 -6.68 16.03 12.36
C CYS A 6 -6.63 17.00 13.54
N LEU A 7 -6.89 18.27 13.26
CA LEU A 7 -6.88 19.29 14.30
C LEU A 7 -8.21 19.34 15.04
N THR A 8 -9.21 18.65 14.52
CA THR A 8 -10.53 18.63 15.14
C THR A 8 -11.31 17.39 14.70
N ASP A 9 -12.47 17.17 15.34
CA ASP A 9 -13.32 16.04 15.01
C ASP A 9 -14.00 16.22 13.66
N ASP A 10 -14.33 17.47 13.34
CA ASP A 10 -15.00 17.78 12.08
C ASP A 10 -14.03 17.63 10.91
N GLN A 11 -12.81 18.14 11.09
CA GLN A 11 -11.80 18.07 10.03
C GLN A 11 -11.50 16.63 9.64
N ARG A 12 -11.32 15.77 10.65
CA ARG A 12 -11.04 14.37 10.39
C ARG A 12 -12.18 13.71 9.62
N TRP A 13 -13.40 13.95 10.08
CA TRP A 13 -14.59 13.38 9.44
C TRP A 13 -14.64 13.75 7.96
N GLN A 14 -13.98 14.84 7.59
CA GLN A 14 -13.95 15.29 6.21
C GLN A 14 -13.19 14.29 5.32
N SER A 15 -11.96 13.98 5.69
CA SER A 15 -11.15 13.05 4.91
C SER A 15 -11.89 11.73 4.73
N VAL A 16 -12.68 11.35 5.71
CA VAL A 16 -13.45 10.11 5.65
C VAL A 16 -14.46 10.17 4.52
N LEU A 17 -15.23 11.26 4.47
CA LEU A 17 -16.24 11.44 3.43
C LEU A 17 -15.58 11.74 2.09
N ALA A 18 -14.46 12.47 2.15
CA ALA A 18 -13.73 12.82 0.94
C ALA A 18 -13.12 11.59 0.26
N ARG A 19 -13.08 10.48 0.99
CA ARG A 19 -12.52 9.23 0.48
C ARG A 19 -11.19 9.45 -0.21
N ASP A 20 -10.36 10.33 0.36
CA ASP A 20 -9.06 10.62 -0.20
C ASP A 20 -8.15 9.39 -0.14
N PRO A 21 -7.84 8.78 -1.29
CA PRO A 21 -6.98 7.58 -1.34
C PRO A 21 -5.56 7.88 -0.90
N ASN A 22 -5.21 9.16 -0.81
CA ASN A 22 -3.88 9.57 -0.40
C ASN A 22 -3.87 10.00 1.06
N ALA A 23 -4.71 9.37 1.87
CA ALA A 23 -4.79 9.69 3.29
C ALA A 23 -3.91 8.76 4.12
N ASP A 24 -2.85 8.24 3.50
CA ASP A 24 -1.92 7.35 4.19
C ASP A 24 -1.36 8.03 5.43
N GLY A 25 -2.03 7.81 6.56
CA GLY A 25 -1.61 8.42 7.80
C GLY A 25 -2.70 9.30 8.41
N GLU A 26 -3.86 9.34 7.75
CA GLU A 26 -4.98 10.14 8.24
C GLU A 26 -5.50 9.60 9.57
N PHE A 27 -6.34 8.58 9.51
CA PHE A 27 -6.89 8.01 10.74
C PHE A 27 -7.72 6.77 10.45
N VAL A 28 -7.64 5.79 11.34
CA VAL A 28 -8.38 4.55 11.19
C VAL A 28 -9.74 4.66 11.88
N PHE A 29 -10.79 4.26 11.17
CA PHE A 29 -12.15 4.33 11.72
C PHE A 29 -12.53 3.01 12.37
N ALA A 30 -12.70 3.02 13.69
CA ALA A 30 -13.07 1.82 14.42
C ALA A 30 -14.59 1.69 14.47
N VAL A 31 -15.09 0.55 13.99
CA VAL A 31 -16.52 0.29 13.98
C VAL A 31 -16.93 -0.54 15.19
N ARG A 32 -17.70 0.05 16.09
CA ARG A 32 -18.13 -0.63 17.29
C ARG A 32 -19.21 -1.66 16.97
N THR A 33 -20.08 -1.32 16.02
CA THR A 33 -21.16 -2.22 15.62
C THR A 33 -20.61 -3.55 15.10
N THR A 34 -19.79 -3.48 14.06
CA THR A 34 -19.19 -4.68 13.48
C THR A 34 -17.94 -5.09 14.24
N GLY A 35 -17.23 -4.10 14.77
CA GLY A 35 -16.01 -4.39 15.53
C GLY A 35 -14.79 -4.43 14.65
N ILE A 36 -14.77 -3.62 13.60
CA ILE A 36 -13.63 -3.57 12.69
C ILE A 36 -12.98 -2.20 12.67
N PHE A 37 -11.93 -2.07 11.85
CA PHE A 37 -11.21 -0.81 11.72
C PHE A 37 -10.68 -0.67 10.29
N ARG A 39 -8.33 1.31 7.27
CA ARG A 39 -7.08 2.06 7.06
C ARG A 39 -7.32 3.56 7.20
N PRO A 40 -6.25 4.37 7.24
CA PRO A 40 -6.37 5.83 7.37
C PRO A 40 -7.42 6.43 6.43
N SER A 41 -7.39 6.01 5.17
CA SER A 41 -8.33 6.51 4.15
C SER A 41 -9.71 5.84 4.28
N CYS A 42 -10.03 4.94 3.34
CA CYS A 42 -11.31 4.24 3.31
C CYS A 42 -12.47 5.23 3.23
N ARG A 43 -13.60 4.75 2.73
CA ARG A 43 -14.79 5.59 2.60
C ARG A 43 -16.07 4.76 2.66
N ALA A 44 -15.97 3.57 3.25
CA ALA A 44 -17.12 2.68 3.38
C ALA A 44 -17.85 2.92 4.69
N ARG A 45 -18.74 2.01 5.05
CA ARG A 45 -19.50 2.13 6.29
C ARG A 45 -18.55 2.19 7.48
N HIS A 46 -18.29 3.40 7.96
CA HIS A 46 -17.39 3.60 9.10
C HIS A 46 -18.18 4.01 10.34
N ALA A 47 -19.26 3.29 10.62
CA ALA A 47 -20.09 3.59 11.77
C ALA A 47 -20.71 4.98 11.66
N LEU A 48 -21.97 5.09 12.09
CA LEU A 48 -22.68 6.36 12.04
C LEU A 48 -21.93 7.43 12.82
N ARG A 49 -22.50 8.62 12.91
CA ARG A 49 -21.88 9.72 13.63
C ARG A 49 -22.17 9.62 15.13
N GLU A 50 -21.78 8.49 15.71
CA GLU A 50 -21.98 8.26 17.14
C GLU A 50 -21.38 6.91 17.56
N ASN A 51 -21.56 5.90 16.72
CA ASN A 51 -21.05 4.57 16.99
C ASN A 51 -19.73 4.34 16.24
N VAL A 52 -18.94 5.39 16.12
CA VAL A 52 -17.65 5.31 15.43
C VAL A 52 -16.51 5.79 16.32
N SER A 53 -15.34 5.17 16.17
CA SER A 53 -14.17 5.54 16.94
C SER A 53 -13.00 5.89 16.03
N PHE A 54 -12.18 6.84 16.46
CA PHE A 54 -11.03 7.28 15.67
C PHE A 54 -9.76 6.57 16.11
N TYR A 55 -8.89 6.30 15.15
CA TYR A 55 -7.62 5.63 15.43
C TYR A 55 -6.51 6.17 14.54
N ALA A 56 -5.26 5.93 14.92
CA ALA A 56 -4.11 6.40 14.16
C ALA A 56 -3.65 5.36 13.15
N ASN A 57 -3.58 4.11 13.60
CA ASN A 57 -3.15 3.01 12.74
C ASN A 57 -3.95 1.75 13.01
N ALA A 58 -3.60 0.67 12.32
CA ALA A 58 -4.30 -0.60 12.48
C ALA A 58 -3.87 -1.29 13.77
N SER A 59 -2.57 -1.26 14.06
CA SER A 59 -2.04 -1.89 15.26
C SER A 59 -2.69 -1.30 16.52
N GLU A 60 -3.07 -0.03 16.44
CA GLU A 60 -3.70 0.65 17.57
C GLU A 60 -5.15 0.20 17.75
N ALA A 61 -5.93 0.26 16.67
CA ALA A 61 -7.33 -0.14 16.70
C ALA A 61 -7.46 -1.65 16.82
N LEU A 62 -6.55 -2.38 16.19
CA LEU A 62 -6.57 -3.84 16.22
C LEU A 62 -6.26 -4.35 17.62
N ALA A 63 -5.22 -3.79 18.24
CA ALA A 63 -4.83 -4.20 19.58
C ALA A 63 -5.96 -4.01 20.58
N ALA A 64 -6.73 -2.95 20.37
CA ALA A 64 -7.86 -2.66 21.26
C ALA A 64 -8.92 -3.75 21.19
N GLY A 65 -8.98 -4.44 20.06
CA GLY A 65 -9.95 -5.51 19.89
C GLY A 65 -10.89 -5.25 18.74
N PHE A 66 -10.33 -4.98 17.57
CA PHE A 66 -11.13 -4.72 16.37
C PHE A 66 -10.55 -5.43 15.16
N ARG A 67 -11.42 -5.87 14.26
CA ARG A 67 -11.00 -6.57 13.05
C ARG A 67 -10.50 -5.56 12.02
N PRO A 68 -9.62 -5.99 11.10
CA PRO A 68 -9.05 -5.12 10.09
C PRO A 68 -9.86 -5.03 8.80
N CYS A 69 -9.84 -3.86 8.18
CA CYS A 69 -10.54 -3.63 6.93
C CYS A 69 -9.58 -3.02 5.91
N LYS A 70 -9.16 -3.83 4.94
CA LYS A 70 -8.23 -3.40 3.91
C LYS A 70 -8.98 -2.75 2.74
N ARG A 71 -8.30 -2.66 1.59
CA ARG A 71 -8.89 -2.07 0.40
C ARG A 71 -9.02 -0.56 0.55
N CYS A 72 -8.40 -0.01 1.59
CA CYS A 72 -8.46 1.43 1.83
C CYS A 72 -7.05 2.00 1.99
N GLN A 73 -6.10 1.41 1.27
CA GLN A 73 -4.71 1.86 1.32
C GLN A 73 -4.14 1.77 2.73
N PRO A 74 -3.17 0.85 2.95
CA PRO A 74 -2.54 0.67 4.26
C PRO A 74 -1.48 1.73 4.55
N GLU A 75 -0.94 1.72 5.77
CA GLU A 75 0.07 2.68 6.16
C GLU A 75 0.98 2.09 7.25
N LYS A 76 2.19 1.69 6.85
CA LYS A 76 3.14 1.12 7.78
C LYS A 76 2.58 -0.15 8.44
N ALA A 77 3.05 -1.30 7.98
CA ALA A 77 2.59 -2.58 8.52
C ALA A 77 3.76 -3.40 9.06
N ASN A 78 4.75 -2.71 9.61
CA ASN A 78 5.93 -3.38 10.16
C ASN A 78 6.78 -2.40 10.96
N ALA A 79 6.80 -2.58 12.28
CA ALA A 79 7.58 -1.71 13.15
C ALA A 79 9.01 -2.22 13.31
N GLN A 80 9.95 -1.53 12.69
CA GLN A 80 11.36 -1.93 12.75
C GLN A 80 11.56 -3.34 12.20
N GLN A 81 11.96 -3.42 10.93
CA GLN A 81 12.18 -4.70 10.28
C GLN A 81 13.32 -4.60 9.27
N HIS A 82 13.58 -5.70 8.57
CA HIS A 82 14.64 -5.74 7.58
C HIS A 82 16.01 -5.50 8.22
N ARG A 83 16.79 -6.56 8.34
CA ARG A 83 18.12 -6.45 8.95
C ARG A 83 19.10 -5.78 7.99
N LEU A 84 18.91 -6.01 6.70
CA LEU A 84 19.79 -5.43 5.69
C LEU A 84 19.54 -3.92 5.56
N ASP A 85 18.28 -3.52 5.75
CA ASP A 85 17.92 -2.11 5.66
C ASP A 85 18.36 -1.35 6.91
N LYS A 86 18.34 -2.04 8.05
CA LYS A 86 18.74 -1.44 9.32
C LYS A 86 20.23 -1.13 9.33
N ILE A 87 21.05 -2.14 9.05
CA ILE A 87 22.49 -1.96 9.02
C ILE A 87 22.90 -0.88 8.04
N THR A 88 22.16 -0.77 6.93
CA THR A 88 22.45 0.23 5.92
C THR A 88 22.30 1.64 6.51
N HIS A 89 21.28 1.81 7.35
CA HIS A 89 21.03 3.10 7.99
C HIS A 89 22.11 3.41 9.01
N ALA A 90 22.65 2.37 9.63
CA ALA A 90 23.70 2.52 10.63
C ALA A 90 25.02 2.89 9.99
N CYS A 91 25.37 2.20 8.91
CA CYS A 91 26.62 2.46 8.20
C CYS A 91 26.70 3.92 7.76
N ARG A 92 25.59 4.45 7.27
CA ARG A 92 25.54 5.83 6.81
C ARG A 92 25.49 6.80 7.99
N LEU A 93 24.90 6.35 9.09
CA LEU A 93 24.79 7.17 10.29
C LEU A 93 26.18 7.52 10.85
N LEU A 94 27.05 6.53 10.90
CA LEU A 94 28.40 6.73 11.41
C LEU A 94 29.39 6.92 10.26
N GLU A 95 28.93 7.57 9.19
CA GLU A 95 29.77 7.82 8.03
C GLU A 95 29.68 9.28 7.60
N GLN A 96 30.44 10.14 8.26
CA GLN A 96 30.43 11.57 7.94
C GLN A 96 31.85 12.13 7.96
N GLU A 97 32.52 11.98 9.10
CA GLU A 97 33.89 12.47 9.25
C GLU A 97 34.46 12.09 10.61
N THR A 98 33.62 12.19 11.64
CA THR A 98 34.04 11.86 13.00
C THR A 98 33.33 10.61 13.49
N PRO A 99 34.03 9.75 14.26
CA PRO A 99 33.45 8.52 14.80
C PRO A 99 32.15 8.77 15.55
N VAL A 100 31.34 7.72 15.67
CA VAL A 100 30.06 7.83 16.38
C VAL A 100 29.85 6.65 17.32
N THR A 101 29.07 6.87 18.37
CA THR A 101 28.79 5.82 19.35
C THR A 101 27.96 4.71 18.72
N LEU A 102 28.34 3.46 18.99
CA LEU A 102 27.64 2.31 18.45
C LEU A 102 26.29 2.12 19.15
N GLU A 103 26.27 2.35 20.46
CA GLU A 103 25.04 2.20 21.23
C GLU A 103 23.94 3.10 20.70
N ALA A 104 24.32 4.22 20.09
CA ALA A 104 23.34 5.15 19.55
C ALA A 104 22.43 4.43 18.56
N LEU A 105 23.03 3.69 17.64
CA LEU A 105 22.26 2.93 16.67
C LEU A 105 21.41 1.90 17.40
N ALA A 106 21.94 1.43 18.55
CA ALA A 106 21.24 0.47 19.38
C ALA A 106 20.03 1.12 20.03
N ASP A 107 20.10 2.44 20.20
CA ASP A 107 19.02 3.19 20.82
C ASP A 107 17.81 3.28 19.89
N GLN A 108 18.07 3.40 18.59
CA GLN A 108 17.00 3.50 17.61
C GLN A 108 16.39 2.13 17.32
N VAL A 109 17.24 1.10 17.28
CA VAL A 109 16.77 -0.27 17.02
C VAL A 109 16.21 -0.91 18.28
N ALA A 110 16.53 -0.34 19.44
CA ALA A 110 16.06 -0.87 20.72
C ALA A 110 16.69 -2.23 21.02
N MET A 111 17.93 -2.40 20.60
CA MET A 111 18.65 -3.66 20.82
C MET A 111 20.01 -3.39 21.48
N SER A 112 20.80 -4.44 21.60
CA SER A 112 22.13 -4.33 22.21
C SER A 112 23.21 -4.23 21.13
N PRO A 113 24.43 -3.83 21.52
CA PRO A 113 25.55 -3.70 20.59
C PRO A 113 25.98 -5.04 19.99
N PHE A 114 25.49 -6.12 20.58
CA PHE A 114 25.82 -7.47 20.09
C PHE A 114 25.10 -7.77 18.79
N HIS A 115 23.85 -7.35 18.70
CA HIS A 115 23.04 -7.58 17.51
C HIS A 115 23.51 -6.70 16.35
N LEU A 116 23.69 -5.41 16.63
CA LEU A 116 24.14 -4.46 15.63
C LEU A 116 25.53 -4.82 15.11
N HIS A 117 26.46 -5.06 16.03
CA HIS A 117 27.83 -5.41 15.67
C HIS A 117 27.86 -6.68 14.83
N ARG A 118 27.03 -7.65 15.19
CA ARG A 118 26.97 -8.92 14.46
C ARG A 118 26.23 -8.75 13.14
N LEU A 119 25.18 -7.93 13.15
CA LEU A 119 24.39 -7.68 11.95
C LEU A 119 25.15 -6.81 10.96
N PHE A 120 25.90 -5.84 11.48
CA PHE A 120 26.68 -4.94 10.64
C PHE A 120 27.82 -5.69 9.96
N LYS A 121 28.58 -6.45 10.73
CA LYS A 121 29.71 -7.22 10.21
C LYS A 121 29.22 -8.33 9.30
N ALA A 122 28.03 -8.86 9.59
CA ALA A 122 27.45 -9.93 8.78
C ALA A 122 27.18 -9.47 7.36
N THR A 123 26.80 -8.21 7.20
CA THR A 123 26.50 -7.65 5.89
C THR A 123 27.78 -7.13 5.22
N THR A 124 28.37 -6.09 5.81
CA THR A 124 29.59 -5.51 5.27
C THR A 124 30.71 -6.54 5.22
N GLY A 125 30.75 -7.40 6.23
CA GLY A 125 31.78 -8.43 6.28
C GLY A 125 32.84 -8.13 7.33
N MET A 126 33.04 -6.85 7.61
CA MET A 126 34.04 -6.43 8.60
C MET A 126 33.40 -5.59 9.70
N THR A 127 34.15 -5.38 10.77
CA THR A 127 33.65 -4.59 11.90
C THR A 127 33.75 -3.09 11.60
N PRO A 128 32.91 -2.27 12.26
CA PRO A 128 32.91 -0.82 12.05
C PRO A 128 34.22 -0.18 12.47
N LYS A 129 34.90 -0.79 13.43
CA LYS A 129 36.17 -0.28 13.92
C LYS A 129 37.28 -0.52 12.89
N ALA A 130 37.15 -1.61 12.14
CA ALA A 130 38.14 -1.95 11.12
C ALA A 130 38.07 -0.99 9.94
N TRP A 131 36.86 -0.55 9.62
CA TRP A 131 36.65 0.39 8.52
C TRP A 131 37.40 1.68 8.75
N GLN A 132 37.24 2.26 9.94
CA GLN A 132 37.90 3.50 10.28
C GLN A 132 39.41 3.31 10.40
N GLN A 133 39.81 2.16 10.91
CA GLN A 133 41.23 1.85 11.09
C GLN A 133 41.88 1.55 9.74
N ALA A 134 41.15 0.86 8.87
CA ALA A 134 41.65 0.51 7.55
C ALA A 134 41.95 1.76 6.73
N TRP A 135 41.07 2.75 6.83
CA TRP A 135 41.24 4.00 6.09
C TRP A 135 42.47 4.75 6.59
N ARG A 136 42.65 4.78 7.90
CA ARG A 136 43.78 5.47 8.50
C ARG A 136 45.07 4.67 8.31
N ALA A 137 44.94 3.35 8.27
CA ALA A 137 46.09 2.47 8.09
C ALA A 137 46.56 2.47 6.64
N ARG A 138 45.61 2.61 5.72
CA ARG A 138 45.92 2.63 4.30
C ARG A 138 46.61 3.93 3.91
N ARG A 139 46.27 5.01 4.61
CA ARG A 139 46.86 6.31 4.33
C ARG A 139 48.28 6.40 4.88
N LEU A 140 48.53 5.69 5.98
CA LEU A 140 49.84 5.69 6.60
C LEU A 140 50.77 4.70 5.90
N ARG A 141 50.20 3.61 5.38
CA ARG A 141 50.98 2.60 4.69
C ARG A 141 51.44 3.09 3.33
N GLU A 142 50.62 3.92 2.69
CA GLU A 142 50.95 4.48 1.38
C GLU A 142 51.92 5.63 1.52
N SER A 143 51.79 6.39 2.61
CA SER A 143 52.66 7.54 2.85
C SER A 143 52.56 8.56 1.72
N LEU A 144 53.10 9.75 1.96
CA LEU A 144 53.06 10.81 0.96
C LEU A 144 54.17 10.63 -0.07
N ALA A 145 55.42 10.79 0.37
CA ALA A 145 56.57 10.64 -0.51
C ALA A 145 57.02 9.19 -0.59
N LYS A 146 57.67 8.84 -1.69
CA LYS A 146 58.16 7.48 -1.88
C LYS A 146 59.67 7.46 -2.10
N MET A 1 4.16 20.69 19.01
CA MET A 1 3.62 19.53 19.77
C MET A 1 2.88 18.57 18.85
N LYS A 2 3.16 17.28 18.99
CA LYS A 2 2.52 16.26 18.18
C LYS A 2 1.49 15.47 18.99
N LYS A 3 0.23 15.89 18.88
CA LYS A 3 -0.84 15.23 19.61
C LYS A 3 -1.58 14.23 18.71
N ALA A 4 -2.38 13.36 19.32
CA ALA A 4 -3.13 12.36 18.57
C ALA A 4 -4.45 12.94 18.07
N THR A 5 -5.12 12.19 17.20
CA THR A 5 -6.40 12.63 16.63
C THR A 5 -6.25 13.98 15.94
N CYS A 6 -7.31 14.42 15.27
CA CYS A 6 -7.31 15.70 14.56
C CYS A 6 -7.45 16.86 15.55
N LEU A 7 -7.73 18.04 15.00
CA LEU A 7 -7.91 19.24 15.81
C LEU A 7 -9.34 19.33 16.33
N THR A 8 -10.24 18.61 15.68
CA THR A 8 -11.65 18.61 16.06
C THR A 8 -12.34 17.36 15.53
N ASP A 9 -13.54 17.09 16.02
CA ASP A 9 -14.32 15.93 15.59
C ASP A 9 -14.83 16.10 14.17
N ASP A 10 -15.17 17.33 13.81
CA ASP A 10 -15.69 17.62 12.47
C ASP A 10 -14.60 17.53 11.41
N GLN A 11 -13.43 18.07 11.71
CA GLN A 11 -12.32 18.04 10.78
C GLN A 11 -11.95 16.60 10.41
N ARG A 12 -12.17 15.68 11.34
CA ARG A 12 -11.86 14.28 11.10
C ARG A 12 -12.70 13.76 9.94
N TRP A 13 -14.02 13.95 10.03
CA TRP A 13 -14.93 13.51 8.97
C TRP A 13 -14.46 13.99 7.62
N GLN A 14 -13.87 15.18 7.59
CA GLN A 14 -13.39 15.77 6.33
C GLN A 14 -12.45 14.80 5.60
N SER A 15 -11.58 14.12 6.35
CA SER A 15 -10.63 13.19 5.74
C SER A 15 -11.33 11.89 5.31
N VAL A 16 -12.29 11.45 6.12
CA VAL A 16 -13.03 10.23 5.81
C VAL A 16 -14.04 10.45 4.70
N LEU A 17 -14.84 11.50 4.85
CA LEU A 17 -15.86 11.83 3.86
C LEU A 17 -15.23 12.20 2.52
N ALA A 18 -14.02 12.74 2.57
CA ALA A 18 -13.30 13.14 1.37
C ALA A 18 -12.68 11.93 0.67
N ARG A 19 -12.36 10.90 1.45
CA ARG A 19 -11.76 9.68 0.90
C ARG A 19 -10.34 9.95 0.40
N ASP A 20 -9.70 10.97 0.97
CA ASP A 20 -8.33 11.32 0.58
C ASP A 20 -7.42 10.09 0.63
N PRO A 21 -7.03 9.55 -0.54
CA PRO A 21 -6.15 8.38 -0.61
C PRO A 21 -4.75 8.68 -0.11
N ASN A 22 -4.43 9.96 0.04
CA ASN A 22 -3.13 10.38 0.53
C ASN A 22 -3.17 10.67 2.02
N ALA A 23 -4.06 9.99 2.73
CA ALA A 23 -4.19 10.19 4.17
C ALA A 23 -3.37 9.15 4.94
N ASP A 24 -2.34 8.60 4.30
CA ASP A 24 -1.48 7.61 4.95
C ASP A 24 -0.90 8.18 6.23
N GLY A 25 -1.59 7.94 7.34
CA GLY A 25 -1.14 8.45 8.62
C GLY A 25 -2.22 9.25 9.33
N GLU A 26 -3.36 9.43 8.66
CA GLU A 26 -4.47 10.18 9.24
C GLU A 26 -5.01 9.49 10.47
N PHE A 27 -5.94 8.56 10.29
CA PHE A 27 -6.50 7.84 11.42
C PHE A 27 -7.43 6.73 10.95
N VAL A 28 -7.43 5.62 11.67
CA VAL A 28 -8.27 4.49 11.32
C VAL A 28 -9.63 4.60 11.99
N PHE A 29 -10.68 4.40 11.21
CA PHE A 29 -12.04 4.49 11.73
C PHE A 29 -12.54 3.14 12.18
N ALA A 30 -12.85 3.01 13.47
CA ALA A 30 -13.33 1.76 14.02
C ALA A 30 -14.85 1.66 13.92
N VAL A 31 -15.32 0.52 13.42
CA VAL A 31 -16.75 0.29 13.26
C VAL A 31 -17.29 -0.53 14.42
N ARG A 32 -18.11 0.10 15.26
CA ARG A 32 -18.69 -0.57 16.42
C ARG A 32 -19.75 -1.58 15.99
N THR A 33 -20.26 -1.43 14.77
CA THR A 33 -21.29 -2.33 14.25
C THR A 33 -20.65 -3.46 13.45
N THR A 34 -19.49 -3.91 13.90
CA THR A 34 -18.77 -5.00 13.23
C THR A 34 -17.50 -5.36 14.01
N GLY A 35 -16.85 -4.35 14.56
CA GLY A 35 -15.63 -4.58 15.31
C GLY A 35 -14.39 -4.49 14.44
N ILE A 36 -14.44 -3.61 13.44
CA ILE A 36 -13.31 -3.43 12.53
C ILE A 36 -12.80 -1.99 12.54
N PHE A 37 -11.72 -1.75 11.81
CA PHE A 37 -11.13 -0.42 11.72
C PHE A 37 -10.45 -0.23 10.36
N ARG A 39 -8.16 1.63 7.38
CA ARG A 39 -6.87 2.30 7.31
C ARG A 39 -7.03 3.81 7.55
N PRO A 40 -5.92 4.56 7.67
CA PRO A 40 -5.98 6.01 7.91
C PRO A 40 -7.04 6.69 7.05
N SER A 41 -7.00 6.40 5.76
CA SER A 41 -7.95 6.93 4.79
C SER A 41 -9.28 6.15 4.85
N CYS A 42 -9.87 5.88 3.67
CA CYS A 42 -11.13 5.13 3.56
C CYS A 42 -12.34 6.05 3.62
N ARG A 43 -13.43 5.60 3.00
CA ARG A 43 -14.68 6.34 2.98
C ARG A 43 -15.86 5.40 2.73
N ALA A 44 -16.14 4.55 3.70
CA ALA A 44 -17.24 3.59 3.57
C ALA A 44 -18.44 4.02 4.39
N ARG A 45 -19.59 4.14 3.74
CA ARG A 45 -20.83 4.53 4.41
C ARG A 45 -21.20 3.52 5.49
N HIS A 46 -20.87 3.86 6.74
CA HIS A 46 -21.16 2.98 7.87
C HIS A 46 -20.77 3.65 9.18
N ALA A 47 -21.26 3.11 10.28
CA ALA A 47 -20.96 3.65 11.61
C ALA A 47 -21.43 5.09 11.72
N LEU A 48 -22.45 5.31 12.56
CA LEU A 48 -23.00 6.64 12.76
C LEU A 48 -21.98 7.54 13.46
N ARG A 49 -22.41 8.74 13.83
CA ARG A 49 -21.54 9.69 14.51
C ARG A 49 -21.14 9.17 15.88
N GLU A 50 -22.00 8.38 16.49
CA GLU A 50 -21.73 7.80 17.81
C GLU A 50 -21.17 6.40 17.69
N ASN A 51 -21.47 5.72 16.57
CA ASN A 51 -20.98 4.37 16.35
C ASN A 51 -19.72 4.37 15.49
N VAL A 52 -18.88 5.38 15.70
CA VAL A 52 -17.64 5.50 14.94
C VAL A 52 -16.49 5.95 15.84
N SER A 53 -15.43 5.14 15.88
CA SER A 53 -14.27 5.46 16.69
C SER A 53 -13.10 5.88 15.81
N PHE A 54 -12.16 6.64 16.39
CA PHE A 54 -11.00 7.11 15.64
C PHE A 54 -9.71 6.69 16.33
N TYR A 55 -8.80 6.10 15.56
CA TYR A 55 -7.52 5.67 16.08
C TYR A 55 -6.37 6.27 15.26
N ALA A 56 -5.31 6.68 15.95
CA ALA A 56 -4.16 7.28 15.29
C ALA A 56 -3.50 6.31 14.32
N ASN A 57 -3.35 5.06 14.73
CA ASN A 57 -2.74 4.04 13.88
C ASN A 57 -3.51 2.74 13.96
N ALA A 58 -3.08 1.76 13.17
CA ALA A 58 -3.74 0.47 13.14
C ALA A 58 -3.41 -0.34 14.38
N SER A 59 -2.15 -0.33 14.79
CA SER A 59 -1.71 -1.06 15.97
C SER A 59 -2.51 -0.64 17.20
N GLU A 60 -2.94 0.62 17.22
CA GLU A 60 -3.71 1.16 18.33
C GLU A 60 -5.11 0.56 18.36
N ALA A 61 -5.80 0.64 17.23
CA ALA A 61 -7.16 0.11 17.12
C ALA A 61 -7.16 -1.41 17.15
N LEU A 62 -6.26 -2.02 16.40
CA LEU A 62 -6.16 -3.48 16.34
C LEU A 62 -5.91 -4.06 17.73
N ALA A 63 -4.99 -3.45 18.46
CA ALA A 63 -4.66 -3.91 19.81
C ALA A 63 -5.89 -3.88 20.72
N ALA A 64 -6.72 -2.88 20.52
CA ALA A 64 -7.93 -2.72 21.31
C ALA A 64 -8.90 -3.89 21.07
N GLY A 65 -8.71 -4.59 19.95
CA GLY A 65 -9.57 -5.71 19.63
C GLY A 65 -10.49 -5.41 18.46
N PHE A 66 -9.90 -5.05 17.33
CA PHE A 66 -10.67 -4.72 16.14
C PHE A 66 -10.01 -5.31 14.89
N ARG A 67 -10.83 -5.61 13.89
CA ARG A 67 -10.33 -6.16 12.63
C ARG A 67 -10.05 -5.05 11.62
N PRO A 68 -8.89 -5.08 10.95
CA PRO A 68 -8.51 -4.05 9.97
C PRO A 68 -9.21 -4.20 8.63
N CYS A 69 -9.56 -3.05 8.04
CA CYS A 69 -10.21 -3.03 6.73
C CYS A 69 -9.23 -2.52 5.68
N LYS A 70 -8.78 -3.43 4.82
CA LYS A 70 -7.83 -3.09 3.78
C LYS A 70 -8.53 -2.76 2.47
N ARG A 71 -9.77 -2.30 2.55
CA ARG A 71 -10.54 -1.94 1.37
C ARG A 71 -10.31 -0.46 1.01
N CYS A 72 -9.31 0.15 1.64
CA CYS A 72 -8.99 1.55 1.40
C CYS A 72 -7.54 1.70 0.94
N GLN A 73 -6.65 0.93 1.56
CA GLN A 73 -5.23 0.97 1.20
C GLN A 73 -4.45 -0.07 2.01
N PRO A 74 -4.38 -1.32 1.52
CA PRO A 74 -3.65 -2.39 2.20
C PRO A 74 -2.23 -2.01 2.55
N GLU A 75 -1.87 -2.16 3.83
CA GLU A 75 -0.53 -1.83 4.29
C GLU A 75 0.19 -3.06 4.84
N LYS A 76 -0.57 -3.91 5.53
CA LYS A 76 -0.01 -5.13 6.11
C LYS A 76 0.06 -6.24 5.06
N ALA A 77 1.22 -6.38 4.43
CA ALA A 77 1.41 -7.40 3.42
C ALA A 77 1.62 -8.77 4.05
N ASN A 78 2.47 -8.82 5.07
CA ASN A 78 2.76 -10.08 5.77
C ASN A 78 1.72 -10.36 6.85
N ALA A 79 0.71 -11.17 6.50
CA ALA A 79 -0.34 -11.51 7.44
C ALA A 79 0.13 -12.54 8.45
N GLN A 80 0.83 -13.57 7.96
CA GLN A 80 1.35 -14.63 8.81
C GLN A 80 2.83 -14.89 8.53
N GLN A 81 3.69 -14.41 9.41
CA GLN A 81 5.12 -14.60 9.25
C GLN A 81 5.79 -14.87 10.60
N HIS A 82 5.05 -15.50 11.50
CA HIS A 82 5.56 -15.82 12.82
C HIS A 82 5.75 -17.33 12.98
N ARG A 83 4.90 -18.10 12.31
CA ARG A 83 4.98 -19.55 12.38
C ARG A 83 6.16 -20.08 11.57
N LEU A 84 6.28 -19.59 10.34
CA LEU A 84 7.37 -20.01 9.46
C LEU A 84 8.71 -19.49 9.96
N ASP A 85 8.68 -18.35 10.64
CA ASP A 85 9.89 -17.74 11.18
C ASP A 85 10.44 -18.55 12.36
N LYS A 86 9.53 -19.17 13.10
CA LYS A 86 9.92 -19.98 14.26
C LYS A 86 10.65 -21.24 13.81
N ILE A 87 9.99 -22.04 12.98
CA ILE A 87 10.58 -23.29 12.49
C ILE A 87 11.92 -23.03 11.80
N THR A 88 12.00 -21.90 11.09
CA THR A 88 13.22 -21.54 10.40
C THR A 88 14.36 -21.35 11.39
N HIS A 89 14.05 -20.72 12.52
CA HIS A 89 15.04 -20.49 13.56
C HIS A 89 15.43 -21.80 14.23
N ALA A 90 14.46 -22.69 14.38
CA ALA A 90 14.70 -23.99 15.00
C ALA A 90 15.62 -24.85 14.15
N CYS A 91 15.33 -24.91 12.86
CA CYS A 91 16.14 -25.69 11.93
C CYS A 91 17.59 -25.24 11.94
N ARG A 92 17.80 -23.92 11.95
CA ARG A 92 19.14 -23.36 11.97
C ARG A 92 19.77 -23.48 13.36
N LEU A 93 18.92 -23.51 14.38
CA LEU A 93 19.40 -23.62 15.76
C LEU A 93 20.01 -25.00 16.02
N LEU A 94 19.52 -26.01 15.30
CA LEU A 94 20.03 -27.37 15.46
C LEU A 94 20.99 -27.73 14.33
N GLU A 95 21.72 -26.72 13.84
CA GLU A 95 22.67 -26.94 12.76
C GLU A 95 23.81 -27.85 13.21
N GLN A 96 23.60 -29.16 13.07
CA GLN A 96 24.61 -30.14 13.47
C GLN A 96 24.47 -31.42 12.64
N GLU A 97 25.49 -32.27 12.72
CA GLU A 97 25.48 -33.53 11.98
C GLU A 97 24.85 -34.65 12.81
N THR A 98 25.02 -34.56 14.13
CA THR A 98 24.47 -35.57 15.03
C THR A 98 22.99 -35.30 15.29
N PRO A 99 22.18 -36.37 15.42
CA PRO A 99 20.75 -36.25 15.67
C PRO A 99 20.44 -35.38 16.88
N VAL A 100 19.75 -34.27 16.64
CA VAL A 100 19.39 -33.35 17.71
C VAL A 100 18.04 -33.71 18.33
N THR A 101 17.90 -33.48 19.63
CA THR A 101 16.66 -33.78 20.33
C THR A 101 15.54 -32.86 19.87
N LEU A 102 14.42 -33.47 19.46
CA LEU A 102 13.27 -32.70 18.99
C LEU A 102 12.67 -31.87 20.11
N GLU A 103 12.56 -32.47 21.30
CA GLU A 103 12.01 -31.78 22.46
C GLU A 103 12.82 -30.54 22.80
N ALA A 104 14.10 -30.56 22.47
CA ALA A 104 14.98 -29.42 22.75
C ALA A 104 14.40 -28.16 22.11
N LEU A 105 14.02 -28.26 20.85
CA LEU A 105 13.41 -27.14 20.15
C LEU A 105 12.10 -26.78 20.82
N ALA A 106 11.45 -27.80 21.39
CA ALA A 106 10.19 -27.61 22.10
C ALA A 106 10.43 -26.89 23.42
N ASP A 107 11.64 -27.01 23.95
CA ASP A 107 12.01 -26.36 25.20
C ASP A 107 12.07 -24.85 25.04
N GLN A 108 12.64 -24.39 23.94
CA GLN A 108 12.76 -22.97 23.68
C GLN A 108 11.40 -22.33 23.41
N VAL A 109 10.55 -23.07 22.70
CA VAL A 109 9.22 -22.58 22.37
C VAL A 109 8.23 -22.81 23.51
N ALA A 110 8.60 -23.71 24.43
CA ALA A 110 7.75 -24.01 25.58
C ALA A 110 6.47 -24.71 25.15
N MET A 111 6.58 -25.57 24.14
CA MET A 111 5.42 -26.30 23.63
C MET A 111 5.72 -27.79 23.53
N SER A 112 4.67 -28.60 23.42
CA SER A 112 4.83 -30.04 23.32
C SER A 112 5.41 -30.42 21.97
N PRO A 113 5.89 -31.68 21.83
CA PRO A 113 6.48 -32.16 20.58
C PRO A 113 5.48 -32.15 19.43
N PHE A 114 4.19 -32.05 19.75
CA PHE A 114 3.14 -32.04 18.74
C PHE A 114 3.11 -30.70 18.01
N HIS A 115 3.38 -29.62 18.74
CA HIS A 115 3.39 -28.28 18.17
C HIS A 115 4.55 -28.11 17.19
N LEU A 116 5.75 -28.46 17.64
CA LEU A 116 6.94 -28.35 16.81
C LEU A 116 6.81 -29.19 15.53
N HIS A 117 6.36 -30.44 15.70
CA HIS A 117 6.20 -31.35 14.58
C HIS A 117 5.22 -30.78 13.56
N ARG A 118 4.02 -30.42 14.03
CA ARG A 118 2.99 -29.87 13.15
C ARG A 118 3.48 -28.61 12.46
N LEU A 119 4.27 -27.81 13.18
CA LEU A 119 4.80 -26.57 12.62
C LEU A 119 5.78 -26.85 11.48
N PHE A 120 6.75 -27.72 11.75
CA PHE A 120 7.75 -28.07 10.76
C PHE A 120 7.12 -28.78 9.56
N LYS A 121 6.22 -29.72 9.84
CA LYS A 121 5.55 -30.46 8.79
C LYS A 121 4.63 -29.56 7.98
N ALA A 122 4.01 -28.59 8.66
CA ALA A 122 3.10 -27.66 8.02
C ALA A 122 3.86 -26.62 7.20
N THR A 123 5.12 -26.37 7.57
CA THR A 123 5.94 -25.40 6.87
C THR A 123 6.76 -26.06 5.77
N THR A 124 7.71 -26.90 6.16
CA THR A 124 8.57 -27.60 5.21
C THR A 124 7.95 -28.92 4.77
N GLY A 125 7.33 -29.62 5.71
CA GLY A 125 6.71 -30.89 5.40
C GLY A 125 7.71 -32.00 5.18
N MET A 126 8.66 -32.14 6.10
CA MET A 126 9.68 -33.16 6.00
C MET A 126 10.03 -33.73 7.38
N THR A 127 10.55 -34.94 7.39
CA THR A 127 10.93 -35.60 8.64
C THR A 127 12.42 -35.44 8.92
N PRO A 128 12.85 -35.71 10.17
CA PRO A 128 14.26 -35.59 10.56
C PRO A 128 15.16 -36.50 9.74
N LYS A 129 14.64 -37.67 9.39
CA LYS A 129 15.40 -38.64 8.61
C LYS A 129 15.54 -38.17 7.15
N ALA A 130 14.53 -37.45 6.69
CA ALA A 130 14.54 -36.94 5.32
C ALA A 130 15.49 -35.75 5.17
N TRP A 131 15.51 -34.88 6.19
CA TRP A 131 16.37 -33.72 6.18
C TRP A 131 17.84 -34.12 6.14
N GLN A 132 18.19 -35.13 6.92
CA GLN A 132 19.56 -35.62 6.99
C GLN A 132 19.93 -36.35 5.71
N GLN A 133 19.01 -37.17 5.21
CA GLN A 133 19.24 -37.93 3.99
C GLN A 133 19.23 -37.02 2.77
N ALA A 134 18.35 -36.03 2.77
CA ALA A 134 18.24 -35.09 1.67
C ALA A 134 19.48 -34.21 1.58
N TRP A 135 19.96 -33.77 2.74
CA TRP A 135 21.14 -32.91 2.80
C TRP A 135 22.36 -33.64 2.26
N ARG A 136 22.52 -34.90 2.65
CA ARG A 136 23.66 -35.70 2.20
C ARG A 136 23.55 -36.00 0.71
N ALA A 137 22.33 -36.27 0.25
CA ALA A 137 22.10 -36.58 -1.15
C ALA A 137 22.29 -35.35 -2.03
N ARG A 138 21.77 -34.22 -1.57
CA ARG A 138 21.88 -32.97 -2.30
C ARG A 138 23.33 -32.49 -2.35
N ARG A 139 24.09 -32.81 -1.31
CA ARG A 139 25.49 -32.42 -1.23
C ARG A 139 26.32 -33.15 -2.28
N LEU A 140 25.94 -34.39 -2.56
CA LEU A 140 26.65 -35.20 -3.55
C LEU A 140 26.11 -34.96 -4.95
N ARG A 141 24.78 -34.94 -5.08
CA ARG A 141 24.14 -34.71 -6.37
C ARG A 141 24.29 -33.25 -6.80
N GLU A 142 24.09 -32.34 -5.85
CA GLU A 142 24.21 -30.91 -6.14
C GLU A 142 25.60 -30.39 -5.78
N SER A 143 26.62 -31.18 -6.10
CA SER A 143 28.00 -30.79 -5.81
C SER A 143 28.52 -29.79 -6.85
N LEU A 144 29.15 -28.73 -6.36
CA LEU A 144 29.69 -27.70 -7.24
C LEU A 144 28.58 -27.05 -8.07
N ALA A 145 27.85 -26.13 -7.45
CA ALA A 145 26.76 -25.43 -8.12
C ALA A 145 27.28 -24.21 -8.87
N LYS A 146 26.49 -23.73 -9.83
CA LYS A 146 26.86 -22.56 -10.62
C LYS A 146 26.32 -21.28 -9.99
N MET A 1 -2.58 15.39 25.41
CA MET A 1 -3.63 14.59 24.75
C MET A 1 -3.30 13.09 24.78
N LYS A 2 -4.23 12.27 24.32
CA LYS A 2 -4.04 10.83 24.30
C LYS A 2 -3.84 10.33 22.87
N LYS A 3 -4.90 10.44 22.06
CA LYS A 3 -4.83 9.99 20.67
C LYS A 3 -4.62 11.18 19.73
N ALA A 4 -3.86 10.96 18.67
CA ALA A 4 -3.58 12.01 17.69
C ALA A 4 -4.26 11.72 16.36
N THR A 5 -4.55 12.78 15.61
CA THR A 5 -5.20 12.65 14.31
C THR A 5 -4.96 13.89 13.46
N CYS A 6 -5.71 14.94 13.74
CA CYS A 6 -5.57 16.19 13.01
C CYS A 6 -5.52 17.38 13.97
N LEU A 7 -6.69 17.80 14.44
CA LEU A 7 -6.80 18.93 15.35
C LEU A 7 -8.22 19.03 15.89
N THR A 8 -9.19 18.70 15.04
CA THR A 8 -10.59 18.76 15.41
C THR A 8 -11.34 17.53 14.89
N ASP A 9 -12.41 17.17 15.57
CA ASP A 9 -13.21 16.01 15.18
C ASP A 9 -13.84 16.24 13.80
N ASP A 10 -14.08 17.50 13.47
CA ASP A 10 -14.69 17.84 12.19
C ASP A 10 -13.69 17.64 11.04
N GLN A 11 -12.46 18.07 11.25
CA GLN A 11 -11.42 17.93 10.24
C GLN A 11 -11.20 16.48 9.86
N ARG A 12 -11.43 15.57 10.81
CA ARG A 12 -11.26 14.15 10.58
C ARG A 12 -12.36 13.61 9.68
N TRP A 13 -13.60 13.86 10.07
CA TRP A 13 -14.76 13.39 9.30
C TRP A 13 -14.67 13.84 7.84
N GLN A 14 -13.91 14.90 7.58
CA GLN A 14 -13.73 15.42 6.23
C GLN A 14 -12.96 14.45 5.35
N SER A 15 -11.77 14.05 5.80
CA SER A 15 -10.93 13.13 5.05
C SER A 15 -11.66 11.82 4.79
N VAL A 16 -12.52 11.44 5.72
CA VAL A 16 -13.29 10.20 5.60
C VAL A 16 -14.34 10.32 4.48
N LEU A 17 -15.07 11.42 4.49
CA LEU A 17 -16.10 11.66 3.48
C LEU A 17 -15.48 11.85 2.09
N ALA A 18 -14.28 12.39 2.06
CA ALA A 18 -13.58 12.64 0.80
C ALA A 18 -13.02 11.34 0.22
N ARG A 19 -12.76 10.37 1.08
CA ARG A 19 -12.21 9.08 0.65
C ARG A 19 -10.84 9.26 0.03
N ASP A 20 -10.12 10.28 0.47
CA ASP A 20 -8.78 10.56 -0.04
C ASP A 20 -7.88 9.32 0.08
N PRO A 21 -7.59 8.65 -1.05
CA PRO A 21 -6.74 7.46 -1.04
C PRO A 21 -5.30 7.76 -0.63
N ASN A 22 -4.94 9.04 -0.64
CA ASN A 22 -3.61 9.46 -0.26
C ASN A 22 -3.59 9.95 1.19
N ALA A 23 -4.44 9.35 2.02
CA ALA A 23 -4.52 9.71 3.42
C ALA A 23 -3.67 8.78 4.28
N ASP A 24 -2.62 8.22 3.69
CA ASP A 24 -1.72 7.32 4.42
C ASP A 24 -1.19 8.00 5.68
N GLY A 25 -1.90 7.79 6.78
CA GLY A 25 -1.50 8.39 8.05
C GLY A 25 -2.60 9.25 8.64
N GLU A 26 -3.75 9.29 7.97
CA GLU A 26 -4.88 10.08 8.44
C GLU A 26 -5.39 9.55 9.77
N PHE A 27 -6.24 8.52 9.72
CA PHE A 27 -6.78 7.93 10.94
C PHE A 27 -7.59 6.68 10.64
N VAL A 28 -7.54 5.73 11.57
CA VAL A 28 -8.27 4.48 11.43
C VAL A 28 -9.67 4.59 12.02
N PHE A 29 -10.66 4.12 11.28
CA PHE A 29 -12.05 4.17 11.73
C PHE A 29 -12.46 2.87 12.40
N ALA A 30 -12.71 2.94 13.72
CA ALA A 30 -13.12 1.76 14.47
C ALA A 30 -14.63 1.60 14.44
N VAL A 31 -15.08 0.41 14.09
CA VAL A 31 -16.52 0.11 14.01
C VAL A 31 -16.95 -0.76 15.18
N ARG A 32 -17.95 -0.30 15.92
CA ARG A 32 -18.47 -1.05 17.07
C ARG A 32 -19.52 -2.06 16.62
N THR A 33 -20.25 -1.73 15.56
CA THR A 33 -21.29 -2.60 15.05
C THR A 33 -20.69 -3.91 14.52
N THR A 34 -19.64 -3.79 13.73
CA THR A 34 -18.98 -4.96 13.16
C THR A 34 -17.73 -5.33 13.95
N GLY A 35 -17.18 -4.35 14.67
CA GLY A 35 -15.99 -4.61 15.46
C GLY A 35 -14.74 -4.63 14.61
N ILE A 36 -14.68 -3.75 13.62
CA ILE A 36 -13.53 -3.68 12.72
C ILE A 36 -12.95 -2.28 12.65
N PHE A 37 -11.69 -2.19 12.23
CA PHE A 37 -11.01 -0.91 12.10
C PHE A 37 -10.47 -0.76 10.68
N ARG A 39 -8.21 1.23 7.56
CA ARG A 39 -6.94 1.93 7.36
C ARG A 39 -7.16 3.45 7.50
N PRO A 40 -6.10 4.26 7.43
CA PRO A 40 -6.22 5.72 7.56
C PRO A 40 -7.36 6.29 6.70
N SER A 41 -7.38 5.91 5.43
CA SER A 41 -8.40 6.36 4.49
C SER A 41 -9.71 5.58 4.69
N CYS A 42 -10.29 5.08 3.58
CA CYS A 42 -11.54 4.31 3.61
C CYS A 42 -12.77 5.22 3.64
N ARG A 43 -13.88 4.70 3.12
CA ARG A 43 -15.13 5.44 3.08
C ARG A 43 -16.30 4.49 2.87
N ALA A 44 -16.60 3.68 3.88
CA ALA A 44 -17.69 2.72 3.81
C ALA A 44 -18.72 2.98 4.90
N ARG A 45 -19.93 3.35 4.50
CA ARG A 45 -21.00 3.63 5.45
C ARG A 45 -21.31 2.40 6.30
N HIS A 46 -20.77 2.37 7.51
CA HIS A 46 -20.97 1.25 8.42
C HIS A 46 -20.71 1.67 9.86
N ALA A 47 -21.07 2.91 10.17
CA ALA A 47 -20.88 3.46 11.51
C ALA A 47 -21.28 4.93 11.57
N LEU A 48 -22.37 5.21 12.25
CA LEU A 48 -22.86 6.59 12.38
C LEU A 48 -21.87 7.44 13.16
N ARG A 49 -22.09 8.75 13.16
CA ARG A 49 -21.21 9.67 13.87
C ARG A 49 -21.07 9.27 15.34
N GLU A 50 -22.06 8.55 15.85
CA GLU A 50 -22.04 8.10 17.24
C GLU A 50 -21.45 6.70 17.34
N ASN A 51 -21.66 5.90 16.31
CA ASN A 51 -21.15 4.53 16.28
C ASN A 51 -19.85 4.44 15.50
N VAL A 52 -19.06 5.51 15.55
CA VAL A 52 -17.78 5.55 14.84
C VAL A 52 -16.67 6.09 15.73
N SER A 53 -15.57 5.34 15.81
CA SER A 53 -14.44 5.74 16.63
C SER A 53 -13.29 6.19 15.76
N PHE A 54 -12.25 6.76 16.38
CA PHE A 54 -11.08 7.23 15.66
C PHE A 54 -9.80 6.60 16.18
N TYR A 55 -8.88 6.31 15.26
CA TYR A 55 -7.61 5.69 15.62
C TYR A 55 -6.48 6.26 14.77
N ALA A 56 -5.24 6.05 15.22
CA ALA A 56 -4.07 6.54 14.50
C ALA A 56 -3.55 5.49 13.53
N ASN A 57 -3.47 4.25 13.99
CA ASN A 57 -2.98 3.16 13.15
C ASN A 57 -3.79 1.89 13.38
N ALA A 58 -3.39 0.81 12.73
CA ALA A 58 -4.09 -0.46 12.85
C ALA A 58 -3.71 -1.17 14.14
N SER A 59 -2.42 -1.17 14.45
CA SER A 59 -1.92 -1.81 15.67
C SER A 59 -2.59 -1.24 16.91
N GLU A 60 -2.97 0.04 16.85
CA GLU A 60 -3.61 0.70 17.97
C GLU A 60 -5.07 0.26 18.11
N ALA A 61 -5.82 0.35 17.01
CA ALA A 61 -7.22 -0.05 17.01
C ALA A 61 -7.37 -1.55 17.13
N LEU A 62 -6.43 -2.29 16.55
CA LEU A 62 -6.46 -3.74 16.59
C LEU A 62 -6.28 -4.25 18.02
N ALA A 63 -5.30 -3.67 18.73
CA ALA A 63 -5.03 -4.06 20.10
C ALA A 63 -6.25 -3.84 20.99
N ALA A 64 -6.97 -2.76 20.73
CA ALA A 64 -8.17 -2.44 21.52
C ALA A 64 -9.23 -3.52 21.35
N GLY A 65 -9.15 -4.25 20.24
CA GLY A 65 -10.12 -5.31 19.98
C GLY A 65 -10.97 -5.02 18.77
N PHE A 66 -10.33 -4.89 17.61
CA PHE A 66 -11.05 -4.60 16.37
C PHE A 66 -10.40 -5.31 15.18
N ARG A 67 -11.24 -5.88 14.30
CA ARG A 67 -10.74 -6.58 13.13
C ARG A 67 -10.34 -5.57 12.05
N PRO A 68 -9.20 -5.81 11.37
CA PRO A 68 -8.72 -4.90 10.32
C PRO A 68 -9.59 -4.90 9.06
N CYS A 69 -9.61 -3.76 8.39
CA CYS A 69 -10.37 -3.59 7.15
C CYS A 69 -9.50 -2.95 6.08
N LYS A 70 -9.07 -3.76 5.12
CA LYS A 70 -8.23 -3.28 4.04
C LYS A 70 -9.09 -2.82 2.86
N ARG A 71 -8.47 -2.72 1.68
CA ARG A 71 -9.18 -2.29 0.48
C ARG A 71 -9.46 -0.79 0.52
N CYS A 72 -8.92 -0.11 1.53
CA CYS A 72 -9.11 1.32 1.67
C CYS A 72 -7.77 2.06 1.60
N GLN A 73 -6.85 1.51 0.80
CA GLN A 73 -5.53 2.11 0.63
C GLN A 73 -4.77 2.15 1.95
N PRO A 74 -4.02 1.08 2.26
CA PRO A 74 -3.23 0.99 3.49
C PRO A 74 -1.95 1.82 3.41
N GLU A 75 -1.05 1.61 4.37
CA GLU A 75 0.21 2.34 4.41
C GLU A 75 1.37 1.43 4.03
N LYS A 76 1.63 1.30 2.73
CA LYS A 76 2.71 0.47 2.25
C LYS A 76 2.83 0.55 0.73
N ALA A 77 2.59 1.74 0.19
CA ALA A 77 2.67 1.95 -1.26
C ALA A 77 2.93 3.42 -1.58
N ASN A 78 3.26 3.69 -2.84
CA ASN A 78 3.54 5.05 -3.28
C ASN A 78 2.30 5.68 -3.90
N ALA A 79 1.50 6.35 -3.08
CA ALA A 79 0.28 7.00 -3.55
C ALA A 79 0.60 8.19 -4.45
N GLN A 80 1.57 9.00 -4.03
CA GLN A 80 1.96 10.17 -4.80
C GLN A 80 3.42 10.53 -4.51
N GLN A 81 4.32 10.02 -5.34
CA GLN A 81 5.75 10.29 -5.19
C GLN A 81 6.10 11.68 -5.72
N HIS A 82 7.39 11.94 -5.89
CA HIS A 82 7.86 13.22 -6.39
C HIS A 82 8.64 13.05 -7.68
N ARG A 83 9.77 12.35 -7.60
CA ARG A 83 10.61 12.11 -8.77
C ARG A 83 9.93 11.18 -9.76
N LEU A 84 9.29 10.14 -9.23
CA LEU A 84 8.59 9.17 -10.06
C LEU A 84 7.28 9.73 -10.58
N ASP A 85 6.68 10.63 -9.81
CA ASP A 85 5.42 11.25 -10.19
C ASP A 85 5.62 12.24 -11.33
N LYS A 86 6.78 12.89 -11.36
CA LYS A 86 7.09 13.85 -12.40
C LYS A 86 7.26 13.17 -13.76
N ILE A 87 8.17 12.21 -13.82
CA ILE A 87 8.42 11.48 -15.06
C ILE A 87 7.14 10.82 -15.57
N THR A 88 6.33 10.31 -14.65
CA THR A 88 5.08 9.67 -15.01
C THR A 88 4.16 10.67 -15.71
N HIS A 89 4.14 11.90 -15.20
CA HIS A 89 3.30 12.94 -15.78
C HIS A 89 3.86 13.36 -17.14
N ALA A 90 5.17 13.24 -17.30
CA ALA A 90 5.83 13.60 -18.56
C ALA A 90 5.55 12.57 -19.64
N CYS A 91 5.69 11.29 -19.28
CA CYS A 91 5.45 10.21 -20.22
C CYS A 91 4.04 10.29 -20.81
N ARG A 92 3.07 10.63 -19.97
CA ARG A 92 1.68 10.75 -20.41
C ARG A 92 1.48 12.04 -21.21
N LEU A 93 2.26 13.06 -20.89
CA LEU A 93 2.17 14.34 -21.58
C LEU A 93 2.66 14.23 -23.01
N LEU A 94 3.81 13.58 -23.19
CA LEU A 94 4.40 13.40 -24.51
C LEU A 94 3.44 12.63 -25.42
N GLU A 95 3.03 11.45 -24.96
CA GLU A 95 2.12 10.61 -25.74
C GLU A 95 2.76 10.20 -27.06
N GLN A 96 3.23 8.96 -27.12
CA GLN A 96 3.86 8.44 -28.33
C GLN A 96 2.89 8.48 -29.51
N GLU A 97 3.21 9.32 -30.50
CA GLU A 97 2.38 9.46 -31.68
C GLU A 97 2.97 10.47 -32.65
N THR A 98 3.52 11.54 -32.11
CA THR A 98 4.13 12.60 -32.93
C THR A 98 5.57 12.85 -32.49
N PRO A 99 6.49 13.08 -33.46
CA PRO A 99 7.90 13.34 -33.16
C PRO A 99 8.09 14.67 -32.43
N VAL A 100 8.54 14.58 -31.17
CA VAL A 100 8.77 15.77 -30.36
C VAL A 100 10.25 15.89 -29.98
N THR A 101 10.65 17.11 -29.63
CA THR A 101 12.04 17.36 -29.25
C THR A 101 12.25 17.08 -27.76
N LEU A 102 13.51 16.92 -27.36
CA LEU A 102 13.84 16.63 -25.96
C LEU A 102 13.60 17.86 -25.09
N GLU A 103 14.06 19.01 -25.53
CA GLU A 103 13.89 20.25 -24.77
C GLU A 103 12.43 20.53 -24.49
N ALA A 104 11.55 20.05 -25.37
CA ALA A 104 10.11 20.26 -25.19
C ALA A 104 9.68 19.74 -23.82
N LEU A 105 10.11 18.53 -23.49
CA LEU A 105 9.80 17.94 -22.20
C LEU A 105 10.44 18.79 -21.10
N ALA A 106 11.57 19.40 -21.44
CA ALA A 106 12.29 20.27 -20.51
C ALA A 106 11.54 21.57 -20.31
N ASP A 107 10.78 21.98 -21.33
CA ASP A 107 10.00 23.21 -21.28
C ASP A 107 8.88 23.10 -20.27
N GLN A 108 8.26 21.93 -20.18
CA GLN A 108 7.16 21.71 -19.24
C GLN A 108 7.68 21.61 -17.81
N VAL A 109 8.83 21.00 -17.64
CA VAL A 109 9.43 20.84 -16.31
C VAL A 109 10.28 22.06 -15.93
N ALA A 110 10.52 22.94 -16.90
CA ALA A 110 11.31 24.15 -16.65
C ALA A 110 12.74 23.79 -16.27
N MET A 111 13.33 22.85 -17.00
CA MET A 111 14.69 22.41 -16.74
C MET A 111 15.42 22.08 -18.03
N SER A 112 16.63 21.56 -17.91
CA SER A 112 17.43 21.20 -19.07
C SER A 112 17.26 19.72 -19.40
N PRO A 113 17.65 19.30 -20.62
CA PRO A 113 17.54 17.91 -21.06
C PRO A 113 18.36 16.96 -20.19
N PHE A 114 19.29 17.51 -19.42
CA PHE A 114 20.15 16.71 -18.55
C PHE A 114 19.37 16.21 -17.34
N HIS A 115 18.45 17.04 -16.85
CA HIS A 115 17.64 16.68 -15.70
C HIS A 115 16.64 15.58 -16.04
N LEU A 116 15.97 15.74 -17.17
CA LEU A 116 14.98 14.76 -17.62
C LEU A 116 15.61 13.39 -17.82
N HIS A 117 16.84 13.38 -18.35
CA HIS A 117 17.56 12.13 -18.60
C HIS A 117 17.95 11.45 -17.29
N ARG A 118 18.63 12.19 -16.42
CA ARG A 118 19.09 11.65 -15.15
C ARG A 118 17.90 11.23 -14.28
N LEU A 119 16.80 11.97 -14.37
CA LEU A 119 15.61 11.67 -13.60
C LEU A 119 14.90 10.44 -14.14
N PHE A 120 14.69 10.41 -15.45
CA PHE A 120 14.01 9.29 -16.09
C PHE A 120 14.81 8.00 -15.94
N LYS A 121 16.10 8.07 -16.26
CA LYS A 121 16.97 6.90 -16.16
C LYS A 121 16.98 6.34 -14.74
N ALA A 122 17.09 7.22 -13.76
CA ALA A 122 17.10 6.81 -12.36
C ALA A 122 15.79 6.15 -11.96
N THR A 123 14.72 6.47 -12.68
CA THR A 123 13.40 5.90 -12.39
C THR A 123 13.09 4.72 -13.31
N THR A 124 12.93 4.99 -14.59
CA THR A 124 12.62 3.95 -15.56
C THR A 124 13.89 3.32 -16.14
N GLY A 125 14.93 4.12 -16.31
CA GLY A 125 16.17 3.61 -16.86
C GLY A 125 16.16 3.57 -18.37
N MET A 126 15.38 4.45 -18.99
CA MET A 126 15.28 4.50 -20.45
C MET A 126 15.33 5.94 -20.94
N THR A 127 15.47 6.11 -22.25
CA THR A 127 15.53 7.44 -22.85
C THR A 127 14.35 7.67 -23.80
N PRO A 128 14.10 8.92 -24.19
CA PRO A 128 13.01 9.27 -25.11
C PRO A 128 13.02 8.41 -26.38
N LYS A 129 14.22 8.18 -26.91
CA LYS A 129 14.37 7.39 -28.13
C LYS A 129 14.00 5.93 -27.87
N ALA A 130 14.30 5.45 -26.66
CA ALA A 130 14.00 4.07 -26.30
C ALA A 130 12.50 3.82 -26.30
N TRP A 131 11.74 4.83 -25.88
CA TRP A 131 10.28 4.71 -25.83
C TRP A 131 9.70 4.64 -27.23
N GLN A 132 10.12 5.56 -28.10
CA GLN A 132 9.65 5.60 -29.47
C GLN A 132 10.03 4.32 -30.23
N GLN A 133 11.23 3.82 -29.94
CA GLN A 133 11.73 2.61 -30.59
C GLN A 133 11.00 1.38 -30.06
N ALA A 134 10.67 1.41 -28.77
CA ALA A 134 9.97 0.29 -28.14
C ALA A 134 8.50 0.26 -28.55
N TRP A 135 7.88 1.43 -28.63
CA TRP A 135 6.48 1.54 -29.01
C TRP A 135 6.27 1.06 -30.43
N ARG A 136 7.16 1.47 -31.34
CA ARG A 136 7.06 1.09 -32.74
C ARG A 136 7.35 -0.39 -32.91
N ALA A 137 8.36 -0.89 -32.19
CA ALA A 137 8.74 -2.29 -32.27
C ALA A 137 7.69 -3.19 -31.64
N ARG A 138 7.03 -2.67 -30.60
CA ARG A 138 5.99 -3.43 -29.91
C ARG A 138 4.74 -3.55 -30.77
N ARG A 139 4.48 -2.53 -31.57
CA ARG A 139 3.31 -2.51 -32.44
C ARG A 139 3.48 -3.52 -33.59
N LEU A 140 4.73 -3.74 -34.00
CA LEU A 140 5.02 -4.68 -35.07
C LEU A 140 5.18 -6.10 -34.54
N ARG A 141 5.71 -6.21 -33.32
CA ARG A 141 5.90 -7.51 -32.70
C ARG A 141 4.59 -8.06 -32.15
N GLU A 142 3.71 -7.15 -31.72
CA GLU A 142 2.43 -7.54 -31.17
C GLU A 142 1.34 -7.47 -32.23
N SER A 143 1.67 -7.91 -33.45
CA SER A 143 0.71 -7.89 -34.55
C SER A 143 0.12 -9.27 -34.77
N LEU A 144 -0.76 -9.38 -35.77
CA LEU A 144 -1.41 -10.65 -36.09
C LEU A 144 -2.21 -11.16 -34.90
N ALA A 145 -3.52 -10.94 -34.93
CA ALA A 145 -4.40 -11.38 -33.86
C ALA A 145 -4.57 -12.90 -33.88
N LYS A 146 -4.43 -13.52 -32.71
CA LYS A 146 -4.57 -14.97 -32.61
C LYS A 146 -6.04 -15.37 -32.53
N MET A 1 8.32 13.41 15.58
CA MET A 1 8.68 12.34 14.62
C MET A 1 7.51 12.02 13.70
N LYS A 2 6.38 11.69 14.29
CA LYS A 2 5.17 11.36 13.53
C LYS A 2 3.92 11.82 14.26
N LYS A 3 3.27 12.84 13.72
CA LYS A 3 2.05 13.38 14.32
C LYS A 3 0.84 12.56 13.92
N ALA A 4 0.01 12.20 14.90
CA ALA A 4 -1.19 11.42 14.64
C ALA A 4 -2.44 12.27 14.78
N THR A 5 -3.53 11.84 14.15
CA THR A 5 -4.79 12.56 14.20
C THR A 5 -4.64 13.96 13.62
N CYS A 6 -5.77 14.57 13.28
CA CYS A 6 -5.77 15.92 12.71
C CYS A 6 -5.62 16.96 13.80
N LEU A 7 -6.66 17.12 14.60
CA LEU A 7 -6.66 18.10 15.68
C LEU A 7 -8.03 18.13 16.36
N THR A 8 -9.07 17.91 15.57
CA THR A 8 -10.43 17.93 16.07
C THR A 8 -11.24 16.77 15.48
N ASP A 9 -12.46 16.60 15.97
CA ASP A 9 -13.33 15.53 15.49
C ASP A 9 -13.85 15.82 14.09
N ASP A 10 -14.12 17.09 13.82
CA ASP A 10 -14.64 17.51 12.52
C ASP A 10 -13.57 17.41 11.43
N GLN A 11 -12.35 17.84 11.77
CA GLN A 11 -11.24 17.80 10.83
C GLN A 11 -10.96 16.38 10.35
N ARG A 12 -11.25 15.40 11.21
CA ARG A 12 -11.04 14.00 10.86
C ARG A 12 -12.11 13.51 9.89
N TRP A 13 -13.36 13.77 10.21
CA TRP A 13 -14.48 13.37 9.38
C TRP A 13 -14.28 13.85 7.94
N GLN A 14 -13.50 14.91 7.77
CA GLN A 14 -13.23 15.48 6.45
C GLN A 14 -12.47 14.49 5.56
N SER A 15 -11.32 14.01 6.05
CA SER A 15 -10.50 13.08 5.30
C SER A 15 -11.29 11.82 4.91
N VAL A 16 -12.19 11.40 5.79
CA VAL A 16 -13.00 10.22 5.54
C VAL A 16 -13.93 10.43 4.36
N LEU A 17 -14.55 11.61 4.29
CA LEU A 17 -15.46 11.93 3.21
C LEU A 17 -14.71 12.16 1.90
N ALA A 18 -13.45 12.60 2.02
CA ALA A 18 -12.63 12.86 0.85
C ALA A 18 -11.99 11.58 0.31
N ARG A 19 -12.11 10.49 1.07
CA ARG A 19 -11.55 9.20 0.67
C ARG A 19 -10.13 9.35 0.11
N ASP A 20 -9.41 10.35 0.62
CA ASP A 20 -8.05 10.61 0.15
C ASP A 20 -7.18 9.35 0.32
N PRO A 21 -6.82 8.69 -0.80
CA PRO A 21 -5.99 7.49 -0.76
C PRO A 21 -4.59 7.77 -0.23
N ASN A 22 -4.22 9.04 -0.18
CA ASN A 22 -2.90 9.44 0.30
C ASN A 22 -2.97 9.87 1.76
N ALA A 23 -3.89 9.27 2.51
CA ALA A 23 -4.04 9.59 3.93
C ALA A 23 -3.28 8.59 4.81
N ASP A 24 -2.22 8.01 4.25
CA ASP A 24 -1.41 7.04 4.99
C ASP A 24 -0.89 7.65 6.28
N GLY A 25 -1.64 7.46 7.36
CA GLY A 25 -1.26 7.99 8.65
C GLY A 25 -2.31 8.93 9.22
N GLU A 26 -3.42 9.09 8.51
CA GLU A 26 -4.50 9.96 8.95
C GLU A 26 -5.16 9.41 10.21
N PHE A 27 -6.14 8.52 10.04
CA PHE A 27 -6.83 7.94 11.18
C PHE A 27 -7.71 6.77 10.74
N VAL A 28 -7.71 5.71 11.53
CA VAL A 28 -8.50 4.53 11.22
C VAL A 28 -9.88 4.63 11.84
N PHE A 29 -10.90 4.30 11.06
CA PHE A 29 -12.27 4.37 11.54
C PHE A 29 -12.69 3.03 12.15
N ALA A 30 -12.96 3.04 13.46
CA ALA A 30 -13.37 1.82 14.14
C ALA A 30 -14.88 1.65 14.08
N VAL A 31 -15.31 0.45 13.71
CA VAL A 31 -16.73 0.14 13.61
C VAL A 31 -17.19 -0.69 14.79
N ARG A 32 -18.19 -0.19 15.52
CA ARG A 32 -18.71 -0.89 16.69
C ARG A 32 -19.75 -1.93 16.28
N THR A 33 -20.43 -1.68 15.17
CA THR A 33 -21.44 -2.59 14.67
C THR A 33 -20.82 -3.87 14.14
N THR A 34 -19.63 -3.75 13.55
CA THR A 34 -18.92 -4.90 13.00
C THR A 34 -17.66 -5.22 13.80
N GLY A 35 -17.13 -4.20 14.47
CA GLY A 35 -15.93 -4.40 15.26
C GLY A 35 -14.67 -4.40 14.41
N ILE A 36 -14.65 -3.54 13.40
CA ILE A 36 -13.50 -3.44 12.51
C ILE A 36 -13.02 -2.01 12.35
N PHE A 37 -11.71 -1.84 12.18
CA PHE A 37 -11.12 -0.52 12.01
C PHE A 37 -10.51 -0.39 10.62
N ARG A 39 -8.32 1.32 7.50
CA ARG A 39 -7.02 2.00 7.38
C ARG A 39 -7.20 3.51 7.56
N PRO A 40 -6.10 4.27 7.68
CA PRO A 40 -6.17 5.72 7.87
C PRO A 40 -7.17 6.38 6.92
N SER A 41 -7.11 5.97 5.65
CA SER A 41 -8.01 6.49 4.63
C SER A 41 -9.38 5.81 4.71
N CYS A 42 -9.89 5.32 3.57
CA CYS A 42 -11.19 4.64 3.51
C CYS A 42 -12.35 5.63 3.52
N ARG A 43 -13.50 5.16 3.04
CA ARG A 43 -14.70 5.98 2.99
C ARG A 43 -15.92 5.10 2.76
N ALA A 44 -16.20 4.22 3.71
CA ALA A 44 -17.34 3.31 3.61
C ALA A 44 -18.36 3.60 4.71
N ARG A 45 -19.56 4.01 4.30
CA ARG A 45 -20.62 4.31 5.24
C ARG A 45 -21.08 3.05 5.97
N HIS A 46 -20.57 2.87 7.19
CA HIS A 46 -20.93 1.71 7.99
C HIS A 46 -20.76 2.01 9.47
N ALA A 47 -20.99 3.27 9.83
CA ALA A 47 -20.88 3.72 11.21
C ALA A 47 -21.13 5.22 11.31
N LEU A 48 -22.28 5.58 11.88
CA LEU A 48 -22.64 6.99 12.02
C LEU A 48 -21.67 7.71 12.95
N ARG A 49 -22.00 8.95 13.29
CA ARG A 49 -21.16 9.75 14.17
C ARG A 49 -21.48 9.43 15.64
N GLU A 50 -21.32 8.15 15.99
CA GLU A 50 -21.58 7.69 17.35
C GLU A 50 -21.17 6.24 17.51
N ASN A 51 -21.42 5.44 16.47
CA ASN A 51 -21.06 4.03 16.48
C ASN A 51 -19.69 3.80 15.86
N VAL A 52 -18.88 4.85 15.81
CA VAL A 52 -17.54 4.77 15.23
C VAL A 52 -16.48 5.29 16.21
N SER A 53 -15.28 4.72 16.12
CA SER A 53 -14.18 5.12 16.98
C SER A 53 -12.99 5.57 16.15
N PHE A 54 -12.48 6.77 16.46
CA PHE A 54 -11.35 7.32 15.73
C PHE A 54 -10.03 6.88 16.37
N TYR A 55 -9.17 6.26 15.57
CA TYR A 55 -7.88 5.79 16.05
C TYR A 55 -6.75 6.34 15.18
N ALA A 56 -5.65 6.73 15.82
CA ALA A 56 -4.50 7.30 15.12
C ALA A 56 -3.88 6.29 14.16
N ASN A 57 -3.71 5.06 14.60
CA ASN A 57 -3.11 4.02 13.79
C ASN A 57 -3.85 2.69 13.94
N ALA A 58 -3.35 1.68 13.25
CA ALA A 58 -3.95 0.35 13.31
C ALA A 58 -3.59 -0.37 14.59
N SER A 59 -2.33 -0.25 15.01
CA SER A 59 -1.86 -0.89 16.23
C SER A 59 -2.70 -0.46 17.43
N GLU A 60 -3.20 0.76 17.39
CA GLU A 60 -4.00 1.29 18.49
C GLU A 60 -5.41 0.71 18.45
N ALA A 61 -6.07 0.78 17.30
CA ALA A 61 -7.42 0.26 17.14
C ALA A 61 -7.43 -1.26 17.19
N LEU A 62 -6.49 -1.88 16.48
CA LEU A 62 -6.39 -3.33 16.45
C LEU A 62 -6.22 -3.91 17.84
N ALA A 63 -5.34 -3.29 18.63
CA ALA A 63 -5.07 -3.74 19.98
C ALA A 63 -6.34 -3.73 20.82
N ALA A 64 -7.17 -2.72 20.61
CA ALA A 64 -8.42 -2.59 21.35
C ALA A 64 -9.33 -3.80 21.11
N GLY A 65 -9.07 -4.52 20.02
CA GLY A 65 -9.86 -5.68 19.69
C GLY A 65 -10.75 -5.46 18.47
N PHE A 66 -10.19 -4.81 17.45
CA PHE A 66 -10.93 -4.52 16.24
C PHE A 66 -10.23 -5.12 15.02
N ARG A 67 -11.01 -5.68 14.11
CA ARG A 67 -10.47 -6.28 12.89
C ARG A 67 -10.15 -5.19 11.87
N PRO A 68 -9.00 -5.29 11.18
CA PRO A 68 -8.59 -4.29 10.19
C PRO A 68 -9.25 -4.47 8.83
N CYS A 69 -9.61 -3.34 8.21
CA CYS A 69 -10.22 -3.35 6.89
C CYS A 69 -9.21 -2.84 5.86
N LYS A 70 -8.58 -3.78 5.16
CA LYS A 70 -7.58 -3.44 4.15
C LYS A 70 -8.21 -3.12 2.80
N ARG A 71 -9.54 -3.23 2.72
CA ARG A 71 -10.25 -2.93 1.48
C ARG A 71 -9.88 -1.55 0.96
N CYS A 72 -9.44 -0.68 1.87
CA CYS A 72 -9.05 0.67 1.50
C CYS A 72 -7.53 0.76 1.28
N GLN A 73 -6.90 -0.39 1.07
CA GLN A 73 -5.46 -0.44 0.84
C GLN A 73 -4.68 0.09 2.03
N PRO A 74 -3.52 -0.51 2.34
CA PRO A 74 -2.69 -0.09 3.48
C PRO A 74 -1.89 1.18 3.16
N GLU A 75 -1.40 1.27 1.94
CA GLU A 75 -0.62 2.43 1.51
C GLU A 75 -0.57 2.53 -0.01
N LYS A 76 -0.35 1.40 -0.65
CA LYS A 76 -0.28 1.35 -2.12
C LYS A 76 -0.39 -0.08 -2.62
N ALA A 77 0.67 -0.87 -2.40
CA ALA A 77 0.68 -2.26 -2.83
C ALA A 77 0.38 -3.20 -1.67
N ASN A 78 0.41 -4.50 -1.94
CA ASN A 78 0.14 -5.50 -0.92
C ASN A 78 1.44 -5.96 -0.27
N ALA A 79 2.38 -6.42 -1.08
CA ALA A 79 3.67 -6.89 -0.58
C ALA A 79 3.48 -8.08 0.38
N GLN A 80 4.58 -8.54 0.95
CA GLN A 80 4.54 -9.66 1.88
C GLN A 80 3.75 -9.30 3.13
N GLN A 81 2.50 -9.77 3.18
CA GLN A 81 1.64 -9.49 4.33
C GLN A 81 1.01 -10.78 4.85
N HIS A 82 0.05 -10.63 5.76
CA HIS A 82 -0.63 -11.78 6.34
C HIS A 82 0.36 -12.71 7.06
N ARG A 83 1.43 -12.12 7.57
CA ARG A 83 2.45 -12.88 8.29
C ARG A 83 1.94 -13.35 9.63
N LEU A 84 1.34 -12.43 10.38
CA LEU A 84 0.80 -12.76 11.70
C LEU A 84 -0.46 -13.60 11.58
N ASP A 85 -1.21 -13.40 10.50
CA ASP A 85 -2.44 -14.15 10.26
C ASP A 85 -2.14 -15.62 10.07
N LYS A 86 -0.98 -15.92 9.49
CA LYS A 86 -0.58 -17.31 9.25
C LYS A 86 -0.24 -18.01 10.56
N ILE A 87 0.71 -17.45 11.30
CA ILE A 87 1.13 -18.03 12.56
C ILE A 87 -0.04 -18.15 13.52
N THR A 88 -0.98 -17.22 13.42
CA THR A 88 -2.16 -17.23 14.28
C THR A 88 -2.99 -18.48 14.01
N HIS A 89 -3.06 -18.88 12.74
CA HIS A 89 -3.82 -20.07 12.36
C HIS A 89 -3.12 -21.32 12.87
N ALA A 90 -1.79 -21.28 12.92
CA ALA A 90 -1.00 -22.41 13.39
C ALA A 90 -1.11 -22.56 14.90
N CYS A 91 -1.05 -21.44 15.61
CA CYS A 91 -1.13 -21.44 17.06
C CYS A 91 -2.42 -22.12 17.53
N ARG A 92 -3.52 -21.80 16.87
CA ARG A 92 -4.81 -22.38 17.21
C ARG A 92 -4.89 -23.84 16.75
N LEU A 93 -4.20 -24.15 15.65
CA LEU A 93 -4.19 -25.50 15.12
C LEU A 93 -3.64 -26.49 16.13
N LEU A 94 -2.81 -26.00 17.04
CA LEU A 94 -2.21 -26.84 18.08
C LEU A 94 -3.01 -26.77 19.37
N GLU A 95 -4.33 -26.64 19.24
CA GLU A 95 -5.20 -26.56 20.41
C GLU A 95 -5.66 -27.95 20.84
N GLN A 96 -6.55 -27.99 21.83
CA GLN A 96 -7.07 -29.26 22.34
C GLN A 96 -5.97 -30.05 23.04
N GLU A 97 -6.30 -31.26 23.47
CA GLU A 97 -5.35 -32.11 24.16
C GLU A 97 -5.02 -33.34 23.32
N THR A 98 -5.06 -33.19 22.00
CA THR A 98 -4.78 -34.29 21.09
C THR A 98 -3.40 -34.10 20.43
N PRO A 99 -2.68 -35.21 20.20
CA PRO A 99 -1.35 -35.16 19.57
C PRO A 99 -1.36 -34.40 18.25
N VAL A 100 -0.87 -33.16 18.28
CA VAL A 100 -0.82 -32.34 17.07
C VAL A 100 0.53 -32.47 16.37
N THR A 101 0.52 -32.99 15.15
CA THR A 101 1.73 -33.16 14.37
C THR A 101 2.28 -31.81 13.93
N LEU A 102 3.59 -31.64 14.06
CA LEU A 102 4.24 -30.39 13.67
C LEU A 102 4.05 -30.13 12.17
N GLU A 103 4.23 -31.17 11.36
CA GLU A 103 4.08 -31.04 9.92
C GLU A 103 2.69 -30.53 9.55
N ALA A 104 1.71 -30.81 10.39
CA ALA A 104 0.34 -30.37 10.14
C ALA A 104 0.31 -28.86 9.95
N LEU A 105 0.97 -28.15 10.87
CA LEU A 105 1.05 -26.70 10.76
C LEU A 105 1.81 -26.32 9.50
N ALA A 106 2.74 -27.19 9.10
CA ALA A 106 3.52 -26.99 7.90
C ALA A 106 2.66 -27.21 6.66
N ASP A 107 1.63 -28.04 6.80
CA ASP A 107 0.72 -28.35 5.72
C ASP A 107 -0.14 -27.13 5.35
N GLN A 108 -0.72 -26.51 6.37
CA GLN A 108 -1.57 -25.34 6.15
C GLN A 108 -0.77 -24.18 5.57
N VAL A 109 0.47 -24.04 6.02
CA VAL A 109 1.34 -22.97 5.54
C VAL A 109 2.04 -23.37 4.24
N ALA A 110 2.10 -24.68 3.98
CA ALA A 110 2.75 -25.18 2.78
C ALA A 110 4.25 -24.91 2.80
N MET A 111 4.84 -25.02 3.99
CA MET A 111 6.27 -24.79 4.14
C MET A 111 6.89 -25.83 5.08
N SER A 112 8.22 -25.79 5.20
CA SER A 112 8.92 -26.72 6.07
C SER A 112 8.97 -26.20 7.50
N PRO A 113 9.30 -27.08 8.47
CA PRO A 113 9.38 -26.70 9.88
C PRO A 113 10.29 -25.49 10.11
N PHE A 114 11.20 -25.26 9.18
CA PHE A 114 12.13 -24.15 9.28
C PHE A 114 11.43 -22.82 9.01
N HIS A 115 10.47 -22.84 8.09
CA HIS A 115 9.72 -21.65 7.74
C HIS A 115 8.76 -21.25 8.85
N LEU A 116 8.00 -22.23 9.35
CA LEU A 116 7.05 -21.99 10.42
C LEU A 116 7.76 -21.57 11.71
N HIS A 117 8.88 -22.23 11.99
CA HIS A 117 9.66 -21.93 13.19
C HIS A 117 10.10 -20.46 13.21
N ARG A 118 10.74 -20.02 12.13
CA ARG A 118 11.20 -18.65 12.03
C ARG A 118 10.03 -17.67 11.99
N LEU A 119 8.98 -18.05 11.28
CA LEU A 119 7.80 -17.20 11.16
C LEU A 119 7.15 -16.98 12.52
N PHE A 120 7.02 -18.05 13.30
CA PHE A 120 6.42 -17.98 14.62
C PHE A 120 7.31 -17.19 15.58
N LYS A 121 8.61 -17.49 15.57
CA LYS A 121 9.56 -16.82 16.43
C LYS A 121 9.62 -15.32 16.13
N ALA A 122 9.42 -14.97 14.87
CA ALA A 122 9.44 -13.57 14.46
C ALA A 122 8.17 -12.84 14.88
N THR A 123 7.10 -13.59 15.08
CA THR A 123 5.82 -13.01 15.49
C THR A 123 5.67 -13.00 17.00
N THR A 124 5.55 -14.18 17.59
CA THR A 124 5.39 -14.31 19.04
C THR A 124 6.74 -14.51 19.73
N GLY A 125 7.64 -15.23 19.07
CA GLY A 125 8.95 -15.48 19.66
C GLY A 125 8.94 -16.66 20.61
N MET A 126 8.17 -17.69 20.26
CA MET A 126 8.08 -18.89 21.08
C MET A 126 7.90 -20.13 20.22
N THR A 127 7.88 -21.30 20.87
CA THR A 127 7.70 -22.56 20.16
C THR A 127 6.43 -23.27 20.62
N PRO A 128 6.01 -24.32 19.88
CA PRO A 128 4.80 -25.08 20.21
C PRO A 128 4.80 -25.56 21.66
N LYS A 129 5.96 -26.02 22.13
CA LYS A 129 6.09 -26.49 23.49
C LYS A 129 5.92 -25.36 24.50
N ALA A 130 6.49 -24.21 24.17
CA ALA A 130 6.41 -23.04 25.05
C ALA A 130 4.97 -22.53 25.14
N TRP A 131 4.28 -22.51 24.01
CA TRP A 131 2.90 -22.05 23.97
C TRP A 131 2.00 -22.91 24.85
N GLN A 132 2.14 -24.23 24.71
CA GLN A 132 1.34 -25.17 25.49
C GLN A 132 1.61 -24.98 26.98
N GLN A 133 2.85 -24.65 27.31
CA GLN A 133 3.23 -24.44 28.71
C GLN A 133 2.57 -23.19 29.27
N ALA A 134 2.37 -22.19 28.42
CA ALA A 134 1.75 -20.93 28.82
C ALA A 134 0.29 -21.15 29.19
N TRP A 135 -0.42 -21.93 28.38
CA TRP A 135 -1.83 -22.21 28.63
C TRP A 135 -1.99 -23.13 29.83
N ARG A 136 -1.10 -24.10 29.96
CA ARG A 136 -1.15 -25.05 31.06
C ARG A 136 -0.80 -24.36 32.38
N ALA A 137 0.19 -23.49 32.35
CA ALA A 137 0.61 -22.77 33.54
C ALA A 137 -0.46 -21.78 34.01
N ARG A 138 -1.21 -21.24 33.06
CA ARG A 138 -2.26 -20.29 33.37
C ARG A 138 -3.49 -21.00 33.95
N ARG A 139 -3.71 -22.23 33.51
CA ARG A 139 -4.84 -23.02 33.99
C ARG A 139 -4.63 -23.45 35.43
N LEU A 140 -3.37 -23.66 35.79
CA LEU A 140 -3.03 -24.07 37.16
C LEU A 140 -3.05 -22.88 38.11
N ARG A 141 -2.47 -21.77 37.67
CA ARG A 141 -2.42 -20.56 38.48
C ARG A 141 -3.80 -19.91 38.60
N GLU A 142 -4.56 -19.97 37.50
CA GLU A 142 -5.90 -19.39 37.48
C GLU A 142 -6.96 -20.46 37.71
N SER A 143 -6.65 -21.41 38.59
CA SER A 143 -7.57 -22.49 38.90
C SER A 143 -8.68 -22.02 39.84
N LEU A 144 -9.92 -22.09 39.38
CA LEU A 144 -11.07 -21.66 40.17
C LEU A 144 -11.76 -22.86 40.81
N ALA A 145 -11.97 -22.79 42.12
CA ALA A 145 -12.62 -23.87 42.85
C ALA A 145 -14.07 -23.51 43.19
N LYS A 146 -14.95 -24.51 43.14
CA LYS A 146 -16.36 -24.29 43.45
C LYS A 146 -16.97 -23.29 42.48
N MET A 1 -6.74 14.88 28.43
CA MET A 1 -6.35 13.47 28.66
C MET A 1 -6.13 12.73 27.34
N LYS A 2 -7.16 12.74 26.49
CA LYS A 2 -7.08 12.09 25.19
C LYS A 2 -6.34 12.96 24.18
N LYS A 3 -5.46 12.34 23.41
CA LYS A 3 -4.69 13.07 22.40
C LYS A 3 -5.37 12.99 21.04
N ALA A 4 -5.68 14.16 20.47
CA ALA A 4 -6.33 14.23 19.17
C ALA A 4 -5.32 14.05 18.04
N THR A 5 -5.79 13.47 16.94
CA THR A 5 -4.93 13.24 15.78
C THR A 5 -4.70 14.53 15.00
N CYS A 6 -5.77 15.26 14.74
CA CYS A 6 -5.68 16.52 14.01
C CYS A 6 -5.75 17.70 14.95
N LEU A 7 -6.97 18.06 15.34
CA LEU A 7 -7.21 19.19 16.24
C LEU A 7 -8.67 19.21 16.67
N THR A 8 -9.55 18.81 15.75
CA THR A 8 -10.98 18.79 16.00
C THR A 8 -11.61 17.53 15.42
N ASP A 9 -12.80 17.19 15.89
CA ASP A 9 -13.51 16.01 15.41
C ASP A 9 -14.02 16.23 13.99
N ASP A 10 -14.31 17.48 13.66
CA ASP A 10 -14.82 17.83 12.34
C ASP A 10 -13.74 17.71 11.28
N GLN A 11 -12.52 18.13 11.62
CA GLN A 11 -11.41 18.07 10.68
C GLN A 11 -11.14 16.64 10.23
N ARG A 12 -11.23 15.70 11.17
CA ARG A 12 -10.99 14.30 10.87
C ARG A 12 -12.07 13.75 9.94
N TRP A 13 -13.33 13.95 10.31
CA TRP A 13 -14.45 13.48 9.50
C TRP A 13 -14.32 13.95 8.06
N GLN A 14 -13.59 15.05 7.85
CA GLN A 14 -13.40 15.61 6.52
C GLN A 14 -12.63 14.64 5.63
N SER A 15 -11.46 14.21 6.09
CA SER A 15 -10.63 13.28 5.32
C SER A 15 -11.38 11.99 5.07
N VAL A 16 -12.24 11.59 6.01
CA VAL A 16 -13.02 10.38 5.88
C VAL A 16 -14.00 10.49 4.71
N LEU A 17 -14.74 11.59 4.68
CA LEU A 17 -15.72 11.82 3.62
C LEU A 17 -15.02 12.10 2.30
N ALA A 18 -13.87 12.77 2.37
CA ALA A 18 -13.10 13.09 1.17
C ALA A 18 -12.58 11.83 0.49
N ARG A 19 -12.45 10.75 1.26
CA ARG A 19 -11.97 9.48 0.73
C ARG A 19 -10.58 9.64 0.12
N ASP A 20 -9.79 10.54 0.69
CA ASP A 20 -8.44 10.78 0.20
C ASP A 20 -7.61 9.49 0.26
N PRO A 21 -7.29 8.89 -0.91
CA PRO A 21 -6.50 7.66 -0.96
C PRO A 21 -5.07 7.87 -0.48
N ASN A 22 -4.65 9.13 -0.40
CA ASN A 22 -3.31 9.46 0.04
C ASN A 22 -3.34 9.97 1.48
N ALA A 23 -4.22 9.39 2.30
CA ALA A 23 -4.33 9.79 3.69
C ALA A 23 -3.49 8.89 4.59
N ASP A 24 -2.42 8.33 4.04
CA ASP A 24 -1.54 7.45 4.81
C ASP A 24 -1.05 8.17 6.06
N GLY A 25 -1.75 7.96 7.16
CA GLY A 25 -1.41 8.58 8.42
C GLY A 25 -2.54 9.43 8.97
N GLU A 26 -3.67 9.45 8.27
CA GLU A 26 -4.82 10.23 8.70
C GLU A 26 -5.39 9.67 10.00
N PHE A 27 -6.24 8.65 9.90
CA PHE A 27 -6.83 8.05 11.08
C PHE A 27 -7.60 6.77 10.74
N VAL A 28 -7.57 5.83 11.67
CA VAL A 28 -8.25 4.56 11.50
C VAL A 28 -9.68 4.64 12.02
N PHE A 29 -10.63 4.19 11.22
CA PHE A 29 -12.04 4.22 11.62
C PHE A 29 -12.47 2.90 12.26
N ALA A 30 -12.75 2.94 13.55
CA ALA A 30 -13.17 1.75 14.27
C ALA A 30 -14.69 1.59 14.20
N VAL A 31 -15.12 0.44 13.68
CA VAL A 31 -16.55 0.16 13.54
C VAL A 31 -17.05 -0.62 14.75
N ARG A 32 -17.80 0.06 15.61
CA ARG A 32 -18.33 -0.57 16.81
C ARG A 32 -19.38 -1.62 16.46
N THR A 33 -20.04 -1.44 15.32
CA THR A 33 -21.07 -2.37 14.87
C THR A 33 -20.47 -3.72 14.49
N THR A 34 -19.56 -3.72 13.53
CA THR A 34 -18.91 -4.94 13.08
C THR A 34 -17.73 -5.30 13.98
N GLY A 35 -17.10 -4.28 14.54
CA GLY A 35 -15.96 -4.51 15.41
C GLY A 35 -14.64 -4.52 14.66
N ILE A 36 -14.56 -3.73 13.59
CA ILE A 36 -13.34 -3.66 12.79
C ILE A 36 -12.76 -2.26 12.76
N PHE A 37 -11.65 -2.10 12.04
CA PHE A 37 -10.98 -0.82 11.91
C PHE A 37 -10.34 -0.71 10.53
N ARG A 39 -7.87 1.25 7.57
CA ARG A 39 -6.64 2.02 7.43
C ARG A 39 -6.94 3.52 7.53
N PRO A 40 -5.89 4.37 7.63
CA PRO A 40 -6.07 5.82 7.74
C PRO A 40 -7.14 6.38 6.81
N SER A 41 -7.09 5.95 5.54
CA SER A 41 -8.06 6.40 4.54
C SER A 41 -9.39 5.66 4.66
N CYS A 42 -9.85 5.03 3.56
CA CYS A 42 -11.10 4.28 3.54
C CYS A 42 -12.30 5.20 3.31
N ARG A 43 -13.34 4.66 2.70
CA ARG A 43 -14.55 5.41 2.41
C ARG A 43 -15.76 4.48 2.33
N ALA A 44 -15.67 3.34 3.00
CA ALA A 44 -16.75 2.37 3.00
C ALA A 44 -17.85 2.76 3.98
N ARG A 45 -19.10 2.69 3.52
CA ARG A 45 -20.24 3.05 4.35
C ARG A 45 -20.31 2.15 5.58
N HIS A 46 -19.81 2.64 6.71
CA HIS A 46 -19.81 1.88 7.95
C HIS A 46 -19.78 2.81 9.16
N ALA A 47 -20.63 2.51 10.14
CA ALA A 47 -20.69 3.33 11.35
C ALA A 47 -21.09 4.76 11.03
N LEU A 48 -22.29 5.14 11.43
CA LEU A 48 -22.78 6.49 11.19
C LEU A 48 -22.03 7.49 12.06
N ARG A 49 -22.49 8.74 12.06
CA ARG A 49 -21.86 9.79 12.85
C ARG A 49 -22.23 9.65 14.33
N GLU A 50 -21.94 8.48 14.89
CA GLU A 50 -22.24 8.21 16.30
C GLU A 50 -21.71 6.83 16.69
N ASN A 51 -21.86 5.86 15.79
CA ASN A 51 -21.40 4.50 16.06
C ASN A 51 -20.04 4.26 15.40
N VAL A 52 -19.27 5.32 15.24
CA VAL A 52 -17.95 5.23 14.62
C VAL A 52 -16.86 5.70 15.58
N SER A 53 -15.76 4.95 15.63
CA SER A 53 -14.65 5.28 16.50
C SER A 53 -13.46 5.81 15.69
N PHE A 54 -12.62 6.61 16.35
CA PHE A 54 -11.44 7.18 15.68
C PHE A 54 -10.17 6.59 16.25
N TYR A 55 -9.21 6.33 15.37
CA TYR A 55 -7.93 5.76 15.78
C TYR A 55 -6.79 6.36 14.96
N ALA A 56 -5.56 6.21 15.46
CA ALA A 56 -4.39 6.75 14.78
C ALA A 56 -3.74 5.69 13.89
N ASN A 57 -3.62 4.48 14.42
CA ASN A 57 -3.01 3.38 13.67
C ASN A 57 -3.77 2.08 13.91
N ALA A 58 -3.45 1.07 13.11
CA ALA A 58 -4.10 -0.23 13.24
C ALA A 58 -3.73 -0.91 14.55
N SER A 59 -2.47 -0.77 14.95
CA SER A 59 -1.99 -1.37 16.19
C SER A 59 -2.76 -0.84 17.39
N GLU A 60 -3.23 0.40 17.29
CA GLU A 60 -3.98 1.03 18.37
C GLU A 60 -5.41 0.48 18.43
N ALA A 61 -6.10 0.52 17.30
CA ALA A 61 -7.47 0.03 17.23
C ALA A 61 -7.53 -1.49 17.33
N LEU A 62 -6.56 -2.16 16.71
CA LEU A 62 -6.50 -3.61 16.75
C LEU A 62 -6.33 -4.12 18.16
N ALA A 63 -5.42 -3.49 18.91
CA ALA A 63 -5.15 -3.88 20.29
C ALA A 63 -6.41 -3.77 21.14
N ALA A 64 -7.20 -2.73 20.88
CA ALA A 64 -8.44 -2.51 21.62
C ALA A 64 -9.41 -3.66 21.42
N GLY A 65 -9.26 -4.37 20.31
CA GLY A 65 -10.14 -5.49 20.01
C GLY A 65 -10.98 -5.24 18.77
N PHE A 66 -10.33 -4.98 17.65
CA PHE A 66 -11.03 -4.73 16.40
C PHE A 66 -10.28 -5.35 15.22
N ARG A 67 -11.04 -5.92 14.27
CA ARG A 67 -10.45 -6.54 13.11
C ARG A 67 -10.05 -5.49 12.07
N PRO A 68 -8.98 -5.72 11.31
CA PRO A 68 -8.49 -4.77 10.31
C PRO A 68 -9.25 -4.82 8.99
N CYS A 69 -9.20 -3.70 8.27
CA CYS A 69 -9.86 -3.59 6.97
C CYS A 69 -8.88 -3.00 5.95
N LYS A 70 -8.32 -3.87 5.12
CA LYS A 70 -7.36 -3.44 4.10
C LYS A 70 -8.05 -3.08 2.79
N ARG A 71 -9.37 -3.25 2.74
CA ARG A 71 -10.13 -2.94 1.55
C ARG A 71 -9.87 -1.50 1.09
N CYS A 72 -9.43 -0.66 2.03
CA CYS A 72 -9.14 0.74 1.73
C CYS A 72 -7.66 0.92 1.36
N GLN A 73 -6.99 -0.18 1.04
CA GLN A 73 -5.57 -0.12 0.65
C GLN A 73 -4.72 0.43 1.80
N PRO A 74 -3.46 -0.05 1.92
CA PRO A 74 -2.55 0.40 2.96
C PRO A 74 -1.90 1.74 2.63
N GLU A 75 -1.46 1.88 1.39
CA GLU A 75 -0.82 3.11 0.94
C GLU A 75 -0.86 3.23 -0.58
N LYS A 76 -0.55 2.13 -1.25
CA LYS A 76 -0.55 2.11 -2.71
C LYS A 76 -1.97 2.25 -3.27
N ALA A 77 -2.09 2.20 -4.58
CA ALA A 77 -3.40 2.33 -5.22
C ALA A 77 -3.41 1.64 -6.58
N ASN A 78 -2.49 2.04 -7.46
CA ASN A 78 -2.39 1.47 -8.79
C ASN A 78 -1.74 0.09 -8.74
N ALA A 79 -2.40 -0.89 -9.35
CA ALA A 79 -1.87 -2.26 -9.37
C ALA A 79 -2.00 -2.86 -10.77
N GLN A 80 -3.17 -2.70 -11.38
CA GLN A 80 -3.42 -3.24 -12.70
C GLN A 80 -3.90 -2.14 -13.65
N GLN A 81 -2.96 -1.47 -14.31
CA GLN A 81 -3.30 -0.41 -15.24
C GLN A 81 -3.02 -0.83 -16.68
N HIS A 82 -4.06 -1.30 -17.35
CA HIS A 82 -3.94 -1.75 -18.74
C HIS A 82 -4.70 -0.81 -19.69
N ARG A 83 -5.77 -0.22 -19.18
CA ARG A 83 -6.59 0.69 -19.97
C ARG A 83 -5.75 1.86 -20.50
N LEU A 84 -4.82 2.33 -19.67
CA LEU A 84 -3.95 3.44 -20.06
C LEU A 84 -2.86 2.97 -21.00
N ASP A 85 -2.43 1.73 -20.84
CA ASP A 85 -1.38 1.16 -21.67
C ASP A 85 -1.89 0.92 -23.10
N LYS A 86 -3.17 0.58 -23.22
CA LYS A 86 -3.77 0.32 -24.52
C LYS A 86 -3.96 1.63 -25.30
N ILE A 87 -4.62 2.59 -24.67
CA ILE A 87 -4.87 3.88 -25.32
C ILE A 87 -3.56 4.54 -25.74
N THR A 88 -2.53 4.38 -24.93
CA THR A 88 -1.22 4.96 -25.21
C THR A 88 -0.68 4.39 -26.52
N HIS A 89 -0.87 3.09 -26.72
CA HIS A 89 -0.41 2.42 -27.92
C HIS A 89 -1.22 2.87 -29.14
N ALA A 90 -2.49 3.19 -28.90
CA ALA A 90 -3.38 3.63 -29.96
C ALA A 90 -3.04 5.06 -30.40
N CYS A 91 -2.81 5.93 -29.43
CA CYS A 91 -2.47 7.32 -29.71
C CYS A 91 -1.25 7.41 -30.61
N ARG A 92 -0.26 6.57 -30.34
CA ARG A 92 0.97 6.56 -31.12
C ARG A 92 0.75 5.88 -32.47
N LEU A 93 -0.21 4.95 -32.52
CA LEU A 93 -0.51 4.24 -33.75
C LEU A 93 -1.08 5.18 -34.81
N LEU A 94 -1.96 6.08 -34.38
CA LEU A 94 -2.57 7.04 -35.29
C LEU A 94 -1.51 7.94 -35.94
N GLU A 95 -0.70 8.58 -35.10
CA GLU A 95 0.35 9.46 -35.59
C GLU A 95 1.29 8.74 -36.53
N GLN A 96 0.97 8.76 -37.82
CA GLN A 96 1.78 8.10 -38.83
C GLN A 96 1.52 8.69 -40.22
N GLU A 97 2.42 8.41 -41.15
CA GLU A 97 2.28 8.90 -42.52
C GLU A 97 1.21 8.12 -43.27
N THR A 98 1.09 6.84 -42.96
CA THR A 98 0.09 5.99 -43.60
C THR A 98 -1.31 6.28 -43.08
N PRO A 99 -2.32 6.33 -43.97
CA PRO A 99 -3.70 6.60 -43.57
C PRO A 99 -4.30 5.46 -42.76
N VAL A 100 -4.96 5.81 -41.65
CA VAL A 100 -5.58 4.82 -40.78
C VAL A 100 -7.03 5.20 -40.48
N THR A 101 -7.89 4.19 -40.39
CA THR A 101 -9.30 4.41 -40.09
C THR A 101 -9.57 4.29 -38.60
N LEU A 102 -10.78 4.61 -38.19
CA LEU A 102 -11.16 4.53 -36.79
C LEU A 102 -11.29 3.08 -36.34
N GLU A 103 -12.06 2.30 -37.08
CA GLU A 103 -12.26 0.90 -36.75
C GLU A 103 -10.95 0.12 -36.83
N ALA A 104 -10.03 0.59 -37.66
CA ALA A 104 -8.73 -0.05 -37.81
C ALA A 104 -8.05 -0.15 -36.45
N LEU A 105 -8.03 0.95 -35.72
CA LEU A 105 -7.44 0.98 -34.40
C LEU A 105 -8.23 0.02 -33.49
N ALA A 106 -9.53 -0.07 -33.77
CA ALA A 106 -10.41 -0.96 -33.01
C ALA A 106 -10.07 -2.42 -33.31
N ASP A 107 -9.54 -2.66 -34.50
CA ASP A 107 -9.16 -4.00 -34.92
C ASP A 107 -7.99 -4.53 -34.11
N GLN A 108 -7.02 -3.66 -33.83
CA GLN A 108 -5.84 -4.05 -33.07
C GLN A 108 -6.20 -4.37 -31.62
N VAL A 109 -7.14 -3.60 -31.06
CA VAL A 109 -7.58 -3.81 -29.70
C VAL A 109 -8.61 -4.94 -29.60
N ALA A 110 -9.17 -5.33 -30.74
CA ALA A 110 -10.17 -6.40 -30.79
C ALA A 110 -11.45 -5.98 -30.08
N MET A 111 -11.83 -4.72 -30.26
CA MET A 111 -13.05 -4.20 -29.64
C MET A 111 -13.72 -3.18 -30.54
N SER A 112 -15.01 -2.93 -30.30
CA SER A 112 -15.77 -1.98 -31.10
C SER A 112 -15.32 -0.55 -30.78
N PRO A 113 -15.68 0.41 -31.67
CA PRO A 113 -15.30 1.81 -31.49
C PRO A 113 -15.78 2.38 -30.15
N PHE A 114 -16.76 1.72 -29.55
CA PHE A 114 -17.30 2.16 -28.26
C PHE A 114 -16.30 1.90 -27.13
N HIS A 115 -15.63 0.77 -27.19
CA HIS A 115 -14.65 0.40 -26.17
C HIS A 115 -13.43 1.30 -26.24
N LEU A 116 -13.04 1.67 -27.45
CA LEU A 116 -11.87 2.52 -27.66
C LEU A 116 -12.18 3.96 -27.25
N HIS A 117 -13.38 4.42 -27.57
CA HIS A 117 -13.79 5.78 -27.23
C HIS A 117 -13.85 5.98 -25.71
N ARG A 118 -14.57 5.11 -25.03
CA ARG A 118 -14.72 5.18 -23.59
C ARG A 118 -13.36 5.14 -22.90
N LEU A 119 -12.46 4.32 -23.42
CA LEU A 119 -11.12 4.19 -22.85
C LEU A 119 -10.28 5.42 -23.15
N PHE A 120 -10.41 5.93 -24.38
CA PHE A 120 -9.65 7.10 -24.80
C PHE A 120 -10.17 8.36 -24.11
N LYS A 121 -11.48 8.44 -23.91
CA LYS A 121 -12.09 9.59 -23.27
C LYS A 121 -11.72 9.64 -21.79
N ALA A 122 -11.59 8.47 -21.18
CA ALA A 122 -11.25 8.37 -19.75
C ALA A 122 -9.77 8.69 -19.51
N THR A 123 -8.93 8.48 -20.52
CA THR A 123 -7.50 8.74 -20.39
C THR A 123 -7.13 10.07 -21.02
N THR A 124 -7.83 10.44 -22.08
CA THR A 124 -7.56 11.70 -22.77
C THR A 124 -8.72 12.68 -22.64
N GLY A 125 -9.93 12.18 -22.83
CA GLY A 125 -11.12 13.02 -22.72
C GLY A 125 -11.29 13.93 -23.92
N MET A 126 -11.08 13.37 -25.11
CA MET A 126 -11.22 14.14 -26.35
C MET A 126 -12.14 13.43 -27.33
N THR A 127 -12.29 14.00 -28.52
CA THR A 127 -13.14 13.42 -29.55
C THR A 127 -12.33 13.14 -30.82
N PRO A 128 -12.93 12.40 -31.78
CA PRO A 128 -12.27 12.07 -33.04
C PRO A 128 -11.71 13.30 -33.76
N LYS A 129 -12.50 14.37 -33.76
CA LYS A 129 -12.08 15.61 -34.41
C LYS A 129 -10.90 16.23 -33.68
N ALA A 130 -10.99 16.30 -32.36
CA ALA A 130 -9.92 16.87 -31.54
C ALA A 130 -8.67 16.00 -31.60
N TRP A 131 -8.87 14.70 -31.76
CA TRP A 131 -7.75 13.76 -31.85
C TRP A 131 -7.09 13.81 -33.22
N GLN A 132 -7.91 13.88 -34.27
CA GLN A 132 -7.40 13.93 -35.63
C GLN A 132 -6.80 15.30 -35.94
N GLN A 133 -7.49 16.35 -35.51
CA GLN A 133 -7.01 17.71 -35.73
C GLN A 133 -5.74 17.99 -34.95
N ALA A 134 -5.55 17.25 -33.84
CA ALA A 134 -4.39 17.43 -33.00
C ALA A 134 -3.11 17.12 -33.77
N TRP A 135 -3.14 16.07 -34.57
CA TRP A 135 -1.99 15.66 -35.36
C TRP A 135 -1.66 16.71 -36.42
N ARG A 136 -2.69 17.23 -37.07
CA ARG A 136 -2.51 18.23 -38.11
C ARG A 136 -2.07 19.57 -37.50
N ALA A 137 -2.62 19.89 -36.34
CA ALA A 137 -2.29 21.13 -35.65
C ALA A 137 -0.88 21.06 -35.06
N ARG A 138 -0.47 19.87 -34.64
CA ARG A 138 0.85 19.68 -34.06
C ARG A 138 1.93 19.69 -35.14
N ARG A 139 1.56 19.22 -36.33
CA ARG A 139 2.50 19.18 -37.45
C ARG A 139 2.78 20.58 -37.97
N LEU A 140 1.79 21.46 -37.87
CA LEU A 140 1.93 22.84 -38.33
C LEU A 140 2.61 23.69 -37.27
N ARG A 141 2.31 23.41 -36.01
CA ARG A 141 2.89 24.15 -34.90
C ARG A 141 4.40 23.91 -34.81
N GLU A 142 4.81 22.69 -35.08
CA GLU A 142 6.22 22.32 -35.03
C GLU A 142 6.99 22.96 -36.19
N SER A 143 6.33 23.08 -37.33
CA SER A 143 6.95 23.68 -38.51
C SER A 143 8.19 22.91 -38.93
N LEU A 144 7.99 21.87 -39.74
CA LEU A 144 9.10 21.04 -40.21
C LEU A 144 9.52 21.46 -41.61
N ALA A 145 8.54 21.89 -42.41
CA ALA A 145 8.81 22.31 -43.78
C ALA A 145 8.86 23.83 -43.89
N LYS A 146 9.81 24.34 -44.68
CA LYS A 146 9.96 25.77 -44.85
C LYS A 146 9.84 26.14 -46.33
N MET A 1 -9.78 14.42 22.73
CA MET A 1 -9.35 14.54 24.16
C MET A 1 -8.22 13.57 24.48
N LYS A 2 -8.32 12.35 23.95
CA LYS A 2 -7.31 11.33 24.18
C LYS A 2 -6.62 10.95 22.87
N LYS A 3 -7.41 10.51 21.90
CA LYS A 3 -6.89 10.11 20.60
C LYS A 3 -6.63 11.33 19.72
N ALA A 4 -5.43 11.38 19.12
CA ALA A 4 -5.07 12.49 18.26
C ALA A 4 -4.94 12.04 16.81
N THR A 5 -5.32 12.92 15.88
CA THR A 5 -5.25 12.62 14.46
C THR A 5 -5.05 13.89 13.64
N CYS A 6 -6.07 14.75 13.65
CA CYS A 6 -6.01 16.01 12.90
C CYS A 6 -5.96 17.19 13.85
N LEU A 7 -7.11 17.48 14.46
CA LEU A 7 -7.24 18.60 15.38
C LEU A 7 -8.68 18.75 15.84
N THR A 8 -9.60 18.40 14.95
CA THR A 8 -11.02 18.51 15.23
C THR A 8 -11.78 17.35 14.60
N ASP A 9 -13.04 17.17 15.03
CA ASP A 9 -13.87 16.09 14.50
C ASP A 9 -14.30 16.39 13.07
N ASP A 10 -14.43 17.67 12.74
CA ASP A 10 -14.84 18.08 11.40
C ASP A 10 -13.73 17.83 10.38
N GLN A 11 -12.50 18.18 10.77
CA GLN A 11 -11.36 18.00 9.88
C GLN A 11 -11.18 16.53 9.51
N ARG A 12 -11.34 15.65 10.48
CA ARG A 12 -11.21 14.22 10.25
C ARG A 12 -12.33 13.69 9.37
N TRP A 13 -13.56 13.94 9.79
CA TRP A 13 -14.73 13.49 9.03
C TRP A 13 -14.64 13.93 7.57
N GLN A 14 -13.89 14.99 7.31
CA GLN A 14 -13.73 15.50 5.95
C GLN A 14 -12.89 14.55 5.09
N SER A 15 -11.69 14.22 5.56
CA SER A 15 -10.79 13.32 4.84
C SER A 15 -11.51 12.03 4.46
N VAL A 16 -12.45 11.61 5.30
CA VAL A 16 -13.20 10.39 5.06
C VAL A 16 -14.17 10.57 3.90
N LEU A 17 -14.94 11.65 3.94
CA LEU A 17 -15.91 11.94 2.89
C LEU A 17 -15.22 12.13 1.55
N ALA A 18 -13.97 12.60 1.59
CA ALA A 18 -13.19 12.83 0.39
C ALA A 18 -12.63 11.52 -0.16
N ARG A 19 -12.45 10.53 0.71
CA ARG A 19 -11.92 9.24 0.31
C ARG A 19 -10.51 9.38 -0.24
N ASP A 20 -9.79 10.41 0.21
CA ASP A 20 -8.43 10.65 -0.23
C ASP A 20 -7.54 9.44 0.05
N PRO A 21 -7.13 8.71 -1.02
CA PRO A 21 -6.27 7.53 -0.86
C PRO A 21 -4.86 7.89 -0.41
N ASN A 22 -4.55 9.19 -0.41
CA ASN A 22 -3.24 9.65 0.00
C ASN A 22 -3.25 10.06 1.48
N ALA A 23 -4.15 9.46 2.24
CA ALA A 23 -4.26 9.76 3.67
C ALA A 23 -3.49 8.73 4.51
N ASP A 24 -2.46 8.14 3.92
CA ASP A 24 -1.65 7.15 4.61
C ASP A 24 -1.09 7.73 5.91
N GLY A 25 -1.84 7.52 6.99
CA GLY A 25 -1.43 8.04 8.28
C GLY A 25 -2.48 8.95 8.90
N GLU A 26 -3.62 9.10 8.22
CA GLU A 26 -4.70 9.93 8.72
C GLU A 26 -5.23 9.38 10.03
N PHE A 27 -6.18 8.46 9.97
CA PHE A 27 -6.73 7.88 11.18
C PHE A 27 -7.55 6.64 10.89
N VAL A 28 -7.44 5.64 11.76
CA VAL A 28 -8.17 4.40 11.61
C VAL A 28 -9.52 4.50 12.31
N PHE A 29 -10.58 4.10 11.60
CA PHE A 29 -11.93 4.16 12.15
C PHE A 29 -12.36 2.81 12.72
N ALA A 30 -12.57 2.78 14.03
CA ALA A 30 -12.99 1.56 14.71
C ALA A 30 -14.50 1.45 14.72
N VAL A 31 -15.01 0.32 14.26
CA VAL A 31 -16.45 0.08 14.21
C VAL A 31 -16.87 -0.83 15.36
N ARG A 32 -17.84 -0.37 16.15
CA ARG A 32 -18.33 -1.14 17.28
C ARG A 32 -19.41 -2.14 16.85
N THR A 33 -20.27 -1.71 15.94
CA THR A 33 -21.35 -2.56 15.46
C THR A 33 -20.79 -3.84 14.82
N THR A 34 -19.61 -3.74 14.24
CA THR A 34 -18.98 -4.88 13.59
C THR A 34 -17.72 -5.31 14.36
N GLY A 35 -17.03 -4.33 14.94
CA GLY A 35 -15.82 -4.62 15.69
C GLY A 35 -14.59 -4.63 14.80
N ILE A 36 -14.58 -3.77 13.80
CA ILE A 36 -13.44 -3.69 12.88
C ILE A 36 -12.78 -2.32 12.91
N PHE A 37 -11.73 -2.16 12.13
CA PHE A 37 -11.01 -0.90 12.04
C PHE A 37 -10.51 -0.70 10.60
N ARG A 39 -8.42 1.29 7.49
CA ARG A 39 -7.18 2.00 7.26
C ARG A 39 -7.37 3.52 7.45
N PRO A 40 -6.29 4.30 7.47
CA PRO A 40 -6.37 5.75 7.68
C PRO A 40 -7.44 6.43 6.81
N SER A 41 -7.49 6.05 5.53
CA SER A 41 -8.45 6.62 4.59
C SER A 41 -9.85 6.00 4.75
N CYS A 42 -10.25 5.14 3.80
CA CYS A 42 -11.56 4.49 3.83
C CYS A 42 -12.68 5.52 3.90
N ARG A 43 -13.90 5.07 3.60
CA ARG A 43 -15.07 5.94 3.63
C ARG A 43 -16.35 5.15 3.39
N ALA A 44 -16.38 3.93 3.92
CA ALA A 44 -17.54 3.05 3.77
C ALA A 44 -18.57 3.32 4.87
N ARG A 45 -19.84 3.31 4.49
CA ARG A 45 -20.93 3.54 5.43
C ARG A 45 -21.15 2.32 6.32
N HIS A 46 -20.59 2.36 7.52
CA HIS A 46 -20.73 1.25 8.47
C HIS A 46 -20.49 1.72 9.90
N ALA A 47 -20.93 2.94 10.19
CA ALA A 47 -20.76 3.52 11.52
C ALA A 47 -21.17 4.98 11.54
N LEU A 48 -22.26 5.27 12.23
CA LEU A 48 -22.76 6.65 12.33
C LEU A 48 -21.72 7.56 13.00
N ARG A 49 -21.98 8.85 12.98
CA ARG A 49 -21.08 9.83 13.58
C ARG A 49 -20.83 9.51 15.05
N GLU A 50 -21.78 8.82 15.67
CA GLU A 50 -21.67 8.45 17.07
C GLU A 50 -21.23 6.99 17.22
N ASN A 51 -21.51 6.18 16.20
CA ASN A 51 -21.14 4.77 16.22
C ASN A 51 -19.81 4.55 15.50
N VAL A 52 -18.95 5.55 15.54
CA VAL A 52 -17.65 5.47 14.88
C VAL A 52 -16.52 5.84 15.84
N SER A 53 -15.46 5.03 15.85
CA SER A 53 -14.32 5.29 16.71
C SER A 53 -13.13 5.78 15.88
N PHE A 54 -12.14 6.36 16.55
CA PHE A 54 -10.96 6.87 15.87
C PHE A 54 -9.70 6.19 16.36
N TYR A 55 -8.67 6.19 15.51
CA TYR A 55 -7.40 5.57 15.85
C TYR A 55 -6.27 6.15 14.99
N ALA A 56 -5.04 6.06 15.49
CA ALA A 56 -3.89 6.57 14.75
C ALA A 56 -3.36 5.54 13.76
N ASN A 57 -3.27 4.30 14.21
CA ASN A 57 -2.78 3.21 13.37
C ASN A 57 -3.64 1.97 13.51
N ALA A 58 -3.33 0.93 12.74
CA ALA A 58 -4.08 -0.31 12.78
C ALA A 58 -3.71 -1.12 14.03
N SER A 59 -2.45 -1.04 14.43
CA SER A 59 -1.98 -1.77 15.61
C SER A 59 -2.72 -1.32 16.86
N GLU A 60 -2.93 -0.02 16.99
CA GLU A 60 -3.63 0.53 18.15
C GLU A 60 -5.08 0.05 18.19
N ALA A 61 -5.79 0.24 17.09
CA ALA A 61 -7.19 -0.18 17.01
C ALA A 61 -7.30 -1.70 17.04
N LEU A 62 -6.42 -2.37 16.32
CA LEU A 62 -6.42 -3.83 16.26
C LEU A 62 -6.16 -4.41 17.65
N ALA A 63 -5.15 -3.87 18.33
CA ALA A 63 -4.78 -4.33 19.67
C ALA A 63 -5.94 -4.14 20.64
N ALA A 64 -6.83 -3.20 20.33
CA ALA A 64 -7.97 -2.91 21.19
C ALA A 64 -9.15 -3.83 20.87
N GLY A 65 -8.90 -4.92 20.15
CA GLY A 65 -9.95 -5.85 19.81
C GLY A 65 -10.79 -5.37 18.64
N PHE A 66 -10.18 -5.30 17.47
CA PHE A 66 -10.89 -4.86 16.27
C PHE A 66 -10.32 -5.53 15.02
N ARG A 67 -11.20 -6.01 14.14
CA ARG A 67 -10.77 -6.66 12.91
C ARG A 67 -10.38 -5.62 11.88
N PRO A 68 -9.40 -5.93 11.01
CA PRO A 68 -8.92 -5.00 9.98
C PRO A 68 -9.82 -4.93 8.76
N CYS A 69 -9.81 -3.76 8.11
CA CYS A 69 -10.60 -3.54 6.90
C CYS A 69 -9.73 -2.88 5.83
N LYS A 70 -9.44 -3.66 4.79
CA LYS A 70 -8.61 -3.18 3.68
C LYS A 70 -9.47 -2.48 2.62
N ARG A 71 -8.94 -2.38 1.40
CA ARG A 71 -9.65 -1.75 0.30
C ARG A 71 -9.80 -0.25 0.53
N CYS A 72 -9.08 0.28 1.53
CA CYS A 72 -9.13 1.70 1.84
C CYS A 72 -7.71 2.27 1.97
N GLN A 73 -6.77 1.64 1.26
CA GLN A 73 -5.38 2.09 1.28
C GLN A 73 -4.83 2.10 2.70
N PRO A 74 -4.02 1.10 3.08
CA PRO A 74 -3.42 1.00 4.41
C PRO A 74 -2.27 1.99 4.60
N GLU A 75 -1.53 1.81 5.69
CA GLU A 75 -0.39 2.68 5.99
C GLU A 75 0.83 2.27 5.17
N LYS A 76 0.94 0.97 4.90
CA LYS A 76 2.07 0.44 4.13
C LYS A 76 1.68 -0.84 3.40
N ALA A 77 1.40 -0.71 2.11
CA ALA A 77 1.01 -1.85 1.29
C ALA A 77 2.24 -2.62 0.80
N ASN A 78 2.92 -2.07 -0.19
CA ASN A 78 4.11 -2.71 -0.75
C ASN A 78 5.37 -2.04 -0.22
N ALA A 79 6.28 -2.84 0.33
CA ALA A 79 7.53 -2.33 0.87
C ALA A 79 8.49 -1.96 -0.24
N GLN A 80 8.59 -2.83 -1.24
CA GLN A 80 9.49 -2.60 -2.38
C GLN A 80 8.77 -2.86 -3.70
N GLN A 81 8.17 -1.81 -4.26
CA GLN A 81 7.45 -1.94 -5.52
C GLN A 81 7.59 -0.67 -6.36
N HIS A 82 8.07 -0.83 -7.58
CA HIS A 82 8.26 0.31 -8.48
C HIS A 82 7.30 0.23 -9.67
N ARG A 83 7.04 -0.98 -10.14
CA ARG A 83 6.14 -1.19 -11.27
C ARG A 83 4.71 -0.85 -10.89
N LEU A 84 4.27 -1.34 -9.73
CA LEU A 84 2.91 -1.08 -9.26
C LEU A 84 2.75 0.37 -8.84
N ASP A 85 3.84 0.98 -8.38
CA ASP A 85 3.82 2.37 -7.94
C ASP A 85 3.64 3.31 -9.13
N LYS A 86 4.18 2.92 -10.28
CA LYS A 86 4.10 3.73 -11.48
C LYS A 86 2.67 3.76 -12.02
N ILE A 87 2.12 2.59 -12.31
CA ILE A 87 0.75 2.49 -12.83
C ILE A 87 -0.23 3.19 -11.92
N THR A 88 -0.02 3.07 -10.60
CA THR A 88 -0.90 3.70 -9.63
C THR A 88 -0.88 5.21 -9.80
N HIS A 89 0.31 5.75 -10.05
CA HIS A 89 0.46 7.19 -10.24
C HIS A 89 -0.18 7.63 -11.56
N ALA A 90 -0.15 6.74 -12.54
CA ALA A 90 -0.73 7.03 -13.85
C ALA A 90 -2.25 7.01 -13.80
N CYS A 91 -2.82 6.00 -13.14
CA CYS A 91 -4.26 5.87 -13.03
C CYS A 91 -4.88 7.11 -12.41
N ARG A 92 -4.24 7.63 -11.35
CA ARG A 92 -4.73 8.82 -10.67
C ARG A 92 -4.44 10.07 -11.49
N LEU A 93 -3.42 10.01 -12.33
CA LEU A 93 -3.04 11.14 -13.17
C LEU A 93 -4.14 11.46 -14.18
N LEU A 94 -4.72 10.43 -14.77
CA LEU A 94 -5.78 10.61 -15.75
C LEU A 94 -7.14 10.26 -15.16
N GLU A 95 -7.33 10.60 -13.89
CA GLU A 95 -8.59 10.33 -13.20
C GLU A 95 -9.46 11.59 -13.13
N GLN A 96 -9.99 12.00 -14.27
CA GLN A 96 -10.84 13.19 -14.34
C GLN A 96 -12.04 12.96 -15.26
N GLU A 97 -12.85 13.99 -15.44
CA GLU A 97 -14.03 13.89 -16.28
C GLU A 97 -13.66 14.05 -17.75
N THR A 98 -12.63 14.86 -18.02
CA THR A 98 -12.18 15.09 -19.39
C THR A 98 -11.34 13.91 -19.89
N PRO A 99 -11.55 13.50 -21.15
CA PRO A 99 -10.81 12.37 -21.74
C PRO A 99 -9.33 12.69 -21.94
N VAL A 100 -8.47 12.05 -21.15
CA VAL A 100 -7.03 12.27 -21.24
C VAL A 100 -6.41 11.39 -22.34
N THR A 101 -5.25 11.81 -22.81
CA THR A 101 -4.54 11.06 -23.86
C THR A 101 -3.66 9.99 -23.25
N LEU A 102 -3.41 8.92 -24.01
CA LEU A 102 -2.58 7.82 -23.56
C LEU A 102 -1.11 8.23 -23.51
N GLU A 103 -0.62 8.76 -24.62
CA GLU A 103 0.78 9.19 -24.71
C GLU A 103 1.08 10.27 -23.66
N ALA A 104 0.06 11.03 -23.28
CA ALA A 104 0.24 12.09 -22.29
C ALA A 104 0.82 11.50 -21.02
N LEU A 105 0.29 10.36 -20.60
CA LEU A 105 0.79 9.68 -19.42
C LEU A 105 2.22 9.20 -19.69
N ALA A 106 2.47 8.84 -20.94
CA ALA A 106 3.78 8.39 -21.37
C ALA A 106 4.78 9.54 -21.33
N ASP A 107 4.27 10.75 -21.56
CA ASP A 107 5.10 11.95 -21.55
C ASP A 107 5.74 12.17 -20.19
N GLN A 108 4.93 12.08 -19.14
CA GLN A 108 5.41 12.26 -17.77
C GLN A 108 6.30 11.11 -17.35
N VAL A 109 5.99 9.91 -17.85
CA VAL A 109 6.76 8.72 -17.52
C VAL A 109 8.02 8.61 -18.38
N ALA A 110 8.02 9.32 -19.50
CA ALA A 110 9.17 9.31 -20.41
C ALA A 110 9.37 7.93 -21.03
N MET A 111 8.27 7.31 -21.45
CA MET A 111 8.33 5.98 -22.05
C MET A 111 7.35 5.88 -23.22
N SER A 112 7.33 4.72 -23.87
CA SER A 112 6.44 4.50 -25.00
C SER A 112 5.13 3.86 -24.54
N PRO A 113 4.09 3.94 -25.38
CA PRO A 113 2.77 3.37 -25.05
C PRO A 113 2.83 1.88 -24.74
N PHE A 114 3.93 1.24 -25.12
CA PHE A 114 4.11 -0.19 -24.88
C PHE A 114 4.40 -0.47 -23.41
N HIS A 115 5.21 0.40 -22.80
CA HIS A 115 5.58 0.25 -21.40
C HIS A 115 4.37 0.45 -20.50
N LEU A 116 3.62 1.52 -20.74
CA LEU A 116 2.44 1.83 -19.95
C LEU A 116 1.41 0.70 -20.04
N HIS A 117 1.13 0.25 -21.26
CA HIS A 117 0.17 -0.82 -21.49
C HIS A 117 0.57 -2.08 -20.73
N ARG A 118 1.81 -2.53 -20.94
CA ARG A 118 2.31 -3.73 -20.28
C ARG A 118 2.22 -3.60 -18.77
N LEU A 119 2.68 -2.46 -18.24
CA LEU A 119 2.66 -2.22 -16.80
C LEU A 119 1.24 -2.24 -16.27
N PHE A 120 0.32 -1.59 -16.99
CA PHE A 120 -1.07 -1.53 -16.58
C PHE A 120 -1.74 -2.90 -16.74
N LYS A 121 -1.35 -3.62 -17.78
CA LYS A 121 -1.92 -4.95 -18.04
C LYS A 121 -1.31 -5.99 -17.10
N ALA A 122 -0.06 -5.78 -16.71
CA ALA A 122 0.62 -6.70 -15.81
C ALA A 122 0.12 -6.55 -14.38
N THR A 123 -0.42 -5.39 -14.06
CA THR A 123 -0.93 -5.13 -12.72
C THR A 123 -2.45 -5.23 -12.68
N THR A 124 -3.12 -4.39 -13.46
CA THR A 124 -4.58 -4.39 -13.51
C THR A 124 -5.10 -5.42 -14.50
N GLY A 125 -4.46 -5.50 -15.67
CA GLY A 125 -4.88 -6.44 -16.68
C GLY A 125 -6.08 -5.96 -17.47
N MET A 126 -6.09 -4.67 -17.81
CA MET A 126 -7.18 -4.08 -18.57
C MET A 126 -6.67 -2.95 -19.45
N THR A 127 -7.51 -2.54 -20.41
CA THR A 127 -7.15 -1.47 -21.33
C THR A 127 -7.91 -0.18 -20.99
N PRO A 128 -7.45 0.97 -21.53
CA PRO A 128 -8.10 2.26 -21.29
C PRO A 128 -9.59 2.23 -21.60
N LYS A 129 -9.96 1.50 -22.64
CA LYS A 129 -11.35 1.39 -23.04
C LYS A 129 -12.17 0.65 -21.98
N ALA A 130 -11.64 -0.47 -21.51
CA ALA A 130 -12.31 -1.26 -20.49
C ALA A 130 -12.41 -0.50 -19.18
N TRP A 131 -11.33 0.20 -18.83
CA TRP A 131 -11.28 0.97 -17.59
C TRP A 131 -12.20 2.19 -17.68
N GLN A 132 -12.11 2.91 -18.80
CA GLN A 132 -12.92 4.10 -19.01
C GLN A 132 -14.41 3.75 -18.98
N GLN A 133 -14.76 2.63 -19.60
CA GLN A 133 -16.14 2.18 -19.66
C GLN A 133 -16.61 1.66 -18.29
N ALA A 134 -15.66 1.24 -17.47
CA ALA A 134 -15.97 0.72 -16.15
C ALA A 134 -16.64 1.78 -15.28
N TRP A 135 -16.06 2.97 -15.25
CA TRP A 135 -16.61 4.08 -14.46
C TRP A 135 -17.85 4.66 -15.12
N ARG A 136 -17.83 4.71 -16.45
CA ARG A 136 -18.95 5.24 -17.21
C ARG A 136 -20.20 4.38 -17.03
N ALA A 137 -20.06 3.09 -17.27
CA ALA A 137 -21.18 2.16 -17.14
C ALA A 137 -21.72 2.16 -15.72
N ARG A 138 -20.84 2.34 -14.74
CA ARG A 138 -21.24 2.36 -13.34
C ARG A 138 -21.91 3.68 -12.99
N ARG A 139 -21.43 4.77 -13.58
CA ARG A 139 -21.98 6.09 -13.34
C ARG A 139 -23.35 6.25 -14.00
N LEU A 140 -23.55 5.55 -15.11
CA LEU A 140 -24.81 5.61 -15.84
C LEU A 140 -25.84 4.65 -15.24
N ARG A 141 -25.35 3.53 -14.71
CA ARG A 141 -26.23 2.54 -14.11
C ARG A 141 -26.74 3.01 -12.76
N GLU A 142 -25.90 3.73 -12.03
CA GLU A 142 -26.27 4.24 -10.72
C GLU A 142 -27.20 5.46 -10.86
N SER A 143 -27.02 6.21 -11.93
CA SER A 143 -27.85 7.39 -12.17
C SER A 143 -29.22 7.00 -12.70
N LEU A 144 -30.25 7.74 -12.29
CA LEU A 144 -31.61 7.48 -12.73
C LEU A 144 -31.85 8.00 -14.14
N ALA A 145 -31.71 7.12 -15.13
CA ALA A 145 -31.91 7.51 -16.51
C ALA A 145 -33.38 7.77 -16.80
N LYS A 146 -33.64 8.81 -17.58
CA LYS A 146 -35.00 9.18 -17.94
C LYS A 146 -35.42 8.55 -19.26
N MET A 1 -2.76 33.33 9.66
CA MET A 1 -1.84 32.18 9.40
C MET A 1 -2.17 31.00 10.29
N LYS A 2 -2.67 29.93 9.69
CA LYS A 2 -3.03 28.73 10.43
C LYS A 2 -2.90 27.49 9.55
N LYS A 3 -2.37 26.41 10.13
CA LYS A 3 -2.19 25.16 9.41
C LYS A 3 -3.49 24.36 9.40
N ALA A 4 -3.63 23.48 8.40
CA ALA A 4 -4.82 22.65 8.28
C ALA A 4 -4.82 21.53 9.30
N THR A 5 -5.56 21.72 10.39
CA THR A 5 -5.64 20.71 11.45
C THR A 5 -6.77 21.04 12.42
N CYS A 6 -7.57 20.03 12.75
CA CYS A 6 -8.69 20.21 13.67
C CYS A 6 -8.63 19.20 14.80
N LEU A 7 -8.32 17.96 14.47
CA LEU A 7 -8.25 16.89 15.46
C LEU A 7 -9.61 16.66 16.10
N THR A 8 -10.67 16.92 15.33
CA THR A 8 -12.03 16.75 15.82
C THR A 8 -12.90 16.06 14.78
N ASP A 9 -14.15 15.79 15.15
CA ASP A 9 -15.08 15.12 14.25
C ASP A 9 -15.17 15.83 12.90
N ASP A 10 -14.82 17.12 12.88
CA ASP A 10 -14.86 17.89 11.63
C ASP A 10 -13.76 17.46 10.67
N GLN A 11 -12.55 17.28 11.19
CA GLN A 11 -11.42 16.88 10.36
C GLN A 11 -11.52 15.40 10.00
N ARG A 12 -11.75 14.56 11.00
CA ARG A 12 -11.86 13.12 10.80
C ARG A 12 -12.86 12.79 9.70
N TRP A 13 -14.07 13.33 9.82
CA TRP A 13 -15.11 13.09 8.84
C TRP A 13 -14.76 13.74 7.50
N GLN A 14 -13.91 14.77 7.55
CA GLN A 14 -13.50 15.48 6.34
C GLN A 14 -12.62 14.61 5.45
N SER A 15 -11.81 13.74 6.06
CA SER A 15 -10.93 12.87 5.29
C SER A 15 -11.72 11.74 4.64
N VAL A 16 -12.58 11.10 5.41
CA VAL A 16 -13.40 10.00 4.90
C VAL A 16 -14.40 10.50 3.87
N LEU A 17 -14.90 11.73 4.07
CA LEU A 17 -15.86 12.31 3.15
C LEU A 17 -15.22 12.54 1.79
N ALA A 18 -14.01 13.08 1.80
CA ALA A 18 -13.27 13.34 0.58
C ALA A 18 -12.76 12.03 -0.03
N ARG A 19 -12.54 11.03 0.82
CA ARG A 19 -12.07 9.73 0.38
C ARG A 19 -10.68 9.83 -0.22
N ASP A 20 -9.91 10.83 0.21
CA ASP A 20 -8.56 11.03 -0.29
C ASP A 20 -7.71 9.77 -0.05
N PRO A 21 -7.37 9.04 -1.14
CA PRO A 21 -6.58 7.82 -1.03
C PRO A 21 -5.14 8.10 -0.59
N ASN A 22 -4.76 9.38 -0.60
CA ASN A 22 -3.42 9.79 -0.19
C ASN A 22 -3.42 10.23 1.26
N ALA A 23 -4.31 9.64 2.07
CA ALA A 23 -4.41 9.98 3.48
C ALA A 23 -3.60 9.01 4.34
N ASP A 24 -2.58 8.40 3.76
CA ASP A 24 -1.73 7.45 4.48
C ASP A 24 -1.18 8.10 5.74
N GLY A 25 -1.89 7.94 6.84
CA GLY A 25 -1.48 8.52 8.10
C GLY A 25 -2.56 9.38 8.73
N GLU A 26 -3.70 9.50 8.06
CA GLU A 26 -4.81 10.29 8.56
C GLU A 26 -5.29 9.72 9.89
N PHE A 27 -6.20 8.75 9.84
CA PHE A 27 -6.71 8.15 11.06
C PHE A 27 -7.57 6.93 10.76
N VAL A 28 -7.46 5.91 11.61
CA VAL A 28 -8.22 4.69 11.44
C VAL A 28 -9.55 4.80 12.18
N PHE A 29 -10.62 4.45 11.49
CA PHE A 29 -11.96 4.52 12.09
C PHE A 29 -12.40 3.18 12.64
N ALA A 30 -12.60 3.11 13.95
CA ALA A 30 -13.03 1.89 14.60
C ALA A 30 -14.54 1.79 14.62
N VAL A 31 -15.06 0.65 14.17
CA VAL A 31 -16.50 0.42 14.13
C VAL A 31 -16.92 -0.51 15.26
N ARG A 32 -17.87 -0.05 16.08
CA ARG A 32 -18.35 -0.84 17.20
C ARG A 32 -19.46 -1.79 16.76
N THR A 33 -20.29 -1.33 15.83
CA THR A 33 -21.39 -2.14 15.32
C THR A 33 -20.88 -3.44 14.71
N THR A 34 -19.70 -3.38 14.12
CA THR A 34 -19.09 -4.56 13.50
C THR A 34 -17.84 -4.99 14.25
N GLY A 35 -17.10 -4.01 14.78
CA GLY A 35 -15.89 -4.30 15.52
C GLY A 35 -14.66 -4.31 14.63
N ILE A 36 -14.67 -3.47 13.61
CA ILE A 36 -13.54 -3.38 12.67
C ILE A 36 -12.88 -2.01 12.71
N PHE A 37 -11.82 -1.86 11.91
CA PHE A 37 -11.09 -0.61 11.82
C PHE A 37 -10.54 -0.43 10.41
N ARG A 39 -8.30 1.54 7.39
CA ARG A 39 -7.06 2.30 7.20
C ARG A 39 -7.31 3.81 7.36
N PRO A 40 -6.24 4.61 7.45
CA PRO A 40 -6.36 6.07 7.61
C PRO A 40 -7.45 6.69 6.74
N SER A 41 -7.48 6.30 5.47
CA SER A 41 -8.46 6.81 4.51
C SER A 41 -9.83 6.12 4.67
N CYS A 42 -10.26 5.39 3.64
CA CYS A 42 -11.55 4.68 3.65
C CYS A 42 -12.72 5.66 3.58
N ARG A 43 -13.87 5.15 3.17
CA ARG A 43 -15.08 5.95 3.04
C ARG A 43 -16.31 5.06 2.94
N ALA A 44 -16.25 3.91 3.60
CA ALA A 44 -17.36 2.96 3.57
C ALA A 44 -18.36 3.26 4.68
N ARG A 45 -19.51 3.80 4.30
CA ARG A 45 -20.56 4.13 5.27
C ARG A 45 -21.00 2.88 6.02
N HIS A 46 -20.46 2.69 7.22
CA HIS A 46 -20.80 1.53 8.04
C HIS A 46 -20.85 1.89 9.51
N ALA A 47 -21.34 3.09 9.79
CA ALA A 47 -21.46 3.58 11.17
C ALA A 47 -21.86 5.05 11.20
N LEU A 48 -22.94 5.36 11.89
CA LEU A 48 -23.43 6.72 11.99
C LEU A 48 -22.36 7.63 12.60
N ARG A 49 -22.72 8.90 12.79
CA ARG A 49 -21.79 9.87 13.38
C ARG A 49 -21.86 9.83 14.89
N GLU A 50 -21.82 8.62 15.45
CA GLU A 50 -21.88 8.43 16.90
C GLU A 50 -21.25 7.09 17.28
N ASN A 51 -21.52 6.06 16.48
CA ASN A 51 -20.97 4.73 16.73
C ASN A 51 -19.67 4.52 15.96
N VAL A 52 -18.82 5.54 15.96
CA VAL A 52 -17.53 5.46 15.26
C VAL A 52 -16.39 5.91 16.16
N SER A 53 -15.30 5.16 16.15
CA SER A 53 -14.13 5.48 16.97
C SER A 53 -12.99 5.98 16.09
N PHE A 54 -11.98 6.58 16.72
CA PHE A 54 -10.83 7.12 16.01
C PHE A 54 -9.56 6.38 16.39
N TYR A 55 -8.60 6.33 15.47
CA TYR A 55 -7.34 5.66 15.70
C TYR A 55 -6.25 6.25 14.80
N ALA A 56 -4.99 6.01 15.16
CA ALA A 56 -3.86 6.51 14.39
C ALA A 56 -3.40 5.48 13.37
N ASN A 57 -3.30 4.23 13.80
CA ASN A 57 -2.87 3.14 12.92
C ASN A 57 -3.65 1.87 13.19
N ALA A 58 -3.31 0.81 12.48
CA ALA A 58 -4.00 -0.47 12.64
C ALA A 58 -3.60 -1.16 13.93
N SER A 59 -2.30 -1.14 14.24
CA SER A 59 -1.79 -1.78 15.45
C SER A 59 -2.48 -1.22 16.69
N GLU A 60 -2.87 0.05 16.63
CA GLU A 60 -3.54 0.70 17.76
C GLU A 60 -4.98 0.24 17.89
N ALA A 61 -5.73 0.32 16.79
CA ALA A 61 -7.13 -0.08 16.78
C ALA A 61 -7.27 -1.60 16.86
N LEU A 62 -6.33 -2.31 16.25
CA LEU A 62 -6.36 -3.76 16.25
C LEU A 62 -6.11 -4.31 17.64
N ALA A 63 -5.12 -3.75 18.34
CA ALA A 63 -4.78 -4.18 19.68
C ALA A 63 -5.97 -4.02 20.63
N ALA A 64 -6.73 -2.95 20.44
CA ALA A 64 -7.89 -2.67 21.27
C ALA A 64 -8.95 -3.76 21.09
N GLY A 65 -8.86 -4.51 19.99
CA GLY A 65 -9.82 -5.56 19.73
C GLY A 65 -10.75 -5.22 18.58
N PHE A 66 -10.17 -4.97 17.42
CA PHE A 66 -10.96 -4.62 16.23
C PHE A 66 -10.40 -5.32 14.99
N ARG A 67 -11.30 -5.73 14.10
CA ARG A 67 -10.90 -6.39 12.85
C ARG A 67 -10.44 -5.36 11.83
N PRO A 68 -9.47 -5.72 10.98
CA PRO A 68 -8.93 -4.82 9.96
C PRO A 68 -9.79 -4.73 8.70
N CYS A 69 -9.89 -3.53 8.14
CA CYS A 69 -10.65 -3.30 6.92
C CYS A 69 -9.74 -2.68 5.85
N LYS A 70 -9.50 -3.44 4.79
CA LYS A 70 -8.66 -3.00 3.69
C LYS A 70 -9.46 -2.19 2.68
N ARG A 71 -8.95 -2.07 1.46
CA ARG A 71 -9.62 -1.31 0.40
C ARG A 71 -9.58 0.18 0.71
N CYS A 72 -8.77 0.57 1.69
CA CYS A 72 -8.65 1.97 2.07
C CYS A 72 -7.18 2.34 2.24
N GLN A 73 -6.33 1.74 1.42
CA GLN A 73 -4.89 2.01 1.45
C GLN A 73 -4.27 1.57 2.77
N PRO A 74 -3.55 0.43 2.79
CA PRO A 74 -2.91 -0.08 4.00
C PRO A 74 -1.73 0.78 4.44
N GLU A 75 -1.21 0.49 5.63
CA GLU A 75 -0.08 1.24 6.18
C GLU A 75 1.18 0.39 6.19
N LYS A 76 1.01 -0.90 6.45
CA LYS A 76 2.13 -1.83 6.50
C LYS A 76 1.67 -3.26 6.24
N ALA A 77 1.60 -3.64 4.97
CA ALA A 77 1.18 -4.98 4.59
C ALA A 77 2.23 -5.67 3.73
N ASN A 78 2.35 -6.99 3.90
CA ASN A 78 3.32 -7.76 3.13
C ASN A 78 3.13 -9.26 3.38
N ALA A 79 2.25 -9.87 2.60
CA ALA A 79 1.97 -11.30 2.74
C ALA A 79 2.71 -12.10 1.67
N GLN A 80 3.43 -13.13 2.11
CA GLN A 80 4.19 -13.98 1.20
C GLN A 80 5.21 -13.17 0.42
N GLN A 81 6.44 -13.14 0.93
CA GLN A 81 7.52 -12.39 0.27
C GLN A 81 8.84 -13.16 0.37
N HIS A 82 9.16 -13.90 -0.69
CA HIS A 82 10.40 -14.68 -0.72
C HIS A 82 11.49 -13.93 -1.48
N ARG A 83 11.51 -12.61 -1.34
CA ARG A 83 12.50 -11.78 -2.00
C ARG A 83 13.90 -12.06 -1.46
N LEU A 84 13.97 -12.45 -0.19
CA LEU A 84 15.25 -12.76 0.45
C LEU A 84 15.76 -14.12 0.01
N ASP A 85 14.83 -15.05 -0.21
CA ASP A 85 15.18 -16.40 -0.64
C ASP A 85 15.57 -16.43 -2.11
N LYS A 86 14.93 -15.55 -2.89
CA LYS A 86 15.20 -15.47 -4.32
C LYS A 86 16.60 -14.92 -4.58
N ILE A 87 16.90 -13.76 -4.00
CA ILE A 87 18.21 -13.14 -4.17
C ILE A 87 19.32 -14.06 -3.70
N THR A 88 19.02 -14.87 -2.69
CA THR A 88 20.00 -15.82 -2.15
C THR A 88 20.40 -16.82 -3.22
N HIS A 89 19.42 -17.25 -4.00
CA HIS A 89 19.67 -18.21 -5.08
C HIS A 89 20.48 -17.56 -6.20
N ALA A 90 20.26 -16.26 -6.39
CA ALA A 90 20.97 -15.51 -7.42
C ALA A 90 22.42 -15.27 -7.03
N CYS A 91 22.64 -14.85 -5.80
CA CYS A 91 23.98 -14.58 -5.31
C CYS A 91 24.88 -15.81 -5.46
N ARG A 92 24.31 -16.98 -5.19
CA ARG A 92 25.06 -18.24 -5.30
C ARG A 92 25.25 -18.63 -6.76
N LEU A 93 24.28 -18.25 -7.60
CA LEU A 93 24.34 -18.56 -9.02
C LEU A 93 25.41 -17.75 -9.73
N LEU A 94 25.58 -16.50 -9.29
CA LEU A 94 26.57 -15.61 -9.87
C LEU A 94 27.85 -15.60 -9.04
N GLU A 95 28.21 -16.75 -8.49
CA GLU A 95 29.40 -16.87 -7.67
C GLU A 95 30.29 -18.01 -8.15
N GLN A 96 31.12 -17.74 -9.14
CA GLN A 96 32.02 -18.75 -9.69
C GLN A 96 33.26 -18.10 -10.30
N GLU A 97 34.23 -18.93 -10.66
CA GLU A 97 35.47 -18.44 -11.25
C GLU A 97 35.26 -18.00 -12.69
N THR A 98 34.33 -18.65 -13.37
CA THR A 98 34.01 -18.33 -14.76
C THR A 98 33.13 -17.09 -14.84
N PRO A 99 33.40 -16.19 -15.81
CA PRO A 99 32.63 -14.96 -15.99
C PRO A 99 31.21 -15.24 -16.49
N VAL A 100 30.25 -14.47 -16.00
CA VAL A 100 28.86 -14.63 -16.40
C VAL A 100 28.22 -13.29 -16.72
N THR A 101 27.21 -13.32 -17.59
CA THR A 101 26.51 -12.10 -17.99
C THR A 101 25.38 -11.78 -17.02
N LEU A 102 25.06 -10.49 -16.89
CA LEU A 102 24.00 -10.06 -15.99
C LEU A 102 22.66 -10.64 -16.42
N GLU A 103 22.38 -10.59 -17.71
CA GLU A 103 21.12 -11.11 -18.24
C GLU A 103 20.96 -12.58 -17.92
N ALA A 104 22.08 -13.29 -17.78
CA ALA A 104 22.04 -14.71 -17.46
C ALA A 104 21.23 -14.94 -16.20
N LEU A 105 21.54 -14.17 -15.16
CA LEU A 105 20.81 -14.26 -13.91
C LEU A 105 19.35 -13.90 -14.14
N ALA A 106 19.14 -13.01 -15.12
CA ALA A 106 17.81 -12.58 -15.50
C ALA A 106 17.06 -13.71 -16.20
N ASP A 107 17.82 -14.60 -16.82
CA ASP A 107 17.25 -15.73 -17.55
C ASP A 107 16.69 -16.77 -16.59
N GLN A 108 17.36 -16.95 -15.45
CA GLN A 108 16.94 -17.92 -14.45
C GLN A 108 15.80 -17.37 -13.59
N VAL A 109 15.87 -16.08 -13.30
CA VAL A 109 14.85 -15.43 -12.47
C VAL A 109 13.62 -15.06 -13.30
N ALA A 110 13.80 -14.95 -14.62
CA ALA A 110 12.71 -14.60 -15.52
C ALA A 110 12.22 -13.18 -15.26
N MET A 111 13.15 -12.28 -14.96
CA MET A 111 12.81 -10.89 -14.69
C MET A 111 13.87 -9.96 -15.23
N SER A 112 13.48 -8.73 -15.54
CA SER A 112 14.41 -7.73 -16.07
C SER A 112 15.48 -7.40 -15.03
N PRO A 113 16.59 -6.78 -15.47
CA PRO A 113 17.69 -6.42 -14.58
C PRO A 113 17.25 -5.45 -13.47
N PHE A 114 16.07 -4.85 -13.64
CA PHE A 114 15.55 -3.91 -12.65
C PHE A 114 15.05 -4.64 -11.41
N HIS A 115 14.42 -5.80 -11.63
CA HIS A 115 13.90 -6.60 -10.53
C HIS A 115 15.02 -7.22 -9.72
N LEU A 116 15.99 -7.82 -10.42
CA LEU A 116 17.12 -8.46 -9.77
C LEU A 116 17.94 -7.45 -8.96
N HIS A 117 18.28 -6.34 -9.60
CA HIS A 117 19.06 -5.30 -8.95
C HIS A 117 18.35 -4.78 -7.70
N ARG A 118 17.09 -4.39 -7.86
CA ARG A 118 16.30 -3.87 -6.74
C ARG A 118 16.25 -4.87 -5.59
N LEU A 119 15.98 -6.13 -5.91
CA LEU A 119 15.90 -7.18 -4.90
C LEU A 119 17.28 -7.48 -4.32
N PHE A 120 18.29 -7.51 -5.17
CA PHE A 120 19.66 -7.78 -4.75
C PHE A 120 20.20 -6.65 -3.88
N LYS A 121 19.75 -5.44 -4.15
CA LYS A 121 20.19 -4.27 -3.39
C LYS A 121 19.45 -4.16 -2.07
N ALA A 122 18.15 -4.42 -2.10
CA ALA A 122 17.32 -4.36 -0.91
C ALA A 122 17.78 -5.37 0.14
N THR A 123 18.44 -6.43 -0.31
CA THR A 123 18.91 -7.46 0.60
C THR A 123 20.37 -7.22 1.00
N THR A 124 21.21 -6.93 0.02
CA THR A 124 22.63 -6.68 0.28
C THR A 124 22.90 -5.18 0.42
N GLY A 125 22.54 -4.42 -0.61
CA GLY A 125 22.74 -2.99 -0.58
C GLY A 125 23.78 -2.54 -1.57
N MET A 126 24.73 -3.42 -1.89
CA MET A 126 25.80 -3.12 -2.83
C MET A 126 25.49 -3.71 -4.20
N THR A 127 25.73 -2.92 -5.25
CA THR A 127 25.49 -3.37 -6.61
C THR A 127 26.31 -4.62 -6.93
N PRO A 128 25.87 -5.43 -7.91
CA PRO A 128 26.57 -6.66 -8.29
C PRO A 128 28.02 -6.39 -8.69
N LYS A 129 28.26 -5.25 -9.32
CA LYS A 129 29.60 -4.87 -9.74
C LYS A 129 30.53 -4.72 -8.54
N ALA A 130 29.96 -4.33 -7.40
CA ALA A 130 30.74 -4.15 -6.18
C ALA A 130 31.14 -5.51 -5.60
N TRP A 131 30.31 -6.52 -5.81
CA TRP A 131 30.58 -7.85 -5.29
C TRP A 131 31.86 -8.42 -5.92
N GLN A 132 31.96 -8.33 -7.23
CA GLN A 132 33.12 -8.82 -7.96
C GLN A 132 34.38 -8.05 -7.57
N GLN A 133 34.22 -6.75 -7.39
CA GLN A 133 35.34 -5.88 -7.01
C GLN A 133 35.72 -6.09 -5.55
N ALA A 134 34.71 -6.21 -4.69
CA ALA A 134 34.94 -6.42 -3.27
C ALA A 134 35.58 -7.79 -3.01
N TRP A 135 35.19 -8.78 -3.80
CA TRP A 135 35.72 -10.12 -3.66
C TRP A 135 37.21 -10.17 -4.00
N ARG A 136 37.57 -9.54 -5.12
CA ARG A 136 38.95 -9.49 -5.56
C ARG A 136 39.81 -8.75 -4.56
N ALA A 137 39.25 -7.70 -3.96
CA ALA A 137 39.98 -6.89 -2.98
C ALA A 137 40.34 -7.73 -1.75
N ARG A 138 39.49 -8.70 -1.42
CA ARG A 138 39.72 -9.56 -0.28
C ARG A 138 40.84 -10.55 -0.56
N ARG A 139 40.96 -10.97 -1.81
CA ARG A 139 41.99 -11.92 -2.21
C ARG A 139 43.36 -11.26 -2.19
N LEU A 140 43.40 -9.97 -2.49
CA LEU A 140 44.64 -9.22 -2.51
C LEU A 140 45.03 -8.77 -1.11
N ARG A 141 44.02 -8.40 -0.31
CA ARG A 141 44.26 -7.95 1.05
C ARG A 141 44.95 -9.03 1.88
N GLU A 142 44.54 -10.27 1.67
CA GLU A 142 45.12 -11.40 2.41
C GLU A 142 46.18 -12.09 1.57
N SER A 143 45.80 -12.51 0.37
CA SER A 143 46.71 -13.19 -0.55
C SER A 143 47.10 -14.57 -0.01
N LEU A 144 47.90 -14.57 1.05
CA LEU A 144 48.34 -15.82 1.66
C LEU A 144 49.08 -16.70 0.66
N ALA A 145 50.40 -16.65 0.69
CA ALA A 145 51.22 -17.44 -0.23
C ALA A 145 51.67 -18.74 0.43
N LYS A 146 51.25 -19.86 -0.16
CA LYS A 146 51.61 -21.18 0.37
C LYS A 146 51.79 -22.18 -0.77
N MET A 1 5.63 17.07 2.32
CA MET A 1 5.15 18.45 2.08
C MET A 1 3.77 18.68 2.70
N LYS A 2 3.75 19.33 3.85
CA LYS A 2 2.50 19.61 4.54
C LYS A 2 1.78 18.31 4.90
N LYS A 3 2.05 17.80 6.11
CA LYS A 3 1.43 16.57 6.57
C LYS A 3 0.51 16.84 7.76
N ALA A 4 -0.77 17.07 7.47
CA ALA A 4 -1.76 17.34 8.52
C ALA A 4 -2.75 16.20 8.64
N THR A 5 -2.78 15.55 9.80
CA THR A 5 -3.70 14.43 10.03
C THR A 5 -5.11 14.93 10.31
N CYS A 6 -5.29 15.66 11.41
CA CYS A 6 -6.60 16.18 11.78
C CYS A 6 -6.54 16.97 13.08
N LEU A 7 -6.17 16.28 14.16
CA LEU A 7 -6.05 16.89 15.49
C LEU A 7 -7.43 17.19 16.10
N THR A 8 -8.49 16.82 15.38
CA THR A 8 -9.86 17.05 15.86
C THR A 8 -10.84 16.10 15.17
N ASP A 9 -12.07 16.06 15.68
CA ASP A 9 -13.09 15.20 15.12
C ASP A 9 -13.60 15.72 13.78
N ASP A 10 -13.70 17.05 13.65
CA ASP A 10 -14.19 17.66 12.43
C ASP A 10 -13.19 17.54 11.29
N GLN A 11 -11.91 17.79 11.58
CA GLN A 11 -10.87 17.71 10.56
C GLN A 11 -10.63 16.28 10.12
N ARG A 12 -10.73 15.34 11.05
CA ARG A 12 -10.52 13.93 10.74
C ARG A 12 -11.69 13.39 9.91
N TRP A 13 -12.91 13.70 10.33
CA TRP A 13 -14.09 13.25 9.62
C TRP A 13 -14.06 13.72 8.17
N GLN A 14 -13.37 14.83 7.93
CA GLN A 14 -13.26 15.39 6.58
C GLN A 14 -12.61 14.39 5.62
N SER A 15 -11.43 13.89 5.99
CA SER A 15 -10.71 12.93 5.16
C SER A 15 -11.59 11.72 4.86
N VAL A 16 -12.33 11.27 5.87
CA VAL A 16 -13.22 10.12 5.71
C VAL A 16 -14.28 10.42 4.65
N LEU A 17 -14.85 11.62 4.72
CA LEU A 17 -15.87 12.04 3.76
C LEU A 17 -15.24 12.30 2.39
N ALA A 18 -14.01 12.78 2.39
CA ALA A 18 -13.30 13.06 1.15
C ALA A 18 -12.92 11.77 0.44
N ARG A 19 -12.70 10.72 1.22
CA ARG A 19 -12.34 9.42 0.66
C ARG A 19 -10.99 9.48 -0.05
N ASP A 20 -10.10 10.35 0.44
CA ASP A 20 -8.78 10.50 -0.14
C ASP A 20 -8.00 9.18 -0.06
N PRO A 21 -7.78 8.52 -1.22
CA PRO A 21 -7.04 7.26 -1.25
C PRO A 21 -5.58 7.41 -0.84
N ASN A 22 -5.11 8.67 -0.83
CA ASN A 22 -3.73 8.96 -0.46
C ASN A 22 -3.65 9.41 0.99
N ALA A 23 -4.53 8.85 1.83
CA ALA A 23 -4.56 9.20 3.25
C ALA A 23 -3.72 8.22 4.08
N ASP A 24 -2.73 7.60 3.43
CA ASP A 24 -1.86 6.65 4.12
C ASP A 24 -1.24 7.28 5.36
N GLY A 25 -1.88 7.09 6.50
CA GLY A 25 -1.41 7.67 7.74
C GLY A 25 -2.45 8.55 8.41
N GLU A 26 -3.61 8.68 7.77
CA GLU A 26 -4.68 9.50 8.30
C GLU A 26 -5.22 8.90 9.60
N PHE A 27 -6.22 8.01 9.49
CA PHE A 27 -6.79 7.39 10.67
C PHE A 27 -7.71 6.24 10.29
N VAL A 28 -7.77 5.22 11.14
CA VAL A 28 -8.61 4.07 10.88
C VAL A 28 -9.97 4.24 11.52
N PHE A 29 -11.00 3.83 10.80
CA PHE A 29 -12.37 3.95 11.30
C PHE A 29 -12.77 2.69 12.04
N ALA A 30 -12.99 2.82 13.35
CA ALA A 30 -13.36 1.67 14.17
C ALA A 30 -14.88 1.49 14.20
N VAL A 31 -15.32 0.30 13.81
CA VAL A 31 -16.74 -0.02 13.78
C VAL A 31 -17.13 -0.81 15.02
N ARG A 32 -18.05 -0.26 15.80
CA ARG A 32 -18.50 -0.91 17.02
C ARG A 32 -19.57 -1.96 16.71
N THR A 33 -20.29 -1.76 15.61
CA THR A 33 -21.34 -2.69 15.21
C THR A 33 -20.76 -3.98 14.66
N THR A 34 -19.60 -3.87 14.00
CA THR A 34 -18.93 -5.03 13.43
C THR A 34 -17.64 -5.35 14.17
N GLY A 35 -17.06 -4.33 14.80
CA GLY A 35 -15.83 -4.52 15.54
C GLY A 35 -14.62 -4.57 14.63
N ILE A 36 -14.62 -3.73 13.60
CA ILE A 36 -13.51 -3.69 12.65
C ILE A 36 -12.97 -2.27 12.47
N PHE A 37 -11.70 -2.19 12.08
CA PHE A 37 -11.07 -0.90 11.86
C PHE A 37 -10.52 -0.82 10.44
N ARG A 39 -8.44 0.83 7.20
CA ARG A 39 -7.16 1.51 6.98
C ARG A 39 -7.34 3.03 7.09
N PRO A 40 -6.24 3.80 7.12
CA PRO A 40 -6.30 5.26 7.26
C PRO A 40 -7.37 5.89 6.37
N SER A 41 -7.37 5.51 5.08
CA SER A 41 -8.33 6.03 4.11
C SER A 41 -9.71 5.36 4.25
N CYS A 42 -10.12 4.61 3.21
CA CYS A 42 -11.42 3.93 3.19
C CYS A 42 -12.56 4.92 3.08
N ARG A 43 -13.69 4.45 2.54
CA ARG A 43 -14.87 5.29 2.37
C ARG A 43 -16.14 4.46 2.41
N ALA A 44 -16.07 3.30 3.06
CA ALA A 44 -17.22 2.42 3.15
C ALA A 44 -18.23 2.93 4.18
N ARG A 45 -19.46 3.15 3.73
CA ARG A 45 -20.51 3.64 4.61
C ARG A 45 -20.75 2.68 5.78
N HIS A 46 -20.17 3.00 6.93
CA HIS A 46 -20.31 2.17 8.11
C HIS A 46 -20.05 2.98 9.38
N ALA A 47 -20.86 2.72 10.41
CA ALA A 47 -20.72 3.43 11.68
C ALA A 47 -21.04 4.92 11.53
N LEU A 48 -22.10 5.36 12.19
CA LEU A 48 -22.51 6.76 12.13
C LEU A 48 -21.62 7.61 13.04
N ARG A 49 -21.99 8.87 13.21
CA ARG A 49 -21.22 9.79 14.05
C ARG A 49 -21.52 9.52 15.53
N GLU A 50 -21.28 8.28 15.95
CA GLU A 50 -21.51 7.89 17.34
C GLU A 50 -21.10 6.44 17.57
N ASN A 51 -21.35 5.60 16.56
CA ASN A 51 -21.00 4.19 16.64
C ASN A 51 -19.66 3.92 15.95
N VAL A 52 -18.80 4.93 15.92
CA VAL A 52 -17.49 4.79 15.29
C VAL A 52 -16.38 5.32 16.21
N SER A 53 -15.17 4.85 15.98
CA SER A 53 -14.02 5.26 16.78
C SER A 53 -12.87 5.69 15.88
N PHE A 54 -12.34 6.88 16.13
CA PHE A 54 -11.23 7.40 15.35
C PHE A 54 -9.89 7.03 15.96
N TYR A 55 -9.05 6.37 15.17
CA TYR A 55 -7.73 5.96 15.64
C TYR A 55 -6.64 6.48 14.71
N ALA A 56 -5.54 6.93 15.30
CA ALA A 56 -4.42 7.46 14.52
C ALA A 56 -3.80 6.39 13.64
N ASN A 57 -3.64 5.20 14.18
CA ASN A 57 -3.04 4.10 13.43
C ASN A 57 -3.83 2.81 13.66
N ALA A 58 -3.53 1.79 12.87
CA ALA A 58 -4.21 0.51 12.99
C ALA A 58 -3.82 -0.21 14.28
N SER A 59 -2.57 -0.03 14.70
CA SER A 59 -2.08 -0.67 15.91
C SER A 59 -2.88 -0.22 17.13
N GLU A 60 -3.38 1.01 17.07
CA GLU A 60 -4.17 1.56 18.18
C GLU A 60 -5.57 0.95 18.21
N ALA A 61 -6.26 0.99 17.08
CA ALA A 61 -7.60 0.44 16.99
C ALA A 61 -7.58 -1.09 17.00
N LEU A 62 -6.55 -1.67 16.41
CA LEU A 62 -6.41 -3.12 16.35
C LEU A 62 -6.18 -3.68 17.76
N ALA A 63 -5.32 -3.04 18.53
CA ALA A 63 -5.02 -3.47 19.89
C ALA A 63 -6.28 -3.48 20.74
N ALA A 64 -7.14 -2.48 20.54
CA ALA A 64 -8.38 -2.39 21.29
C ALA A 64 -9.25 -3.62 21.07
N GLY A 65 -9.01 -4.32 19.96
CA GLY A 65 -9.78 -5.51 19.66
C GLY A 65 -10.69 -5.32 18.46
N PHE A 66 -10.14 -4.75 17.40
CA PHE A 66 -10.91 -4.50 16.18
C PHE A 66 -10.28 -5.21 14.97
N ARG A 67 -11.11 -5.83 14.16
CA ARG A 67 -10.62 -6.53 12.97
C ARG A 67 -10.34 -5.54 11.84
N PRO A 68 -9.21 -5.71 11.14
CA PRO A 68 -8.82 -4.80 10.05
C PRO A 68 -9.66 -4.98 8.79
N CYS A 69 -9.85 -3.87 8.07
CA CYS A 69 -10.62 -3.88 6.83
C CYS A 69 -9.76 -3.35 5.69
N LYS A 70 -9.45 -4.22 4.73
CA LYS A 70 -8.64 -3.86 3.58
C LYS A 70 -9.49 -3.23 2.48
N ARG A 71 -8.89 -3.09 1.29
CA ARG A 71 -9.59 -2.51 0.15
C ARG A 71 -9.70 -0.98 0.27
N CYS A 72 -9.00 -0.42 1.25
CA CYS A 72 -9.01 1.03 1.45
C CYS A 72 -7.60 1.60 1.54
N GLN A 73 -6.66 0.91 0.90
CA GLN A 73 -5.26 1.34 0.90
C GLN A 73 -4.72 1.47 2.33
N PRO A 74 -3.81 0.57 2.72
CA PRO A 74 -3.21 0.59 4.07
C PRO A 74 -2.27 1.77 4.26
N GLU A 75 -1.50 1.74 5.34
CA GLU A 75 -0.55 2.82 5.64
C GLU A 75 0.71 2.67 4.80
N LYS A 76 1.10 1.42 4.53
CA LYS A 76 2.29 1.15 3.74
C LYS A 76 1.92 0.66 2.34
N ALA A 77 1.86 1.58 1.40
CA ALA A 77 1.52 1.25 0.02
C ALA A 77 2.03 2.32 -0.95
N ASN A 78 3.25 2.12 -1.44
CA ASN A 78 3.86 3.06 -2.38
C ASN A 78 4.01 2.43 -3.75
N ALA A 79 3.11 2.79 -4.67
CA ALA A 79 3.15 2.26 -6.03
C ALA A 79 4.23 2.95 -6.85
N GLN A 80 4.34 4.27 -6.71
CA GLN A 80 5.33 5.05 -7.45
C GLN A 80 6.20 5.85 -6.50
N GLN A 81 7.49 5.52 -6.47
CA GLN A 81 8.45 6.21 -5.61
C GLN A 81 9.84 6.21 -6.22
N HIS A 82 10.50 7.37 -6.17
CA HIS A 82 11.84 7.50 -6.72
C HIS A 82 12.89 7.46 -5.62
N ARG A 83 12.59 6.71 -4.56
CA ARG A 83 13.51 6.58 -3.43
C ARG A 83 14.72 5.74 -3.81
N LEU A 84 14.45 4.58 -4.42
CA LEU A 84 15.53 3.67 -4.83
C LEU A 84 16.20 4.18 -6.10
N ASP A 85 15.47 4.93 -6.92
CA ASP A 85 16.01 5.46 -8.15
C ASP A 85 17.01 6.58 -7.87
N LYS A 86 16.79 7.31 -6.79
CA LYS A 86 17.67 8.41 -6.42
C LYS A 86 19.01 7.88 -5.90
N ILE A 87 18.95 7.02 -4.89
CA ILE A 87 20.17 6.44 -4.31
C ILE A 87 20.99 5.73 -5.38
N THR A 88 20.32 5.07 -6.31
CA THR A 88 21.00 4.36 -7.38
C THR A 88 21.82 5.33 -8.22
N HIS A 89 21.25 6.51 -8.47
CA HIS A 89 21.93 7.53 -9.25
C HIS A 89 23.10 8.11 -8.48
N ALA A 90 22.96 8.15 -7.15
CA ALA A 90 24.01 8.69 -6.28
C ALA A 90 25.19 7.72 -6.20
N CYS A 91 24.89 6.44 -6.04
CA CYS A 91 25.92 5.42 -5.94
C CYS A 91 26.83 5.45 -7.17
N ARG A 92 26.23 5.67 -8.33
CA ARG A 92 26.98 5.73 -9.58
C ARG A 92 27.72 7.06 -9.69
N LEU A 93 27.07 8.13 -9.26
CA LEU A 93 27.67 9.46 -9.30
C LEU A 93 28.93 9.51 -8.45
N LEU A 94 28.99 8.67 -7.43
CA LEU A 94 30.13 8.62 -6.53
C LEU A 94 31.10 7.53 -6.96
N GLU A 95 31.30 7.39 -8.26
CA GLU A 95 32.21 6.38 -8.80
C GLU A 95 33.59 6.99 -9.07
N GLN A 96 34.02 7.89 -8.19
CA GLN A 96 35.32 8.53 -8.34
C GLN A 96 36.40 7.74 -7.60
N GLU A 97 37.66 8.09 -7.86
CA GLU A 97 38.78 7.41 -7.23
C GLU A 97 39.14 8.09 -5.91
N THR A 98 38.92 9.40 -5.82
CA THR A 98 39.22 10.16 -4.61
C THR A 98 37.99 10.24 -3.71
N PRO A 99 38.17 10.67 -2.46
CA PRO A 99 37.08 10.80 -1.49
C PRO A 99 36.12 11.93 -1.86
N VAL A 100 34.83 11.65 -1.84
CA VAL A 100 33.81 12.64 -2.17
C VAL A 100 33.16 13.20 -0.91
N THR A 101 32.64 14.42 -1.00
CA THR A 101 31.98 15.06 0.12
C THR A 101 30.58 14.50 0.34
N LEU A 102 30.17 14.42 1.60
CA LEU A 102 28.84 13.90 1.93
C LEU A 102 27.75 14.90 1.54
N GLU A 103 27.96 16.16 1.89
CA GLU A 103 26.99 17.21 1.57
C GLU A 103 26.73 17.28 0.07
N ALA A 104 27.72 16.89 -0.72
CA ALA A 104 27.57 16.91 -2.17
C ALA A 104 26.36 16.09 -2.58
N LEU A 105 26.24 14.90 -2.02
CA LEU A 105 25.10 14.03 -2.31
C LEU A 105 23.83 14.72 -1.81
N ALA A 106 23.98 15.50 -0.75
CA ALA A 106 22.87 16.24 -0.15
C ALA A 106 22.46 17.39 -1.07
N ASP A 107 23.41 17.86 -1.86
CA ASP A 107 23.16 18.97 -2.79
C ASP A 107 22.22 18.54 -3.91
N GLN A 108 22.50 17.40 -4.52
CA GLN A 108 21.68 16.89 -5.61
C GLN A 108 20.37 16.29 -5.09
N VAL A 109 20.42 15.74 -3.88
CA VAL A 109 19.23 15.13 -3.28
C VAL A 109 18.38 16.17 -2.56
N ALA A 110 19.00 17.29 -2.19
CA ALA A 110 18.29 18.37 -1.50
C ALA A 110 17.76 17.90 -0.15
N MET A 111 18.43 16.91 0.44
CA MET A 111 18.03 16.38 1.74
C MET A 111 19.24 16.20 2.65
N SER A 112 19.00 15.61 3.82
CA SER A 112 20.07 15.37 4.78
C SER A 112 20.77 14.05 4.48
N PRO A 113 22.04 13.92 4.90
CA PRO A 113 22.82 12.71 4.67
C PRO A 113 22.13 11.45 5.21
N PHE A 114 21.17 11.65 6.11
CA PHE A 114 20.44 10.53 6.70
C PHE A 114 19.45 9.93 5.71
N HIS A 115 18.79 10.80 4.95
CA HIS A 115 17.80 10.36 3.96
C HIS A 115 18.45 9.46 2.91
N LEU A 116 19.54 9.93 2.32
CA LEU A 116 20.25 9.17 1.31
C LEU A 116 20.78 7.85 1.85
N HIS A 117 21.19 7.87 3.12
CA HIS A 117 21.73 6.67 3.76
C HIS A 117 20.62 5.71 4.15
N ARG A 118 19.48 6.26 4.57
CA ARG A 118 18.34 5.44 4.98
C ARG A 118 17.88 4.52 3.85
N LEU A 119 17.73 5.09 2.66
CA LEU A 119 17.31 4.32 1.50
C LEU A 119 18.43 3.40 1.00
N PHE A 120 19.64 3.94 0.92
CA PHE A 120 20.80 3.18 0.46
C PHE A 120 20.98 1.93 1.31
N LYS A 121 20.73 2.05 2.61
CA LYS A 121 20.88 0.93 3.53
C LYS A 121 19.82 -0.14 3.23
N ALA A 122 18.61 0.30 2.90
CA ALA A 122 17.52 -0.62 2.60
C ALA A 122 17.70 -1.25 1.22
N THR A 123 18.37 -0.52 0.33
CA THR A 123 18.60 -1.00 -1.03
C THR A 123 19.90 -1.79 -1.11
N THR A 124 21.02 -1.12 -0.85
CA THR A 124 22.32 -1.77 -0.89
C THR A 124 22.63 -2.47 0.42
N GLY A 125 22.45 -1.75 1.53
CA GLY A 125 22.72 -2.33 2.83
C GLY A 125 24.21 -2.44 3.11
N MET A 126 24.99 -1.51 2.58
CA MET A 126 26.43 -1.52 2.77
C MET A 126 26.95 -0.12 3.09
N THR A 127 28.05 -0.05 3.83
CA THR A 127 28.65 1.23 4.19
C THR A 127 29.59 1.72 3.10
N PRO A 128 29.97 3.02 3.16
CA PRO A 128 30.88 3.61 2.17
C PRO A 128 32.26 2.96 2.17
N LYS A 129 32.65 2.43 3.32
CA LYS A 129 33.94 1.77 3.47
C LYS A 129 33.93 0.39 2.83
N ALA A 130 32.77 -0.26 2.86
CA ALA A 130 32.61 -1.59 2.29
C ALA A 130 32.58 -1.52 0.77
N TRP A 131 31.80 -0.59 0.23
CA TRP A 131 31.69 -0.43 -1.22
C TRP A 131 33.04 -0.11 -1.83
N GLN A 132 33.78 0.80 -1.19
CA GLN A 132 35.09 1.20 -1.67
C GLN A 132 36.08 0.04 -1.58
N GLN A 133 36.05 -0.67 -0.46
CA GLN A 133 36.95 -1.80 -0.26
C GLN A 133 36.57 -2.97 -1.16
N ALA A 134 35.28 -3.10 -1.44
CA ALA A 134 34.79 -4.17 -2.30
C ALA A 134 35.15 -3.92 -3.75
N TRP A 135 35.20 -2.64 -4.14
CA TRP A 135 35.54 -2.27 -5.50
C TRP A 135 37.03 -2.45 -5.77
N ARG A 136 37.85 -1.94 -4.85
CA ARG A 136 39.30 -2.06 -4.99
C ARG A 136 39.76 -3.50 -4.84
N ALA A 137 39.03 -4.26 -4.03
CA ALA A 137 39.36 -5.66 -3.79
C ALA A 137 38.99 -6.52 -4.99
N ARG A 138 37.87 -6.19 -5.63
CA ARG A 138 37.40 -6.93 -6.79
C ARG A 138 38.22 -6.57 -8.02
N ARG A 139 38.66 -5.32 -8.11
CA ARG A 139 39.44 -4.85 -9.24
C ARG A 139 40.84 -5.47 -9.21
N LEU A 140 41.36 -5.70 -8.01
CA LEU A 140 42.68 -6.30 -7.86
C LEU A 140 42.63 -7.81 -8.06
N ARG A 141 41.51 -8.42 -7.70
CA ARG A 141 41.33 -9.85 -7.84
C ARG A 141 41.07 -10.22 -9.30
N GLU A 142 40.44 -9.31 -10.03
CA GLU A 142 40.13 -9.55 -11.44
C GLU A 142 41.21 -8.97 -12.35
N SER A 143 42.47 -9.22 -11.99
CA SER A 143 43.60 -8.73 -12.76
C SER A 143 44.13 -9.82 -13.69
N LEU A 144 43.23 -10.66 -14.20
CA LEU A 144 43.62 -11.74 -15.10
C LEU A 144 44.60 -12.69 -14.41
N ALA A 145 44.06 -13.72 -13.76
CA ALA A 145 44.89 -14.71 -13.08
C ALA A 145 45.24 -15.87 -13.99
N LYS A 146 46.37 -16.51 -13.72
CA LYS A 146 46.81 -17.65 -14.53
C LYS A 146 45.99 -18.89 -14.21
N MET A 1 2.03 5.88 25.75
CA MET A 1 0.60 5.97 25.38
C MET A 1 0.14 7.43 25.27
N LYS A 2 -0.84 7.68 24.43
CA LYS A 2 -1.36 9.03 24.24
C LYS A 2 -2.66 9.00 23.42
N LYS A 3 -3.28 10.16 23.27
CA LYS A 3 -4.52 10.28 22.51
C LYS A 3 -4.23 10.68 21.07
N ALA A 4 -4.81 9.93 20.13
CA ALA A 4 -4.62 10.22 18.71
C ALA A 4 -5.90 10.75 18.08
N THR A 5 -5.94 12.04 17.80
CA THR A 5 -7.11 12.67 17.19
C THR A 5 -6.71 13.96 16.48
N CYS A 6 -7.42 14.27 15.39
CA CYS A 6 -7.14 15.48 14.62
C CYS A 6 -7.32 16.72 15.48
N LEU A 7 -7.11 17.88 14.87
CA LEU A 7 -7.26 19.15 15.57
C LEU A 7 -8.70 19.32 16.07
N THR A 8 -9.62 18.61 15.42
CA THR A 8 -11.02 18.68 15.78
C THR A 8 -11.77 17.44 15.28
N ASP A 9 -12.99 17.26 15.76
CA ASP A 9 -13.81 16.11 15.37
C ASP A 9 -14.29 16.27 13.93
N ASP A 10 -14.53 17.51 13.53
CA ASP A 10 -15.00 17.81 12.18
C ASP A 10 -13.89 17.61 11.14
N GLN A 11 -12.68 18.02 11.49
CA GLN A 11 -11.54 17.90 10.58
C GLN A 11 -11.28 16.44 10.20
N ARG A 12 -11.22 15.58 11.21
CA ARG A 12 -10.98 14.16 10.95
C ARG A 12 -12.11 13.56 10.11
N TRP A 13 -13.34 13.91 10.46
CA TRP A 13 -14.50 13.41 9.73
C TRP A 13 -14.45 13.84 8.27
N GLN A 14 -13.67 14.89 7.99
CA GLN A 14 -13.53 15.40 6.63
C GLN A 14 -12.83 14.39 5.73
N SER A 15 -11.68 13.89 6.18
CA SER A 15 -10.93 12.91 5.40
C SER A 15 -11.76 11.66 5.14
N VAL A 16 -12.55 11.27 6.14
CA VAL A 16 -13.40 10.10 6.02
C VAL A 16 -14.47 10.32 4.96
N LEU A 17 -15.16 11.46 5.05
CA LEU A 17 -16.20 11.80 4.09
C LEU A 17 -15.60 12.08 2.73
N ALA A 18 -14.47 12.79 2.72
CA ALA A 18 -13.79 13.12 1.49
C ALA A 18 -13.36 11.86 0.75
N ARG A 19 -13.09 10.81 1.50
CA ARG A 19 -12.67 9.54 0.92
C ARG A 19 -11.35 9.68 0.17
N ASP A 20 -10.47 10.53 0.69
CA ASP A 20 -9.17 10.74 0.06
C ASP A 20 -8.36 9.45 0.04
N PRO A 21 -8.18 8.85 -1.15
CA PRO A 21 -7.42 7.60 -1.30
C PRO A 21 -5.96 7.75 -0.88
N ASN A 22 -5.48 8.99 -0.87
CA ASN A 22 -4.11 9.28 -0.48
C ASN A 22 -4.04 9.70 0.98
N ALA A 23 -4.88 9.09 1.81
CA ALA A 23 -4.91 9.39 3.23
C ALA A 23 -4.02 8.43 4.03
N ASP A 24 -3.05 7.82 3.35
CA ASP A 24 -2.12 6.90 4.01
C ASP A 24 -1.44 7.58 5.18
N GLY A 25 -2.04 7.45 6.35
CA GLY A 25 -1.51 8.07 7.55
C GLY A 25 -2.54 8.92 8.26
N GLU A 26 -3.73 9.04 7.67
CA GLU A 26 -4.80 9.84 8.25
C GLU A 26 -5.27 9.22 9.57
N PHE A 27 -6.22 8.30 9.50
CA PHE A 27 -6.73 7.66 10.71
C PHE A 27 -7.67 6.52 10.37
N VAL A 28 -7.62 5.46 11.17
CA VAL A 28 -8.48 4.31 10.95
C VAL A 28 -9.78 4.46 11.72
N PHE A 29 -10.89 4.21 11.05
CA PHE A 29 -12.21 4.32 11.66
C PHE A 29 -12.62 3.00 12.28
N ALA A 30 -12.84 3.01 13.59
CA ALA A 30 -13.24 1.79 14.31
C ALA A 30 -14.76 1.63 14.32
N VAL A 31 -15.21 0.47 13.87
CA VAL A 31 -16.64 0.17 13.82
C VAL A 31 -17.07 -0.65 15.02
N ARG A 32 -17.70 0.00 15.99
CA ARG A 32 -18.16 -0.68 17.20
C ARG A 32 -19.13 -1.79 16.87
N THR A 33 -19.93 -1.59 15.82
CA THR A 33 -20.91 -2.58 15.39
C THR A 33 -20.24 -3.88 14.95
N THR A 34 -19.69 -3.86 13.74
CA THR A 34 -19.01 -5.05 13.20
C THR A 34 -17.73 -5.33 13.96
N GLY A 35 -17.18 -4.33 14.63
CA GLY A 35 -15.95 -4.50 15.38
C GLY A 35 -14.73 -4.51 14.49
N ILE A 36 -14.74 -3.66 13.45
CA ILE A 36 -13.63 -3.59 12.52
C ILE A 36 -13.13 -2.16 12.35
N PHE A 37 -11.85 -2.01 12.06
CA PHE A 37 -11.25 -0.70 11.85
C PHE A 37 -10.71 -0.59 10.42
N ARG A 39 -8.50 1.12 7.32
CA ARG A 39 -7.22 1.79 7.14
C ARG A 39 -7.39 3.32 7.22
N PRO A 40 -6.29 4.09 7.23
CA PRO A 40 -6.35 5.55 7.32
C PRO A 40 -7.42 6.17 6.43
N SER A 41 -7.37 5.85 5.14
CA SER A 41 -8.33 6.37 4.15
C SER A 41 -9.67 5.63 4.21
N CYS A 42 -9.99 4.89 3.14
CA CYS A 42 -11.23 4.13 3.03
C CYS A 42 -12.41 5.04 2.69
N ARG A 43 -13.37 4.48 1.96
CA ARG A 43 -14.56 5.22 1.55
C ARG A 43 -15.81 4.35 1.63
N ALA A 44 -15.78 3.38 2.53
CA ALA A 44 -16.91 2.47 2.72
C ALA A 44 -17.90 3.02 3.75
N ARG A 45 -19.10 3.38 3.27
CA ARG A 45 -20.13 3.91 4.15
C ARG A 45 -20.45 2.93 5.27
N HIS A 46 -19.88 3.15 6.45
CA HIS A 46 -20.10 2.28 7.59
C HIS A 46 -20.03 3.07 8.90
N ALA A 47 -20.88 2.70 9.85
CA ALA A 47 -20.92 3.37 11.15
C ALA A 47 -21.32 4.83 11.01
N LEU A 48 -22.35 5.23 11.74
CA LEU A 48 -22.83 6.61 11.70
C LEU A 48 -21.93 7.52 12.53
N ARG A 49 -22.36 8.76 12.71
CA ARG A 49 -21.60 9.73 13.49
C ARG A 49 -21.82 9.51 14.99
N GLU A 50 -21.53 8.30 15.45
CA GLU A 50 -21.71 7.95 16.85
C GLU A 50 -21.17 6.55 17.14
N ASN A 51 -21.42 5.64 16.21
CA ASN A 51 -20.96 4.25 16.35
C ASN A 51 -19.66 4.03 15.60
N VAL A 52 -18.82 5.07 15.54
CA VAL A 52 -17.55 4.99 14.85
C VAL A 52 -16.44 5.64 15.67
N SER A 53 -15.31 4.95 15.78
CA SER A 53 -14.16 5.47 16.52
C SER A 53 -13.05 5.90 15.59
N PHE A 54 -12.03 6.57 16.14
CA PHE A 54 -10.90 7.04 15.35
C PHE A 54 -9.58 6.59 15.95
N TYR A 55 -8.66 6.15 15.10
CA TYR A 55 -7.36 5.69 15.56
C TYR A 55 -6.26 6.17 14.62
N ALA A 56 -5.14 6.60 15.19
CA ALA A 56 -4.00 7.08 14.40
C ALA A 56 -3.52 6.05 13.40
N ASN A 57 -3.43 4.80 13.82
CA ASN A 57 -2.98 3.72 12.95
C ASN A 57 -3.78 2.45 13.20
N ALA A 58 -3.44 1.40 12.46
CA ALA A 58 -4.13 0.13 12.58
C ALA A 58 -3.77 -0.58 13.88
N SER A 59 -2.49 -0.55 14.24
CA SER A 59 -2.02 -1.19 15.45
C SER A 59 -2.80 -0.72 16.68
N GLU A 60 -3.05 0.58 16.75
CA GLU A 60 -3.78 1.15 17.88
C GLU A 60 -5.22 0.63 17.94
N ALA A 61 -5.92 0.74 16.81
CA ALA A 61 -7.30 0.28 16.73
C ALA A 61 -7.38 -1.24 16.84
N LEU A 62 -6.41 -1.92 16.24
CA LEU A 62 -6.37 -3.37 16.26
C LEU A 62 -6.17 -3.88 17.69
N ALA A 63 -5.17 -3.32 18.38
CA ALA A 63 -4.88 -3.71 19.74
C ALA A 63 -6.08 -3.48 20.65
N ALA A 64 -6.95 -2.56 20.27
CA ALA A 64 -8.14 -2.23 21.05
C ALA A 64 -9.26 -3.25 20.80
N GLY A 65 -8.98 -4.27 20.00
CA GLY A 65 -9.98 -5.28 19.71
C GLY A 65 -10.84 -4.91 18.51
N PHE A 66 -10.22 -4.83 17.34
CA PHE A 66 -10.93 -4.48 16.12
C PHE A 66 -10.29 -5.13 14.90
N ARG A 67 -11.10 -5.74 14.05
CA ARG A 67 -10.61 -6.39 12.85
C ARG A 67 -10.34 -5.36 11.76
N PRO A 68 -9.21 -5.49 11.04
CA PRO A 68 -8.83 -4.53 10.00
C PRO A 68 -9.61 -4.71 8.70
N CYS A 69 -9.88 -3.57 8.05
CA CYS A 69 -10.61 -3.58 6.78
C CYS A 69 -9.70 -3.06 5.67
N LYS A 70 -9.41 -3.93 4.70
CA LYS A 70 -8.55 -3.59 3.59
C LYS A 70 -9.33 -2.86 2.50
N ARG A 71 -8.75 -2.80 1.29
CA ARG A 71 -9.39 -2.14 0.16
C ARG A 71 -9.41 -0.62 0.35
N CYS A 72 -8.66 -0.14 1.33
CA CYS A 72 -8.60 1.29 1.60
C CYS A 72 -7.17 1.73 1.90
N GLN A 73 -6.22 1.15 1.18
CA GLN A 73 -4.81 1.48 1.35
C GLN A 73 -4.35 1.25 2.79
N PRO A 74 -3.76 0.08 3.08
CA PRO A 74 -3.30 -0.26 4.43
C PRO A 74 -1.98 0.44 4.77
N GLU A 75 -1.42 0.09 5.93
CA GLU A 75 -0.17 0.69 6.38
C GLU A 75 1.00 -0.23 6.08
N LYS A 76 0.88 -1.00 5.00
CA LYS A 76 1.94 -1.92 4.60
C LYS A 76 1.80 -2.30 3.14
N ALA A 77 0.64 -2.83 2.77
CA ALA A 77 0.37 -3.23 1.39
C ALA A 77 -0.16 -2.06 0.57
N ASN A 78 -0.30 -2.27 -0.73
CA ASN A 78 -0.79 -1.23 -1.63
C ASN A 78 -2.13 -1.64 -2.24
N ALA A 79 -3.04 -0.68 -2.35
CA ALA A 79 -4.36 -0.92 -2.92
C ALA A 79 -4.84 0.27 -3.73
N GLN A 80 -5.10 0.03 -5.02
CA GLN A 80 -5.56 1.08 -5.91
C GLN A 80 -4.55 2.22 -5.99
N GLN A 81 -3.59 2.09 -6.90
CA GLN A 81 -2.55 3.10 -7.09
C GLN A 81 -1.84 2.92 -8.43
N HIS A 82 -1.22 3.98 -8.91
CA HIS A 82 -0.51 3.95 -10.18
C HIS A 82 0.92 4.46 -10.01
N ARG A 83 1.47 4.30 -8.81
CA ARG A 83 2.83 4.75 -8.52
C ARG A 83 3.86 3.83 -9.18
N LEU A 84 3.61 2.53 -9.10
CA LEU A 84 4.52 1.54 -9.67
C LEU A 84 4.28 1.39 -11.18
N ASP A 85 3.04 1.62 -11.59
CA ASP A 85 2.67 1.51 -13.00
C ASP A 85 3.29 2.66 -13.81
N LYS A 86 3.41 3.82 -13.18
CA LYS A 86 3.98 4.99 -13.85
C LYS A 86 5.48 4.84 -14.02
N ILE A 87 6.18 4.57 -12.93
CA ILE A 87 7.63 4.40 -12.97
C ILE A 87 8.03 3.29 -13.94
N THR A 88 7.22 2.24 -14.00
CA THR A 88 7.49 1.12 -14.88
C THR A 88 7.48 1.59 -16.35
N HIS A 89 6.55 2.48 -16.67
CA HIS A 89 6.44 3.01 -18.02
C HIS A 89 7.62 3.93 -18.33
N ALA A 90 8.13 4.61 -17.30
CA ALA A 90 9.24 5.52 -17.46
C ALA A 90 10.55 4.74 -17.66
N CYS A 91 10.75 3.71 -16.84
CA CYS A 91 11.95 2.89 -16.92
C CYS A 91 12.13 2.32 -18.33
N ARG A 92 11.05 1.80 -18.89
CA ARG A 92 11.09 1.22 -20.23
C ARG A 92 11.14 2.31 -21.30
N LEU A 93 10.53 3.46 -20.99
CA LEU A 93 10.51 4.57 -21.92
C LEU A 93 11.91 5.04 -22.26
N LEU A 94 12.74 5.23 -21.22
CA LEU A 94 14.10 5.67 -21.40
C LEU A 94 14.89 4.69 -22.26
N GLU A 95 14.89 3.43 -21.85
CA GLU A 95 15.59 2.39 -22.59
C GLU A 95 14.92 2.11 -23.93
N GLN A 96 15.54 2.59 -25.01
CA GLN A 96 14.99 2.38 -26.35
C GLN A 96 16.05 2.67 -27.41
N GLU A 97 17.26 2.18 -27.18
CA GLU A 97 18.36 2.39 -28.11
C GLU A 97 18.71 3.87 -28.24
N THR A 98 17.92 4.59 -29.03
CA THR A 98 18.15 6.01 -29.23
C THR A 98 18.07 6.77 -27.90
N PRO A 99 18.97 7.74 -27.69
CA PRO A 99 19.00 8.54 -26.45
C PRO A 99 17.77 9.42 -26.31
N VAL A 100 17.05 9.27 -25.20
CA VAL A 100 15.86 10.06 -24.95
C VAL A 100 16.12 11.17 -23.93
N THR A 101 15.59 12.35 -24.20
CA THR A 101 15.79 13.49 -23.31
C THR A 101 15.03 13.28 -21.99
N LEU A 102 15.38 14.06 -20.98
CA LEU A 102 14.74 13.96 -19.68
C LEU A 102 13.28 14.42 -19.76
N GLU A 103 13.07 15.61 -20.31
CA GLU A 103 11.72 16.15 -20.44
C GLU A 103 10.85 15.26 -21.31
N ALA A 104 11.49 14.54 -22.24
CA ALA A 104 10.75 13.64 -23.13
C ALA A 104 9.93 12.65 -22.32
N LEU A 105 10.57 12.05 -21.32
CA LEU A 105 9.87 11.12 -20.45
C LEU A 105 8.78 11.86 -19.68
N ALA A 106 9.05 13.14 -19.41
CA ALA A 106 8.09 13.99 -18.72
C ALA A 106 6.89 14.30 -19.61
N ASP A 107 7.13 14.28 -20.92
CA ASP A 107 6.09 14.56 -21.91
C ASP A 107 5.00 13.49 -21.86
N GLN A 108 5.42 12.22 -21.84
CA GLN A 108 4.49 11.11 -21.79
C GLN A 108 3.89 10.94 -20.40
N VAL A 109 4.67 11.29 -19.38
CA VAL A 109 4.23 11.18 -17.99
C VAL A 109 3.41 12.39 -17.57
N ALA A 110 3.57 13.50 -18.31
CA ALA A 110 2.85 14.74 -18.02
C ALA A 110 3.51 15.49 -16.87
N MET A 111 3.66 14.83 -15.74
CA MET A 111 4.28 15.44 -14.56
C MET A 111 5.69 15.92 -14.87
N SER A 112 6.20 16.82 -14.04
CA SER A 112 7.54 17.36 -14.21
C SER A 112 8.59 16.30 -13.94
N PRO A 113 9.86 16.55 -14.32
CA PRO A 113 10.95 15.61 -14.10
C PRO A 113 11.25 15.38 -12.63
N PHE A 114 10.70 16.24 -11.78
CA PHE A 114 10.91 16.14 -10.33
C PHE A 114 10.10 14.98 -9.75
N HIS A 115 8.88 14.82 -10.25
CA HIS A 115 8.00 13.74 -9.77
C HIS A 115 8.48 12.39 -10.28
N LEU A 116 8.86 12.33 -11.55
CA LEU A 116 9.33 11.09 -12.16
C LEU A 116 10.58 10.58 -11.44
N HIS A 117 11.53 11.47 -11.21
CA HIS A 117 12.78 11.11 -10.54
C HIS A 117 12.51 10.61 -9.12
N ARG A 118 11.74 11.40 -8.37
CA ARG A 118 11.40 11.04 -6.99
C ARG A 118 10.68 9.70 -6.93
N LEU A 119 9.69 9.52 -7.80
CA LEU A 119 8.92 8.28 -7.84
C LEU A 119 9.79 7.12 -8.29
N PHE A 120 10.72 7.40 -9.20
CA PHE A 120 11.62 6.37 -9.72
C PHE A 120 12.69 6.01 -8.69
N LYS A 121 13.18 7.02 -7.97
CA LYS A 121 14.21 6.81 -6.97
C LYS A 121 13.61 6.18 -5.71
N ALA A 122 12.36 6.50 -5.43
CA ALA A 122 11.67 5.98 -4.26
C ALA A 122 11.27 4.51 -4.46
N THR A 123 10.99 4.16 -5.71
CA THR A 123 10.60 2.79 -6.03
C THR A 123 11.78 2.00 -6.58
N THR A 124 12.39 2.51 -7.64
CA THR A 124 13.55 1.85 -8.25
C THR A 124 14.83 2.20 -7.52
N GLY A 125 15.04 3.49 -7.29
CA GLY A 125 16.23 3.94 -6.59
C GLY A 125 17.47 3.90 -7.48
N MET A 126 17.27 4.10 -8.77
CA MET A 126 18.37 4.09 -9.73
C MET A 126 18.23 5.22 -10.74
N THR A 127 19.31 5.98 -10.93
CA THR A 127 19.30 7.09 -11.87
C THR A 127 19.50 6.60 -13.31
N PRO A 128 19.18 7.44 -14.30
CA PRO A 128 19.33 7.09 -15.71
C PRO A 128 20.73 6.57 -16.04
N LYS A 129 21.74 7.27 -15.55
CA LYS A 129 23.13 6.88 -15.78
C LYS A 129 23.43 5.52 -15.16
N ALA A 130 22.74 5.22 -14.05
CA ALA A 130 22.93 3.95 -13.36
C ALA A 130 22.38 2.79 -14.18
N TRP A 131 21.17 2.98 -14.72
CA TRP A 131 20.54 1.95 -15.53
C TRP A 131 21.24 1.81 -16.89
N GLN A 132 21.66 2.94 -17.44
CA GLN A 132 22.34 2.95 -18.73
C GLN A 132 23.67 2.19 -18.66
N GLN A 133 24.39 2.38 -17.55
CA GLN A 133 25.67 1.72 -17.35
C GLN A 133 25.48 0.24 -17.05
N ALA A 134 24.40 -0.08 -16.34
CA ALA A 134 24.10 -1.46 -15.99
C ALA A 134 23.90 -2.32 -17.24
N TRP A 135 23.17 -1.77 -18.20
CA TRP A 135 22.88 -2.48 -19.44
C TRP A 135 24.13 -2.55 -20.31
N ARG A 136 24.88 -1.47 -20.36
CA ARG A 136 26.10 -1.40 -21.15
C ARG A 136 27.18 -2.31 -20.56
N ALA A 137 27.25 -2.35 -19.24
CA ALA A 137 28.23 -3.16 -18.55
C ALA A 137 27.99 -4.65 -18.78
N ARG A 138 26.71 -5.00 -18.91
CA ARG A 138 26.32 -6.39 -19.14
C ARG A 138 26.70 -6.84 -20.54
N ARG A 139 26.64 -5.91 -21.49
CA ARG A 139 26.97 -6.21 -22.87
C ARG A 139 28.48 -6.37 -23.05
N LEU A 140 29.25 -5.68 -22.22
CA LEU A 140 30.71 -5.75 -22.28
C LEU A 140 31.22 -7.02 -21.60
N ARG A 141 30.49 -7.47 -20.58
CA ARG A 141 30.87 -8.67 -19.85
C ARG A 141 30.64 -9.92 -20.70
N GLU A 142 29.44 -10.04 -21.26
CA GLU A 142 29.10 -11.18 -22.10
C GLU A 142 30.04 -11.30 -23.28
N SER A 143 30.53 -10.16 -23.76
CA SER A 143 31.45 -10.12 -24.90
C SER A 143 32.82 -10.69 -24.51
N LEU A 144 33.38 -10.17 -23.42
CA LEU A 144 34.69 -10.62 -22.95
C LEU A 144 34.59 -11.13 -21.52
N ALA A 145 34.27 -12.41 -21.37
CA ALA A 145 34.15 -13.02 -20.05
C ALA A 145 35.43 -13.75 -19.67
N LYS A 146 35.85 -13.59 -18.42
CA LYS A 146 37.06 -14.25 -17.92
C LYS A 146 36.85 -14.77 -16.50
N MET A 1 8.54 14.43 17.01
CA MET A 1 7.12 14.77 17.28
C MET A 1 6.21 14.23 16.18
N LYS A 2 5.03 13.74 16.57
CA LYS A 2 4.08 13.18 15.62
C LYS A 2 2.66 13.59 15.98
N LYS A 3 1.85 13.89 14.97
CA LYS A 3 0.46 14.29 15.18
C LYS A 3 -0.50 13.18 14.78
N ALA A 4 -1.11 12.54 15.77
CA ALA A 4 -2.05 11.46 15.52
C ALA A 4 -3.40 12.00 15.05
N THR A 5 -4.00 11.31 14.09
CA THR A 5 -5.30 11.71 13.55
C THR A 5 -5.34 13.21 13.25
N CYS A 6 -6.53 13.73 12.99
CA CYS A 6 -6.70 15.14 12.69
C CYS A 6 -6.56 16.00 13.94
N LEU A 7 -6.73 17.30 13.79
CA LEU A 7 -6.62 18.23 14.90
C LEU A 7 -7.97 18.42 15.59
N THR A 8 -9.03 17.91 14.97
CA THR A 8 -10.38 18.03 15.53
C THR A 8 -11.28 16.95 14.95
N ASP A 9 -12.36 16.64 15.68
CA ASP A 9 -13.30 15.61 15.24
C ASP A 9 -13.89 15.95 13.87
N ASP A 10 -14.10 17.25 13.62
CA ASP A 10 -14.66 17.69 12.35
C ASP A 10 -13.69 17.45 11.20
N GLN A 11 -12.42 17.79 11.42
CA GLN A 11 -11.40 17.61 10.41
C GLN A 11 -11.23 16.14 10.06
N ARG A 12 -11.47 15.27 11.04
CA ARG A 12 -11.35 13.84 10.84
C ARG A 12 -12.37 13.35 9.81
N TRP A 13 -13.64 13.64 10.08
CA TRP A 13 -14.72 13.24 9.18
C TRP A 13 -14.44 13.72 7.75
N GLN A 14 -13.68 14.80 7.65
CA GLN A 14 -13.33 15.37 6.34
C GLN A 14 -12.53 14.37 5.51
N SER A 15 -11.43 13.87 6.06
CA SER A 15 -10.59 12.91 5.36
C SER A 15 -11.37 11.64 5.02
N VAL A 16 -12.31 11.29 5.89
CA VAL A 16 -13.13 10.10 5.69
C VAL A 16 -14.13 10.30 4.56
N LEU A 17 -14.74 11.48 4.52
CA LEU A 17 -15.72 11.79 3.48
C LEU A 17 -15.04 12.01 2.14
N ALA A 18 -13.82 12.52 2.17
CA ALA A 18 -13.06 12.78 0.95
C ALA A 18 -12.50 11.49 0.35
N ARG A 19 -12.63 10.39 1.09
CA ARG A 19 -12.13 9.09 0.62
C ARG A 19 -10.73 9.21 0.02
N ASP A 20 -9.96 10.17 0.51
CA ASP A 20 -8.60 10.39 0.02
C ASP A 20 -7.77 9.13 0.15
N PRO A 21 -7.44 8.46 -0.97
CA PRO A 21 -6.65 7.24 -0.97
C PRO A 21 -5.21 7.49 -0.52
N ASN A 22 -4.81 8.76 -0.50
CA ASN A 22 -3.46 9.14 -0.10
C ASN A 22 -3.43 9.56 1.36
N ALA A 23 -4.32 8.98 2.16
CA ALA A 23 -4.39 9.30 3.58
C ALA A 23 -3.60 8.29 4.41
N ASP A 24 -2.62 7.66 3.79
CA ASP A 24 -1.78 6.67 4.48
C ASP A 24 -1.15 7.28 5.72
N GLY A 25 -1.82 7.13 6.85
CA GLY A 25 -1.33 7.68 8.10
C GLY A 25 -2.34 8.59 8.76
N GLU A 26 -3.49 8.78 8.13
CA GLU A 26 -4.54 9.64 8.67
C GLU A 26 -5.10 9.05 9.96
N PHE A 27 -6.09 8.16 9.85
CA PHE A 27 -6.69 7.56 11.03
C PHE A 27 -7.66 6.45 10.64
N VAL A 28 -7.64 5.36 11.41
CA VAL A 28 -8.51 4.23 11.14
C VAL A 28 -9.84 4.39 11.87
N PHE A 29 -10.93 4.15 11.16
CA PHE A 29 -12.25 4.28 11.76
C PHE A 29 -12.71 2.95 12.34
N ALA A 30 -12.96 2.94 13.64
CA ALA A 30 -13.41 1.73 14.31
C ALA A 30 -14.92 1.61 14.29
N VAL A 31 -15.40 0.42 13.90
CA VAL A 31 -16.82 0.15 13.82
C VAL A 31 -17.30 -0.67 15.02
N ARG A 32 -18.08 -0.04 15.89
CA ARG A 32 -18.59 -0.71 17.08
C ARG A 32 -19.62 -1.76 16.71
N THR A 33 -20.28 -1.58 15.58
CA THR A 33 -21.31 -2.52 15.12
C THR A 33 -20.68 -3.83 14.68
N THR A 34 -19.84 -3.77 13.64
CA THR A 34 -19.18 -4.96 13.12
C THR A 34 -17.91 -5.28 13.90
N GLY A 35 -17.36 -4.27 14.58
CA GLY A 35 -16.15 -4.48 15.36
C GLY A 35 -14.91 -4.48 14.49
N ILE A 36 -14.89 -3.63 13.48
CA ILE A 36 -13.75 -3.54 12.57
C ILE A 36 -13.24 -2.11 12.44
N PHE A 37 -11.96 -1.98 12.12
CA PHE A 37 -11.35 -0.67 11.95
C PHE A 37 -10.74 -0.54 10.55
N ARG A 39 -8.61 1.11 7.41
CA ARG A 39 -7.30 1.75 7.25
C ARG A 39 -7.43 3.28 7.41
N PRO A 40 -6.30 4.01 7.48
CA PRO A 40 -6.31 5.46 7.63
C PRO A 40 -7.36 6.15 6.78
N SER A 41 -7.35 5.84 5.48
CA SER A 41 -8.31 6.43 4.54
C SER A 41 -9.67 5.70 4.62
N CYS A 42 -10.10 5.11 3.51
CA CYS A 42 -11.38 4.38 3.44
C CYS A 42 -12.57 5.32 3.60
N ARG A 43 -13.73 4.86 3.13
CA ARG A 43 -14.96 5.63 3.21
C ARG A 43 -16.17 4.73 2.93
N ALA A 44 -16.52 3.91 3.90
CA ALA A 44 -17.64 2.98 3.74
C ALA A 44 -18.75 3.28 4.77
N ARG A 45 -19.94 3.56 4.27
CA ARG A 45 -21.07 3.85 5.15
C ARG A 45 -21.47 2.62 5.95
N HIS A 46 -21.02 2.55 7.19
CA HIS A 46 -21.34 1.43 8.06
C HIS A 46 -21.06 1.78 9.51
N ALA A 47 -21.29 3.03 9.86
CA ALA A 47 -21.07 3.52 11.22
C ALA A 47 -21.42 5.01 11.33
N LEU A 48 -22.49 5.31 12.05
CA LEU A 48 -22.91 6.69 12.23
C LEU A 48 -21.87 7.47 13.03
N ARG A 49 -21.99 8.80 13.02
CA ARG A 49 -21.06 9.66 13.74
C ARG A 49 -20.98 9.27 15.21
N GLU A 50 -22.05 8.64 15.71
CA GLU A 50 -22.10 8.21 17.10
C GLU A 50 -22.00 6.69 17.20
N ASN A 51 -21.34 6.07 16.23
CA ASN A 51 -21.18 4.63 16.20
C ASN A 51 -19.83 4.24 15.59
N VAL A 52 -18.90 5.17 15.57
CA VAL A 52 -17.58 4.92 15.00
C VAL A 52 -16.48 5.54 15.86
N SER A 53 -15.33 4.88 15.91
CA SER A 53 -14.20 5.37 16.69
C SER A 53 -13.05 5.79 15.77
N PHE A 54 -12.17 6.63 16.29
CA PHE A 54 -11.04 7.11 15.50
C PHE A 54 -9.72 6.70 16.14
N TYR A 55 -8.86 6.07 15.35
CA TYR A 55 -7.55 5.62 15.83
C TYR A 55 -6.43 6.18 14.96
N ALA A 56 -5.35 6.60 15.60
CA ALA A 56 -4.22 7.17 14.89
C ALA A 56 -3.60 6.17 13.91
N ASN A 57 -3.44 4.94 14.36
CA ASN A 57 -2.86 3.90 13.52
C ASN A 57 -3.68 2.61 13.61
N ALA A 58 -3.35 1.65 12.75
CA ALA A 58 -4.06 0.38 12.72
C ALA A 58 -3.65 -0.49 13.90
N SER A 59 -2.41 -0.34 14.34
CA SER A 59 -1.89 -1.11 15.47
C SER A 59 -2.59 -0.70 16.77
N GLU A 60 -2.99 0.57 16.84
CA GLU A 60 -3.65 1.08 18.03
C GLU A 60 -5.06 0.52 18.14
N ALA A 61 -5.83 0.61 17.06
CA ALA A 61 -7.20 0.11 17.05
C ALA A 61 -7.24 -1.40 17.16
N LEU A 62 -6.36 -2.08 16.43
CA LEU A 62 -6.29 -3.53 16.44
C LEU A 62 -6.05 -4.05 17.86
N ALA A 63 -5.08 -3.45 18.55
CA ALA A 63 -4.75 -3.85 19.91
C ALA A 63 -5.94 -3.73 20.83
N ALA A 64 -6.76 -2.72 20.59
CA ALA A 64 -7.95 -2.48 21.41
C ALA A 64 -8.94 -3.64 21.27
N GLY A 65 -8.81 -4.39 20.18
CA GLY A 65 -9.70 -5.51 19.96
C GLY A 65 -10.65 -5.28 18.79
N PHE A 66 -10.09 -4.92 17.64
CA PHE A 66 -10.90 -4.66 16.45
C PHE A 66 -10.29 -5.34 15.22
N ARG A 67 -11.13 -5.66 14.25
CA ARG A 67 -10.69 -6.31 13.02
C ARG A 67 -10.43 -5.27 11.92
N PRO A 68 -9.27 -5.36 11.24
CA PRO A 68 -8.92 -4.41 10.18
C PRO A 68 -9.68 -4.62 8.88
N CYS A 69 -9.92 -3.52 8.17
CA CYS A 69 -10.62 -3.56 6.89
C CYS A 69 -9.70 -3.06 5.79
N LYS A 70 -9.30 -3.98 4.90
CA LYS A 70 -8.41 -3.64 3.80
C LYS A 70 -9.20 -3.10 2.61
N ARG A 71 -8.53 -2.97 1.46
CA ARG A 71 -9.16 -2.46 0.26
C ARG A 71 -9.33 -0.94 0.33
N CYS A 72 -8.69 -0.32 1.32
CA CYS A 72 -8.78 1.12 1.49
C CYS A 72 -7.40 1.71 1.78
N GLN A 73 -6.39 1.20 1.08
CA GLN A 73 -5.02 1.67 1.26
C GLN A 73 -4.58 1.58 2.71
N PRO A 74 -3.91 0.48 3.09
CA PRO A 74 -3.43 0.28 4.46
C PRO A 74 -2.22 1.15 4.78
N GLU A 75 -1.26 1.19 3.85
CA GLU A 75 -0.05 1.98 4.03
C GLU A 75 0.60 2.31 2.69
N LYS A 76 1.08 1.28 2.02
CA LYS A 76 1.73 1.45 0.73
C LYS A 76 1.51 0.23 -0.15
N ALA A 77 2.02 -0.92 0.30
CA ALA A 77 1.88 -2.16 -0.44
C ALA A 77 2.54 -2.06 -1.82
N ASN A 78 3.63 -2.80 -1.99
CA ASN A 78 4.36 -2.78 -3.27
C ASN A 78 5.42 -3.88 -3.29
N ALA A 79 5.67 -4.43 -4.48
CA ALA A 79 6.66 -5.49 -4.63
C ALA A 79 7.39 -5.36 -5.97
N GLN A 80 6.65 -5.56 -7.06
CA GLN A 80 7.24 -5.46 -8.39
C GLN A 80 6.55 -4.37 -9.21
N GLN A 81 7.30 -3.34 -9.55
CA GLN A 81 6.76 -2.23 -10.34
C GLN A 81 7.89 -1.46 -11.03
N HIS A 82 8.96 -2.17 -11.38
CA HIS A 82 10.10 -1.56 -12.05
C HIS A 82 10.64 -2.46 -13.15
N ARG A 83 10.97 -3.69 -12.79
CA ARG A 83 11.50 -4.66 -13.73
C ARG A 83 10.47 -4.98 -14.80
N LEU A 84 9.23 -5.17 -14.39
CA LEU A 84 8.14 -5.49 -15.31
C LEU A 84 7.75 -4.27 -16.13
N ASP A 85 7.93 -3.08 -15.55
CA ASP A 85 7.60 -1.83 -16.23
C ASP A 85 8.55 -1.58 -17.39
N LYS A 86 9.80 -2.02 -17.24
CA LYS A 86 10.80 -1.84 -18.28
C LYS A 86 10.51 -2.72 -19.49
N ILE A 87 10.42 -4.02 -19.25
CA ILE A 87 10.15 -4.97 -20.33
C ILE A 87 8.85 -4.62 -21.06
N THR A 88 7.88 -4.10 -20.32
CA THR A 88 6.60 -3.71 -20.90
C THR A 88 6.80 -2.60 -21.93
N HIS A 89 7.70 -1.68 -21.62
CA HIS A 89 7.99 -0.57 -22.52
C HIS A 89 8.72 -1.06 -23.76
N ALA A 90 9.53 -2.11 -23.59
CA ALA A 90 10.28 -2.69 -24.69
C ALA A 90 9.37 -3.47 -25.63
N CYS A 91 8.48 -4.27 -25.05
CA CYS A 91 7.55 -5.07 -25.84
C CYS A 91 6.73 -4.20 -26.79
N ARG A 92 6.27 -3.06 -26.28
CA ARG A 92 5.48 -2.13 -27.08
C ARG A 92 6.35 -1.36 -28.05
N LEU A 93 7.60 -1.13 -27.65
CA LEU A 93 8.55 -0.40 -28.49
C LEU A 93 8.93 -1.23 -29.72
N LEU A 94 9.17 -2.52 -29.50
CA LEU A 94 9.55 -3.42 -30.59
C LEU A 94 8.35 -3.69 -31.50
N GLU A 95 7.16 -3.69 -30.92
CA GLU A 95 5.94 -3.93 -31.67
C GLU A 95 5.61 -2.76 -32.59
N GLN A 96 5.62 -3.00 -33.89
CA GLN A 96 5.34 -1.96 -34.87
C GLN A 96 5.17 -2.56 -36.26
N GLU A 97 4.94 -1.69 -37.25
CA GLU A 97 4.76 -2.13 -38.63
C GLU A 97 6.11 -2.39 -39.29
N THR A 98 7.11 -1.61 -38.92
CA THR A 98 8.44 -1.75 -39.48
C THR A 98 9.31 -2.65 -38.59
N PRO A 99 10.17 -3.48 -39.20
CA PRO A 99 11.06 -4.38 -38.44
C PRO A 99 11.88 -3.64 -37.40
N VAL A 100 12.28 -4.36 -36.35
CA VAL A 100 13.06 -3.76 -35.28
C VAL A 100 14.29 -4.62 -34.97
N THR A 101 15.42 -3.95 -34.76
CA THR A 101 16.67 -4.65 -34.45
C THR A 101 16.74 -5.01 -32.98
N LEU A 102 17.54 -6.03 -32.66
CA LEU A 102 17.68 -6.48 -31.29
C LEU A 102 18.36 -5.41 -30.44
N GLU A 103 19.51 -4.93 -30.90
CA GLU A 103 20.26 -3.90 -30.18
C GLU A 103 19.44 -2.63 -30.05
N ALA A 104 18.54 -2.40 -31.00
CA ALA A 104 17.70 -1.20 -30.96
C ALA A 104 16.95 -1.14 -29.64
N LEU A 105 16.40 -2.28 -29.22
CA LEU A 105 15.69 -2.35 -27.96
C LEU A 105 16.68 -2.12 -26.82
N ALA A 106 17.91 -2.57 -27.05
CA ALA A 106 18.98 -2.41 -26.06
C ALA A 106 19.38 -0.94 -25.96
N ASP A 107 19.16 -0.20 -27.04
CA ASP A 107 19.49 1.22 -27.09
C ASP A 107 18.60 2.03 -26.15
N GLN A 108 17.29 1.74 -26.21
CA GLN A 108 16.32 2.44 -25.38
C GLN A 108 16.52 2.11 -23.90
N VAL A 109 16.85 0.86 -23.62
CA VAL A 109 17.08 0.42 -22.25
C VAL A 109 18.49 0.78 -21.76
N ALA A 110 19.38 1.05 -22.69
CA ALA A 110 20.76 1.41 -22.36
C ALA A 110 21.50 0.22 -21.75
N MET A 111 21.15 -0.98 -22.20
CA MET A 111 21.80 -2.19 -21.70
C MET A 111 22.12 -3.15 -22.84
N SER A 112 23.06 -4.05 -22.61
CA SER A 112 23.46 -5.03 -23.61
C SER A 112 22.29 -5.96 -23.95
N PRO A 113 22.41 -6.72 -25.05
CA PRO A 113 21.37 -7.66 -25.48
C PRO A 113 21.15 -8.80 -24.48
N PHE A 114 22.09 -8.94 -23.55
CA PHE A 114 21.99 -9.99 -22.53
C PHE A 114 20.94 -9.66 -21.49
N HIS A 115 20.86 -8.39 -21.11
CA HIS A 115 19.89 -7.94 -20.12
C HIS A 115 18.48 -7.93 -20.71
N LEU A 116 18.35 -7.40 -21.92
CA LEU A 116 17.06 -7.32 -22.59
C LEU A 116 16.47 -8.72 -22.79
N HIS A 117 17.32 -9.68 -23.12
CA HIS A 117 16.88 -11.05 -23.35
C HIS A 117 16.52 -11.72 -22.02
N ARG A 118 17.28 -11.43 -20.98
CA ARG A 118 17.03 -12.01 -19.66
C ARG A 118 15.80 -11.39 -19.01
N LEU A 119 15.73 -10.06 -19.04
CA LEU A 119 14.60 -9.35 -18.44
C LEU A 119 13.30 -9.70 -19.16
N PHE A 120 13.36 -9.80 -20.47
CA PHE A 120 12.18 -10.12 -21.27
C PHE A 120 11.77 -11.58 -21.09
N LYS A 121 12.74 -12.48 -21.22
CA LYS A 121 12.49 -13.90 -21.07
C LYS A 121 12.06 -14.24 -19.64
N ALA A 122 12.54 -13.44 -18.69
CA ALA A 122 12.22 -13.66 -17.29
C ALA A 122 10.80 -13.21 -16.97
N THR A 123 10.29 -12.27 -17.76
CA THR A 123 8.93 -11.75 -17.56
C THR A 123 7.92 -12.52 -18.40
N THR A 124 8.02 -12.39 -19.72
CA THR A 124 7.11 -13.06 -20.62
C THR A 124 7.34 -14.58 -20.62
N GLY A 125 8.59 -14.98 -20.86
CA GLY A 125 8.92 -16.39 -20.88
C GLY A 125 9.19 -16.90 -22.29
N MET A 126 8.58 -16.27 -23.28
CA MET A 126 8.76 -16.67 -24.67
C MET A 126 9.88 -15.87 -25.32
N THR A 127 9.99 -16.00 -26.64
CA THR A 127 11.02 -15.27 -27.39
C THR A 127 10.39 -14.34 -28.43
N PRO A 128 11.15 -13.34 -28.88
CA PRO A 128 10.68 -12.37 -29.88
C PRO A 128 10.11 -13.05 -31.12
N LYS A 129 10.83 -14.06 -31.61
CA LYS A 129 10.41 -14.79 -32.80
C LYS A 129 9.05 -15.45 -32.58
N ALA A 130 8.85 -15.98 -31.38
CA ALA A 130 7.60 -16.64 -31.04
C ALA A 130 6.42 -15.67 -31.15
N TRP A 131 6.59 -14.48 -30.60
CA TRP A 131 5.55 -13.46 -30.63
C TRP A 131 5.20 -13.08 -32.07
N GLN A 132 6.23 -12.78 -32.87
CA GLN A 132 6.04 -12.40 -34.26
C GLN A 132 5.38 -13.54 -35.04
N GLN A 133 5.82 -14.77 -34.78
CA GLN A 133 5.27 -15.93 -35.45
C GLN A 133 3.84 -16.22 -35.00
N ALA A 134 3.57 -15.95 -33.72
CA ALA A 134 2.25 -16.19 -33.16
C ALA A 134 1.25 -15.17 -33.70
N TRP A 135 1.68 -13.92 -33.82
CA TRP A 135 0.82 -12.85 -34.32
C TRP A 135 0.44 -13.10 -35.78
N ARG A 136 1.42 -13.51 -36.58
CA ARG A 136 1.19 -13.77 -37.99
C ARG A 136 0.31 -15.02 -38.17
N ALA A 137 0.51 -16.00 -37.31
CA ALA A 137 -0.25 -17.25 -37.38
C ALA A 137 -1.69 -17.03 -36.90
N ARG A 138 -1.85 -16.16 -35.91
CA ARG A 138 -3.17 -15.87 -35.36
C ARG A 138 -3.95 -14.95 -36.30
N ARG A 139 -3.23 -14.08 -37.01
CA ARG A 139 -3.85 -13.16 -37.94
C ARG A 139 -4.39 -13.88 -39.17
N LEU A 140 -3.74 -14.98 -39.54
CA LEU A 140 -4.14 -15.78 -40.69
C LEU A 140 -5.20 -16.81 -40.31
N ARG A 141 -5.15 -17.27 -39.05
CA ARG A 141 -6.10 -18.26 -38.57
C ARG A 141 -7.49 -17.66 -38.44
N GLU A 142 -7.63 -16.63 -37.62
CA GLU A 142 -8.92 -15.98 -37.42
C GLU A 142 -8.88 -14.51 -37.87
N SER A 143 -7.70 -13.91 -37.80
CA SER A 143 -7.53 -12.51 -38.19
C SER A 143 -8.21 -11.57 -37.20
N LEU A 144 -9.53 -11.66 -37.13
CA LEU A 144 -10.31 -10.83 -36.22
C LEU A 144 -11.15 -11.67 -35.27
N ALA A 145 -11.04 -11.40 -33.98
CA ALA A 145 -11.79 -12.15 -32.99
C ALA A 145 -13.04 -11.38 -32.55
N LYS A 146 -14.20 -11.98 -32.81
CA LYS A 146 -15.47 -11.35 -32.45
C LYS A 146 -15.63 -10.01 -33.14
N MET A 1 0.10 24.18 1.57
CA MET A 1 -0.40 25.58 1.55
C MET A 1 -1.92 25.63 1.66
N LYS A 2 -2.42 26.54 2.49
CA LYS A 2 -3.86 26.69 2.68
C LYS A 2 -4.47 25.41 3.24
N LYS A 3 -3.73 24.74 4.11
CA LYS A 3 -4.20 23.50 4.71
C LYS A 3 -5.09 23.79 5.92
N ALA A 4 -6.29 23.20 5.91
CA ALA A 4 -7.24 23.39 7.00
C ALA A 4 -6.90 22.51 8.20
N THR A 5 -7.01 23.07 9.40
CA THR A 5 -6.71 22.34 10.63
C THR A 5 -7.84 22.50 11.64
N CYS A 6 -8.00 21.50 12.49
CA CYS A 6 -9.04 21.53 13.52
C CYS A 6 -8.71 20.59 14.66
N LEU A 7 -8.26 19.38 14.33
CA LEU A 7 -7.91 18.39 15.34
C LEU A 7 -9.16 17.97 16.11
N THR A 8 -10.30 17.99 15.44
CA THR A 8 -11.57 17.62 16.06
C THR A 8 -12.40 16.76 15.12
N ASP A 9 -13.56 16.34 15.60
CA ASP A 9 -14.46 15.49 14.82
C ASP A 9 -14.74 16.11 13.44
N ASP A 10 -14.65 17.43 13.36
CA ASP A 10 -14.89 18.12 12.09
C ASP A 10 -13.76 17.87 11.11
N GLN A 11 -12.52 17.95 11.60
CA GLN A 11 -11.35 17.72 10.76
C GLN A 11 -11.22 16.26 10.38
N ARG A 12 -11.41 15.38 11.37
CA ARG A 12 -11.30 13.95 11.16
C ARG A 12 -12.35 13.46 10.17
N TRP A 13 -13.62 13.72 10.47
CA TRP A 13 -14.70 13.30 9.60
C TRP A 13 -14.52 13.88 8.20
N GLN A 14 -13.78 14.98 8.11
CA GLN A 14 -13.52 15.63 6.82
C GLN A 14 -12.69 14.74 5.90
N SER A 15 -11.55 14.28 6.39
CA SER A 15 -10.67 13.42 5.59
C SER A 15 -11.39 12.15 5.17
N VAL A 16 -12.31 11.67 6.01
CA VAL A 16 -13.07 10.47 5.70
C VAL A 16 -14.05 10.71 4.58
N LEU A 17 -14.78 11.82 4.67
CA LEU A 17 -15.76 12.19 3.64
C LEU A 17 -15.07 12.49 2.32
N ALA A 18 -13.86 13.04 2.41
CA ALA A 18 -13.09 13.38 1.22
C ALA A 18 -12.57 12.12 0.53
N ARG A 19 -12.38 11.06 1.30
CA ARG A 19 -11.89 9.79 0.77
C ARG A 19 -10.51 9.96 0.14
N ASP A 20 -9.75 10.94 0.65
CA ASP A 20 -8.41 11.20 0.14
C ASP A 20 -7.54 9.96 0.24
N PRO A 21 -7.22 9.31 -0.90
CA PRO A 21 -6.39 8.10 -0.92
C PRO A 21 -4.99 8.34 -0.35
N ASN A 22 -4.62 9.62 -0.23
CA ASN A 22 -3.30 9.97 0.30
C ASN A 22 -3.39 10.30 1.79
N ALA A 23 -4.31 9.65 2.48
CA ALA A 23 -4.49 9.87 3.92
C ALA A 23 -3.71 8.84 4.73
N ASP A 24 -2.64 8.31 4.15
CA ASP A 24 -1.82 7.30 4.81
C ASP A 24 -1.53 7.69 6.27
N GLY A 25 -1.52 8.99 6.55
CA GLY A 25 -1.26 9.46 7.89
C GLY A 25 -2.45 10.19 8.48
N GLU A 26 -3.65 9.78 8.10
CA GLU A 26 -4.86 10.43 8.61
C GLU A 26 -5.32 9.79 9.92
N PHE A 27 -6.12 8.71 9.82
CA PHE A 27 -6.62 8.05 11.02
C PHE A 27 -7.43 6.81 10.68
N VAL A 28 -7.44 5.87 11.62
CA VAL A 28 -8.17 4.62 11.44
C VAL A 28 -9.57 4.73 12.03
N PHE A 29 -10.59 4.32 11.26
CA PHE A 29 -11.97 4.37 11.72
C PHE A 29 -12.38 3.05 12.34
N ALA A 30 -12.66 3.07 13.64
CA ALA A 30 -13.08 1.88 14.35
C ALA A 30 -14.59 1.71 14.30
N VAL A 31 -15.03 0.54 13.82
CA VAL A 31 -16.45 0.25 13.71
C VAL A 31 -16.92 -0.58 14.89
N ARG A 32 -17.72 0.03 15.77
CA ARG A 32 -18.22 -0.66 16.95
C ARG A 32 -19.27 -1.71 16.57
N THR A 33 -19.98 -1.46 15.49
CA THR A 33 -21.02 -2.39 15.03
C THR A 33 -20.41 -3.71 14.58
N THR A 34 -19.51 -3.65 13.60
CA THR A 34 -18.86 -4.85 13.09
C THR A 34 -17.65 -5.22 13.95
N GLY A 35 -17.04 -4.22 14.57
CA GLY A 35 -15.89 -4.45 15.40
C GLY A 35 -14.59 -4.47 14.61
N ILE A 36 -14.52 -3.63 13.57
CA ILE A 36 -13.33 -3.57 12.73
C ILE A 36 -12.77 -2.15 12.69
N PHE A 37 -11.68 -1.98 11.95
CA PHE A 37 -11.04 -0.69 11.80
C PHE A 37 -10.41 -0.57 10.42
N ARG A 39 -7.95 1.32 7.48
CA ARG A 39 -6.69 2.06 7.33
C ARG A 39 -6.94 3.57 7.42
N PRO A 40 -5.86 4.38 7.54
CA PRO A 40 -5.98 5.84 7.63
C PRO A 40 -7.04 6.44 6.71
N SER A 41 -7.00 6.04 5.44
CA SER A 41 -7.94 6.53 4.44
C SER A 41 -9.30 5.81 4.54
N CYS A 42 -9.74 5.17 3.45
CA CYS A 42 -11.00 4.44 3.40
C CYS A 42 -12.17 5.39 3.16
N ARG A 43 -13.26 4.85 2.62
CA ARG A 43 -14.46 5.63 2.32
C ARG A 43 -15.67 4.73 2.19
N ALA A 44 -15.64 3.59 2.90
CA ALA A 44 -16.74 2.65 2.86
C ALA A 44 -17.90 3.10 3.76
N ARG A 45 -19.10 3.15 3.19
CA ARG A 45 -20.27 3.56 3.95
C ARG A 45 -20.57 2.59 5.07
N HIS A 46 -20.15 2.94 6.28
CA HIS A 46 -20.37 2.08 7.45
C HIS A 46 -20.32 2.91 8.73
N ALA A 47 -21.10 2.48 9.72
CA ALA A 47 -21.15 3.17 11.01
C ALA A 47 -21.63 4.60 10.83
N LEU A 48 -22.82 4.89 11.34
CA LEU A 48 -23.40 6.23 11.24
C LEU A 48 -22.56 7.24 12.02
N ARG A 49 -23.04 8.47 12.06
CA ARG A 49 -22.33 9.53 12.79
C ARG A 49 -22.64 9.44 14.28
N GLU A 50 -22.34 8.29 14.87
CA GLU A 50 -22.57 8.06 16.29
C GLU A 50 -21.87 6.79 16.75
N ASN A 51 -21.92 5.74 15.92
CA ASN A 51 -21.28 4.48 16.23
C ASN A 51 -19.91 4.38 15.58
N VAL A 52 -19.34 5.54 15.25
CA VAL A 52 -18.04 5.59 14.60
C VAL A 52 -16.94 5.97 15.61
N SER A 53 -15.78 5.35 15.46
CA SER A 53 -14.66 5.62 16.35
C SER A 53 -13.46 6.14 15.55
N PHE A 54 -12.50 6.73 16.26
CA PHE A 54 -11.30 7.27 15.62
C PHE A 54 -10.04 6.63 16.17
N TYR A 55 -9.04 6.47 15.31
CA TYR A 55 -7.78 5.86 15.70
C TYR A 55 -6.63 6.45 14.89
N ALA A 56 -5.41 6.30 15.40
CA ALA A 56 -4.23 6.82 14.72
C ALA A 56 -3.62 5.76 13.80
N ASN A 57 -3.52 4.54 14.30
CA ASN A 57 -2.95 3.44 13.52
C ASN A 57 -3.77 2.16 13.72
N ALA A 58 -3.38 1.11 13.01
CA ALA A 58 -4.07 -0.17 13.11
C ALA A 58 -3.70 -0.91 14.39
N SER A 59 -2.42 -0.87 14.75
CA SER A 59 -1.94 -1.53 15.95
C SER A 59 -2.68 -1.02 17.20
N GLU A 60 -3.09 0.24 17.15
CA GLU A 60 -3.80 0.86 18.26
C GLU A 60 -5.24 0.36 18.34
N ALA A 61 -5.96 0.46 17.21
CA ALA A 61 -7.35 0.03 17.16
C ALA A 61 -7.46 -1.50 17.19
N LEU A 62 -6.46 -2.17 16.65
CA LEU A 62 -6.44 -3.63 16.62
C LEU A 62 -6.26 -4.19 18.02
N ALA A 63 -5.32 -3.61 18.76
CA ALA A 63 -5.04 -4.05 20.13
C ALA A 63 -6.28 -3.94 21.00
N ALA A 64 -7.05 -2.88 20.80
CA ALA A 64 -8.26 -2.65 21.57
C ALA A 64 -9.27 -3.77 21.33
N GLY A 65 -9.16 -4.43 20.18
CA GLY A 65 -10.07 -5.51 19.85
C GLY A 65 -10.92 -5.20 18.63
N PHE A 66 -10.27 -4.95 17.50
CA PHE A 66 -10.97 -4.63 16.27
C PHE A 66 -10.26 -5.24 15.06
N ARG A 67 -11.04 -5.81 14.14
CA ARG A 67 -10.48 -6.43 12.94
C ARG A 67 -10.14 -5.36 11.90
N PRO A 68 -8.99 -5.49 11.23
CA PRO A 68 -8.54 -4.51 10.22
C PRO A 68 -9.32 -4.61 8.91
N CYS A 69 -9.30 -3.50 8.16
CA CYS A 69 -9.97 -3.42 6.87
C CYS A 69 -8.99 -2.87 5.83
N LYS A 70 -8.45 -3.78 5.01
CA LYS A 70 -7.49 -3.41 3.98
C LYS A 70 -8.18 -3.01 2.68
N ARG A 71 -9.52 -3.12 2.65
CA ARG A 71 -10.27 -2.75 1.45
C ARG A 71 -9.95 -1.33 1.02
N CYS A 72 -9.43 -0.53 1.95
CA CYS A 72 -9.07 0.84 1.66
C CYS A 72 -7.58 0.96 1.29
N GLN A 73 -7.01 -0.15 0.84
CA GLN A 73 -5.60 -0.17 0.44
C GLN A 73 -4.68 0.34 1.54
N PRO A 74 -4.07 -0.57 2.32
CA PRO A 74 -3.16 -0.20 3.41
C PRO A 74 -1.75 0.10 2.90
N GLU A 75 -1.54 1.32 2.44
CA GLU A 75 -0.24 1.73 1.92
C GLU A 75 0.25 3.00 2.60
N LYS A 76 1.49 3.39 2.30
CA LYS A 76 2.08 4.59 2.89
C LYS A 76 2.48 5.57 1.80
N ALA A 77 3.28 6.58 2.17
CA ALA A 77 3.73 7.59 1.22
C ALA A 77 4.88 7.08 0.37
N ASN A 78 5.04 7.65 -0.81
CA ASN A 78 6.11 7.25 -1.72
C ASN A 78 6.77 8.48 -2.34
N ALA A 79 7.95 8.28 -2.92
CA ALA A 79 8.69 9.37 -3.56
C ALA A 79 9.97 8.86 -4.22
N GLN A 80 10.63 7.91 -3.57
CA GLN A 80 11.87 7.34 -4.10
C GLN A 80 11.58 6.06 -4.89
N GLN A 81 10.55 6.10 -5.72
CA GLN A 81 10.17 4.96 -6.53
C GLN A 81 9.70 5.40 -7.91
N HIS A 82 9.89 4.54 -8.91
CA HIS A 82 9.49 4.84 -10.27
C HIS A 82 8.70 3.68 -10.87
N ARG A 83 7.55 3.99 -11.46
CA ARG A 83 6.71 2.97 -12.08
C ARG A 83 7.32 2.47 -13.38
N LEU A 84 7.94 3.39 -14.13
CA LEU A 84 8.55 3.04 -15.40
C LEU A 84 9.86 2.27 -15.18
N ASP A 85 10.56 2.61 -14.11
CA ASP A 85 11.82 1.95 -13.78
C ASP A 85 11.59 0.49 -13.42
N LYS A 86 10.44 0.21 -12.81
CA LYS A 86 10.11 -1.16 -12.40
C LYS A 86 9.75 -2.01 -13.61
N ILE A 87 8.76 -1.58 -14.38
CA ILE A 87 8.34 -2.31 -15.56
C ILE A 87 9.50 -2.52 -16.53
N THR A 88 10.37 -1.53 -16.62
CA THR A 88 11.53 -1.62 -17.51
C THR A 88 12.43 -2.76 -17.07
N HIS A 89 12.59 -2.92 -15.76
CA HIS A 89 13.42 -3.99 -15.21
C HIS A 89 12.77 -5.35 -15.44
N ALA A 90 11.44 -5.37 -15.38
CA ALA A 90 10.68 -6.60 -15.58
C ALA A 90 10.77 -7.06 -17.03
N CYS A 91 10.57 -6.13 -17.96
CA CYS A 91 10.62 -6.44 -19.39
C CYS A 91 11.95 -7.06 -19.75
N ARG A 92 13.03 -6.53 -19.18
CA ARG A 92 14.37 -7.03 -19.45
C ARG A 92 14.61 -8.36 -18.72
N LEU A 93 13.99 -8.51 -17.57
CA LEU A 93 14.13 -9.72 -16.78
C LEU A 93 13.47 -10.91 -17.47
N LEU A 94 12.41 -10.63 -18.23
CA LEU A 94 11.69 -11.68 -18.94
C LEU A 94 12.15 -11.76 -20.40
N GLU A 95 13.45 -11.55 -20.62
CA GLU A 95 14.01 -11.60 -21.96
C GLU A 95 14.65 -12.95 -22.23
N GLN A 96 13.83 -13.92 -22.64
CA GLN A 96 14.32 -15.26 -22.93
C GLN A 96 13.46 -15.92 -24.01
N GLU A 97 14.05 -16.91 -24.69
CA GLU A 97 13.34 -17.62 -25.75
C GLU A 97 12.36 -18.64 -25.16
N THR A 98 12.70 -19.18 -24.00
CA THR A 98 11.85 -20.16 -23.33
C THR A 98 10.83 -19.47 -22.42
N PRO A 99 9.81 -20.21 -21.96
CA PRO A 99 8.77 -19.66 -21.08
C PRO A 99 9.31 -19.31 -19.70
N VAL A 100 9.32 -18.02 -19.39
CA VAL A 100 9.81 -17.56 -18.10
C VAL A 100 8.69 -17.53 -17.06
N THR A 101 9.05 -17.79 -15.81
CA THR A 101 8.08 -17.80 -14.72
C THR A 101 7.51 -16.40 -14.47
N LEU A 102 6.20 -16.32 -14.31
CA LEU A 102 5.54 -15.04 -14.07
C LEU A 102 5.89 -14.50 -12.69
N GLU A 103 5.73 -15.34 -11.67
CA GLU A 103 6.04 -14.95 -10.30
C GLU A 103 7.49 -14.49 -10.17
N ALA A 104 8.36 -15.03 -11.01
CA ALA A 104 9.77 -14.66 -10.97
C ALA A 104 9.92 -13.16 -11.10
N LEU A 105 9.24 -12.58 -12.09
CA LEU A 105 9.27 -11.14 -12.29
C LEU A 105 8.67 -10.46 -11.06
N ALA A 106 7.73 -11.16 -10.43
CA ALA A 106 7.07 -10.66 -9.22
C ALA A 106 8.02 -10.69 -8.04
N ASP A 107 9.01 -11.58 -8.12
CA ASP A 107 10.01 -11.74 -7.06
C ASP A 107 10.96 -10.55 -7.03
N GLN A 108 11.31 -10.05 -8.21
CA GLN A 108 12.23 -8.92 -8.33
C GLN A 108 11.56 -7.62 -7.90
N VAL A 109 10.28 -7.48 -8.24
CA VAL A 109 9.52 -6.28 -7.90
C VAL A 109 9.01 -6.33 -6.45
N ALA A 110 9.01 -7.52 -5.87
CA ALA A 110 8.55 -7.70 -4.50
C ALA A 110 7.05 -7.42 -4.38
N MET A 111 6.31 -7.72 -5.44
CA MET A 111 4.87 -7.49 -5.46
C MET A 111 4.15 -8.68 -6.10
N SER A 112 2.83 -8.55 -6.25
CA SER A 112 2.03 -9.60 -6.85
C SER A 112 1.85 -9.34 -8.34
N PRO A 113 1.50 -10.39 -9.11
CA PRO A 113 1.29 -10.27 -10.56
C PRO A 113 0.29 -9.18 -10.92
N PHE A 114 -0.55 -8.80 -9.95
CA PHE A 114 -1.56 -7.78 -10.18
C PHE A 114 -0.93 -6.39 -10.24
N HIS A 115 0.07 -6.17 -9.39
CA HIS A 115 0.77 -4.89 -9.34
C HIS A 115 1.62 -4.67 -10.58
N LEU A 116 2.21 -5.77 -11.08
CA LEU A 116 3.06 -5.70 -12.26
C LEU A 116 2.23 -5.50 -13.52
N HIS A 117 1.11 -6.21 -13.59
CA HIS A 117 0.22 -6.11 -14.75
C HIS A 117 -0.27 -4.68 -14.96
N ARG A 118 -0.82 -4.11 -13.89
CA ARG A 118 -1.34 -2.73 -13.96
C ARG A 118 -0.23 -1.75 -14.32
N LEU A 119 0.94 -1.94 -13.70
CA LEU A 119 2.08 -1.07 -13.95
C LEU A 119 2.61 -1.26 -15.37
N PHE A 120 2.57 -2.51 -15.84
CA PHE A 120 3.04 -2.83 -17.18
C PHE A 120 2.06 -2.35 -18.25
N LYS A 121 0.77 -2.48 -17.96
CA LYS A 121 -0.26 -2.06 -18.89
C LYS A 121 -0.37 -0.53 -18.94
N ALA A 122 -0.06 0.11 -17.83
CA ALA A 122 -0.12 1.57 -17.74
C ALA A 122 1.06 2.20 -18.46
N THR A 123 2.17 1.50 -18.50
CA THR A 123 3.38 2.00 -19.16
C THR A 123 3.52 1.40 -20.55
N THR A 124 3.77 0.10 -20.61
CA THR A 124 3.94 -0.60 -21.88
C THR A 124 2.60 -0.80 -22.58
N GLY A 125 1.59 -1.19 -21.81
CA GLY A 125 0.27 -1.41 -22.37
C GLY A 125 0.20 -2.66 -23.22
N MET A 126 0.80 -3.73 -22.74
CA MET A 126 0.80 -5.00 -23.46
C MET A 126 0.85 -6.18 -22.49
N THR A 127 0.04 -7.19 -22.75
CA THR A 127 -0.02 -8.38 -21.92
C THR A 127 1.14 -9.33 -22.25
N PRO A 128 1.49 -10.23 -21.31
CA PRO A 128 2.56 -11.19 -21.50
C PRO A 128 2.33 -12.08 -22.72
N LYS A 129 1.06 -12.29 -23.06
CA LYS A 129 0.70 -13.12 -24.20
C LYS A 129 0.95 -12.37 -25.51
N ALA A 130 0.80 -11.05 -25.47
CA ALA A 130 1.00 -10.22 -26.65
C ALA A 130 2.48 -10.15 -27.03
N TRP A 131 3.33 -10.03 -26.02
CA TRP A 131 4.77 -9.94 -26.24
C TRP A 131 5.28 -11.21 -26.93
N GLN A 132 4.76 -12.36 -26.52
CA GLN A 132 5.17 -13.63 -27.10
C GLN A 132 4.77 -13.70 -28.58
N GLN A 133 3.59 -13.16 -28.90
CA GLN A 133 3.10 -13.17 -30.27
C GLN A 133 3.84 -12.13 -31.12
N ALA A 134 4.21 -11.03 -30.48
CA ALA A 134 4.92 -9.96 -31.18
C ALA A 134 6.36 -10.34 -31.46
N TRP A 135 6.99 -11.03 -30.51
CA TRP A 135 8.37 -11.46 -30.64
C TRP A 135 8.51 -12.48 -31.77
N ARG A 136 7.49 -13.33 -31.92
CA ARG A 136 7.49 -14.36 -32.95
C ARG A 136 7.27 -13.74 -34.33
N ALA A 137 6.53 -12.64 -34.38
CA ALA A 137 6.25 -11.96 -35.63
C ALA A 137 7.48 -11.22 -36.14
N ARG A 138 8.25 -10.66 -35.20
CA ARG A 138 9.47 -9.92 -35.56
C ARG A 138 10.59 -10.88 -35.94
N ARG A 139 10.60 -12.05 -35.31
CA ARG A 139 11.64 -13.05 -35.59
C ARG A 139 11.48 -13.61 -37.00
N LEU A 140 10.24 -13.70 -37.47
CA LEU A 140 9.97 -14.21 -38.80
C LEU A 140 10.34 -13.19 -39.87
N ARG A 141 10.05 -11.92 -39.59
CA ARG A 141 10.36 -10.85 -40.51
C ARG A 141 11.87 -10.74 -40.75
N GLU A 142 12.64 -11.04 -39.72
CA GLU A 142 14.09 -10.98 -39.81
C GLU A 142 14.64 -12.19 -40.55
N SER A 143 13.94 -13.32 -40.42
CA SER A 143 14.36 -14.56 -41.08
C SER A 143 15.72 -15.02 -40.55
N LEU A 144 16.18 -16.16 -41.05
CA LEU A 144 17.46 -16.71 -40.63
C LEU A 144 17.48 -16.99 -39.13
N ALA A 145 16.32 -17.35 -38.59
CA ALA A 145 16.20 -17.64 -37.17
C ALA A 145 16.70 -19.05 -36.85
N LYS A 146 17.93 -19.13 -36.36
CA LYS A 146 18.54 -20.41 -36.01
C LYS A 146 18.61 -21.32 -37.24
#